data_3HAK
# 
_entry.id   3HAK 
# 
_audit_conform.dict_name       mmcif_pdbx.dic 
_audit_conform.dict_version    5.397 
_audit_conform.dict_location   http://mmcif.pdb.org/dictionaries/ascii/mmcif_pdbx.dic 
# 
loop_
_database_2.database_id 
_database_2.database_code 
_database_2.pdbx_database_accession 
_database_2.pdbx_DOI 
PDB   3HAK         pdb_00003hak 10.2210/pdb3hak/pdb 
RCSB  RCSB052898   ?            ?                   
WWPDB D_1000052898 ?            ?                   
# 
loop_
_pdbx_audit_revision_history.ordinal 
_pdbx_audit_revision_history.data_content_type 
_pdbx_audit_revision_history.major_revision 
_pdbx_audit_revision_history.minor_revision 
_pdbx_audit_revision_history.revision_date 
1 'Structure model' 1 0 2010-01-12 
2 'Structure model' 1 1 2011-07-13 
3 'Structure model' 1 2 2017-11-01 
4 'Structure model' 1 3 2024-10-16 
# 
_pdbx_audit_revision_details.ordinal             1 
_pdbx_audit_revision_details.revision_ordinal    1 
_pdbx_audit_revision_details.data_content_type   'Structure model' 
_pdbx_audit_revision_details.provider            repository 
_pdbx_audit_revision_details.type                'Initial release' 
_pdbx_audit_revision_details.description         ? 
_pdbx_audit_revision_details.details             ? 
# 
loop_
_pdbx_audit_revision_group.ordinal 
_pdbx_audit_revision_group.revision_ordinal 
_pdbx_audit_revision_group.data_content_type 
_pdbx_audit_revision_group.group 
1 2 'Structure model' 'Version format compliance' 
2 3 'Structure model' 'Refinement description'    
3 4 'Structure model' 'Data collection'           
4 4 'Structure model' 'Database references'       
5 4 'Structure model' 'Structure summary'         
# 
loop_
_pdbx_audit_revision_category.ordinal 
_pdbx_audit_revision_category.revision_ordinal 
_pdbx_audit_revision_category.data_content_type 
_pdbx_audit_revision_category.category 
1 3 'Structure model' software                  
2 4 'Structure model' chem_comp_atom            
3 4 'Structure model' chem_comp_bond            
4 4 'Structure model' database_2                
5 4 'Structure model' pdbx_entry_details        
6 4 'Structure model' pdbx_modification_feature 
7 4 'Structure model' struct_ref_seq_dif        
# 
loop_
_pdbx_audit_revision_item.ordinal 
_pdbx_audit_revision_item.revision_ordinal 
_pdbx_audit_revision_item.data_content_type 
_pdbx_audit_revision_item.item 
1 4 'Structure model' '_database_2.pdbx_DOI'                         
2 4 'Structure model' '_database_2.pdbx_database_accession'          
3 4 'Structure model' '_pdbx_entry_details.has_protein_modification' 
4 4 'Structure model' '_struct_ref_seq_dif.details'                  
# 
_pdbx_database_status.entry_id                        3HAK 
_pdbx_database_status.deposit_site                    RCSB 
_pdbx_database_status.process_site                    RCSB 
_pdbx_database_status.recvd_initial_deposition_date   2009-05-01 
_pdbx_database_status.status_code                     REL 
_pdbx_database_status.status_code_sf                  REL 
_pdbx_database_status.status_code_mr                  ? 
_pdbx_database_status.SG_entry                        ? 
_pdbx_database_status.pdb_format_compatible           Y 
_pdbx_database_status.status_code_cs                  ? 
_pdbx_database_status.methods_development_category    ? 
_pdbx_database_status.status_code_nmr_data            ? 
# 
loop_
_pdbx_database_related.db_name 
_pdbx_database_related.db_id 
_pdbx_database_related.details 
_pdbx_database_related.content_type 
PDB 3HAF . unspecified 
PDB 3HEQ . unspecified 
PDB 3HER . unspecified 
PDB 3HES . unspecified 
# 
loop_
_audit_author.name 
_audit_author.pdbx_ordinal 
'Lee, S.'        1 
'Antony, L.'     2 
'Hartmann, R.'   3 
'Knaus, K.J.'    4 
'Surewicz, K.'   5 
'Surewicz, W.K.' 6 
'Yee, V.C.'      7 
# 
_citation.id                        primary 
_citation.title                     
'Conformational diversity in prion protein variants influences intermolecular beta-sheet formation.' 
_citation.journal_abbrev            'Embo J.' 
_citation.journal_volume            29 
_citation.page_first                251 
_citation.page_last                 262 
_citation.year                      2010 
_citation.journal_id_ASTM           EMJODG 
_citation.country                   UK 
_citation.journal_id_ISSN           0261-4189 
_citation.journal_id_CSD            0897 
_citation.book_publisher            ? 
_citation.pdbx_database_id_PubMed   19927125 
_citation.pdbx_database_id_DOI      10.1038/emboj.2009.333 
# 
loop_
_citation_author.citation_id 
_citation_author.name 
_citation_author.ordinal 
_citation_author.identifier_ORCID 
primary 'Lee, S.'        1 ? 
primary 'Antony, L.'     2 ? 
primary 'Hartmann, R.'   3 ? 
primary 'Knaus, K.J.'    4 ? 
primary 'Surewicz, K.'   5 ? 
primary 'Surewicz, W.K.' 6 ? 
primary 'Yee, V.C.'      7 ? 
# 
loop_
_entity.id 
_entity.type 
_entity.src_method 
_entity.pdbx_description 
_entity.formula_weight 
_entity.pdbx_number_of_molecules 
_entity.pdbx_ec 
_entity.pdbx_mutation 
_entity.pdbx_fragment 
_entity.details 
1 polymer man 'Major prion protein' 12370.712 1   ? ? 'UNP residues 125-227' ? 
2 water   nat water                 18.015    105 ? ? ?                      ? 
# 
_entity_name_com.entity_id   1 
_entity_name_com.name        'PrP, PrP27-30, PrP33-35C, ASCR' 
# 
_entity_poly.entity_id                      1 
_entity_poly.type                           'polypeptide(L)' 
_entity_poly.nstd_linkage                   no 
_entity_poly.nstd_monomer                   no 
_entity_poly.pdbx_seq_one_letter_code       
;LGGYVLGSAMSRPIIHFGSDYEDRYYRENMHRYPNQVYYRPMDEYSNQNNFVHDCVNITIKQHTVTTTTKGENFTETDVK
MMERVVEQMCITQYERESQAYYQ
;
_entity_poly.pdbx_seq_one_letter_code_can   
;LGGYVLGSAMSRPIIHFGSDYEDRYYRENMHRYPNQVYYRPMDEYSNQNNFVHDCVNITIKQHTVTTTTKGENFTETDVK
MMERVVEQMCITQYERESQAYYQ
;
_entity_poly.pdbx_strand_id                 A 
_entity_poly.pdbx_target_identifier         ? 
# 
_pdbx_entity_nonpoly.entity_id   2 
_pdbx_entity_nonpoly.name        water 
_pdbx_entity_nonpoly.comp_id     HOH 
# 
loop_
_entity_poly_seq.entity_id 
_entity_poly_seq.num 
_entity_poly_seq.mon_id 
_entity_poly_seq.hetero 
1 1   LEU n 
1 2   GLY n 
1 3   GLY n 
1 4   TYR n 
1 5   VAL n 
1 6   LEU n 
1 7   GLY n 
1 8   SER n 
1 9   ALA n 
1 10  MET n 
1 11  SER n 
1 12  ARG n 
1 13  PRO n 
1 14  ILE n 
1 15  ILE n 
1 16  HIS n 
1 17  PHE n 
1 18  GLY n 
1 19  SER n 
1 20  ASP n 
1 21  TYR n 
1 22  GLU n 
1 23  ASP n 
1 24  ARG n 
1 25  TYR n 
1 26  TYR n 
1 27  ARG n 
1 28  GLU n 
1 29  ASN n 
1 30  MET n 
1 31  HIS n 
1 32  ARG n 
1 33  TYR n 
1 34  PRO n 
1 35  ASN n 
1 36  GLN n 
1 37  VAL n 
1 38  TYR n 
1 39  TYR n 
1 40  ARG n 
1 41  PRO n 
1 42  MET n 
1 43  ASP n 
1 44  GLU n 
1 45  TYR n 
1 46  SER n 
1 47  ASN n 
1 48  GLN n 
1 49  ASN n 
1 50  ASN n 
1 51  PHE n 
1 52  VAL n 
1 53  HIS n 
1 54  ASP n 
1 55  CYS n 
1 56  VAL n 
1 57  ASN n 
1 58  ILE n 
1 59  THR n 
1 60  ILE n 
1 61  LYS n 
1 62  GLN n 
1 63  HIS n 
1 64  THR n 
1 65  VAL n 
1 66  THR n 
1 67  THR n 
1 68  THR n 
1 69  THR n 
1 70  LYS n 
1 71  GLY n 
1 72  GLU n 
1 73  ASN n 
1 74  PHE n 
1 75  THR n 
1 76  GLU n 
1 77  THR n 
1 78  ASP n 
1 79  VAL n 
1 80  LYS n 
1 81  MET n 
1 82  MET n 
1 83  GLU n 
1 84  ARG n 
1 85  VAL n 
1 86  VAL n 
1 87  GLU n 
1 88  GLN n 
1 89  MET n 
1 90  CYS n 
1 91  ILE n 
1 92  THR n 
1 93  GLN n 
1 94  TYR n 
1 95  GLU n 
1 96  ARG n 
1 97  GLU n 
1 98  SER n 
1 99  GLN n 
1 100 ALA n 
1 101 TYR n 
1 102 TYR n 
1 103 GLN n 
# 
_entity_src_gen.entity_id                          1 
_entity_src_gen.pdbx_src_id                        1 
_entity_src_gen.pdbx_alt_source_flag               sample 
_entity_src_gen.pdbx_seq_type                      ? 
_entity_src_gen.pdbx_beg_seq_num                   ? 
_entity_src_gen.pdbx_end_seq_num                   ? 
_entity_src_gen.gene_src_common_name               human 
_entity_src_gen.gene_src_genus                     ? 
_entity_src_gen.pdbx_gene_src_gene                 'PRNP, PRIP, PRP' 
_entity_src_gen.gene_src_species                   ? 
_entity_src_gen.gene_src_strain                    ? 
_entity_src_gen.gene_src_tissue                    ? 
_entity_src_gen.gene_src_tissue_fraction           ? 
_entity_src_gen.gene_src_details                   ? 
_entity_src_gen.pdbx_gene_src_fragment             ? 
_entity_src_gen.pdbx_gene_src_scientific_name      'Homo sapiens' 
_entity_src_gen.pdbx_gene_src_ncbi_taxonomy_id     9606 
_entity_src_gen.pdbx_gene_src_variant              ? 
_entity_src_gen.pdbx_gene_src_cell_line            ? 
_entity_src_gen.pdbx_gene_src_atcc                 ? 
_entity_src_gen.pdbx_gene_src_organ                ? 
_entity_src_gen.pdbx_gene_src_organelle            ? 
_entity_src_gen.pdbx_gene_src_cell                 ? 
_entity_src_gen.pdbx_gene_src_cellular_location    ? 
_entity_src_gen.host_org_common_name               ? 
_entity_src_gen.pdbx_host_org_scientific_name      'Escherichia coli' 
_entity_src_gen.pdbx_host_org_ncbi_taxonomy_id     562 
_entity_src_gen.host_org_genus                     ? 
_entity_src_gen.pdbx_host_org_gene                 ? 
_entity_src_gen.pdbx_host_org_organ                ? 
_entity_src_gen.host_org_species                   ? 
_entity_src_gen.pdbx_host_org_tissue               ? 
_entity_src_gen.pdbx_host_org_tissue_fraction      ? 
_entity_src_gen.pdbx_host_org_strain               ? 
_entity_src_gen.pdbx_host_org_variant              ? 
_entity_src_gen.pdbx_host_org_cell_line            ? 
_entity_src_gen.pdbx_host_org_atcc                 ? 
_entity_src_gen.pdbx_host_org_culture_collection   ? 
_entity_src_gen.pdbx_host_org_cell                 ? 
_entity_src_gen.pdbx_host_org_organelle            ? 
_entity_src_gen.pdbx_host_org_cellular_location    ? 
_entity_src_gen.pdbx_host_org_vector_type          ? 
_entity_src_gen.pdbx_host_org_vector               ? 
_entity_src_gen.host_org_details                   ? 
_entity_src_gen.expression_system_id               ? 
_entity_src_gen.plasmid_name                       ? 
_entity_src_gen.plasmid_details                    ? 
_entity_src_gen.pdbx_description                   ? 
# 
loop_
_chem_comp.id 
_chem_comp.type 
_chem_comp.mon_nstd_flag 
_chem_comp.name 
_chem_comp.pdbx_synonyms 
_chem_comp.formula 
_chem_comp.formula_weight 
ALA 'L-peptide linking' y ALANINE         ? 'C3 H7 N O2'     89.093  
ARG 'L-peptide linking' y ARGININE        ? 'C6 H15 N4 O2 1' 175.209 
ASN 'L-peptide linking' y ASPARAGINE      ? 'C4 H8 N2 O3'    132.118 
ASP 'L-peptide linking' y 'ASPARTIC ACID' ? 'C4 H7 N O4'     133.103 
CYS 'L-peptide linking' y CYSTEINE        ? 'C3 H7 N O2 S'   121.158 
GLN 'L-peptide linking' y GLUTAMINE       ? 'C5 H10 N2 O3'   146.144 
GLU 'L-peptide linking' y 'GLUTAMIC ACID' ? 'C5 H9 N O4'     147.129 
GLY 'peptide linking'   y GLYCINE         ? 'C2 H5 N O2'     75.067  
HIS 'L-peptide linking' y HISTIDINE       ? 'C6 H10 N3 O2 1' 156.162 
HOH non-polymer         . WATER           ? 'H2 O'           18.015  
ILE 'L-peptide linking' y ISOLEUCINE      ? 'C6 H13 N O2'    131.173 
LEU 'L-peptide linking' y LEUCINE         ? 'C6 H13 N O2'    131.173 
LYS 'L-peptide linking' y LYSINE          ? 'C6 H15 N2 O2 1' 147.195 
MET 'L-peptide linking' y METHIONINE      ? 'C5 H11 N O2 S'  149.211 
PHE 'L-peptide linking' y PHENYLALANINE   ? 'C9 H11 N O2'    165.189 
PRO 'L-peptide linking' y PROLINE         ? 'C5 H9 N O2'     115.130 
SER 'L-peptide linking' y SERINE          ? 'C3 H7 N O3'     105.093 
THR 'L-peptide linking' y THREONINE       ? 'C4 H9 N O3'     119.119 
TYR 'L-peptide linking' y TYROSINE        ? 'C9 H11 N O3'    181.189 
VAL 'L-peptide linking' y VALINE          ? 'C5 H11 N O2'    117.146 
# 
loop_
_pdbx_poly_seq_scheme.asym_id 
_pdbx_poly_seq_scheme.entity_id 
_pdbx_poly_seq_scheme.seq_id 
_pdbx_poly_seq_scheme.mon_id 
_pdbx_poly_seq_scheme.ndb_seq_num 
_pdbx_poly_seq_scheme.pdb_seq_num 
_pdbx_poly_seq_scheme.auth_seq_num 
_pdbx_poly_seq_scheme.pdb_mon_id 
_pdbx_poly_seq_scheme.auth_mon_id 
_pdbx_poly_seq_scheme.pdb_strand_id 
_pdbx_poly_seq_scheme.pdb_ins_code 
_pdbx_poly_seq_scheme.hetero 
A 1 1   LEU 1   125 125 LEU LEU A . n 
A 1 2   GLY 2   126 126 GLY GLY A . n 
A 1 3   GLY 3   127 127 GLY GLY A . n 
A 1 4   TYR 4   128 128 TYR TYR A . n 
A 1 5   VAL 5   129 129 VAL VAL A . n 
A 1 6   LEU 6   130 130 LEU LEU A . n 
A 1 7   GLY 7   131 131 GLY GLY A . n 
A 1 8   SER 8   132 132 SER SER A . n 
A 1 9   ALA 9   133 133 ALA ALA A . n 
A 1 10  MET 10  134 134 MET MET A . n 
A 1 11  SER 11  135 135 SER SER A . n 
A 1 12  ARG 12  136 136 ARG ARG A . n 
A 1 13  PRO 13  137 137 PRO PRO A . n 
A 1 14  ILE 14  138 138 ILE ILE A . n 
A 1 15  ILE 15  139 139 ILE ILE A . n 
A 1 16  HIS 16  140 140 HIS HIS A . n 
A 1 17  PHE 17  141 141 PHE PHE A . n 
A 1 18  GLY 18  142 142 GLY GLY A . n 
A 1 19  SER 19  143 143 SER SER A . n 
A 1 20  ASP 20  144 144 ASP ASP A . n 
A 1 21  TYR 21  145 145 TYR TYR A . n 
A 1 22  GLU 22  146 146 GLU GLU A . n 
A 1 23  ASP 23  147 147 ASP ASP A . n 
A 1 24  ARG 24  148 148 ARG ARG A . n 
A 1 25  TYR 25  149 149 TYR TYR A . n 
A 1 26  TYR 26  150 150 TYR TYR A . n 
A 1 27  ARG 27  151 151 ARG ARG A . n 
A 1 28  GLU 28  152 152 GLU GLU A . n 
A 1 29  ASN 29  153 153 ASN ASN A . n 
A 1 30  MET 30  154 154 MET MET A . n 
A 1 31  HIS 31  155 155 HIS HIS A . n 
A 1 32  ARG 32  156 156 ARG ARG A . n 
A 1 33  TYR 33  157 157 TYR TYR A . n 
A 1 34  PRO 34  158 158 PRO PRO A . n 
A 1 35  ASN 35  159 159 ASN ASN A . n 
A 1 36  GLN 36  160 160 GLN GLN A . n 
A 1 37  VAL 37  161 161 VAL VAL A . n 
A 1 38  TYR 38  162 162 TYR TYR A . n 
A 1 39  TYR 39  163 163 TYR TYR A . n 
A 1 40  ARG 40  164 164 ARG ARG A . n 
A 1 41  PRO 41  165 165 PRO PRO A . n 
A 1 42  MET 42  166 166 MET MET A . n 
A 1 43  ASP 43  167 167 ASP ASP A . n 
A 1 44  GLU 44  168 168 GLU GLU A . n 
A 1 45  TYR 45  169 169 TYR TYR A . n 
A 1 46  SER 46  170 170 SER SER A . n 
A 1 47  ASN 47  171 171 ASN ASN A . n 
A 1 48  GLN 48  172 172 GLN GLN A . n 
A 1 49  ASN 49  173 173 ASN ASN A . n 
A 1 50  ASN 50  174 174 ASN ASN A . n 
A 1 51  PHE 51  175 175 PHE PHE A . n 
A 1 52  VAL 52  176 176 VAL VAL A . n 
A 1 53  HIS 53  177 177 HIS HIS A . n 
A 1 54  ASP 54  178 178 ASP ASP A . n 
A 1 55  CYS 55  179 179 CYS CYS A . n 
A 1 56  VAL 56  180 180 VAL VAL A . n 
A 1 57  ASN 57  181 181 ASN ASN A . n 
A 1 58  ILE 58  182 182 ILE ILE A . n 
A 1 59  THR 59  183 183 THR THR A . n 
A 1 60  ILE 60  184 184 ILE ILE A . n 
A 1 61  LYS 61  185 185 LYS LYS A . n 
A 1 62  GLN 62  186 186 GLN GLN A . n 
A 1 63  HIS 63  187 187 HIS HIS A . n 
A 1 64  THR 64  188 188 THR THR A . n 
A 1 65  VAL 65  189 189 VAL VAL A . n 
A 1 66  THR 66  190 190 THR THR A . n 
A 1 67  THR 67  191 191 THR THR A . n 
A 1 68  THR 68  192 192 THR THR A . n 
A 1 69  THR 69  193 193 THR THR A . n 
A 1 70  LYS 70  194 194 LYS LYS A . n 
A 1 71  GLY 71  195 195 GLY GLY A . n 
A 1 72  GLU 72  196 196 GLU GLU A . n 
A 1 73  ASN 73  197 197 ASN ASN A . n 
A 1 74  PHE 74  198 198 PHE PHE A . n 
A 1 75  THR 75  199 199 THR THR A . n 
A 1 76  GLU 76  200 200 GLU GLU A . n 
A 1 77  THR 77  201 201 THR THR A . n 
A 1 78  ASP 78  202 202 ASP ASP A . n 
A 1 79  VAL 79  203 203 VAL VAL A . n 
A 1 80  LYS 80  204 204 LYS LYS A . n 
A 1 81  MET 81  205 205 MET MET A . n 
A 1 82  MET 82  206 206 MET MET A . n 
A 1 83  GLU 83  207 207 GLU GLU A . n 
A 1 84  ARG 84  208 208 ARG ARG A . n 
A 1 85  VAL 85  209 209 VAL VAL A . n 
A 1 86  VAL 86  210 210 VAL VAL A . n 
A 1 87  GLU 87  211 211 GLU GLU A . n 
A 1 88  GLN 88  212 212 GLN GLN A . n 
A 1 89  MET 89  213 213 MET MET A . n 
A 1 90  CYS 90  214 214 CYS CYS A . n 
A 1 91  ILE 91  215 215 ILE ILE A . n 
A 1 92  THR 92  216 216 THR THR A . n 
A 1 93  GLN 93  217 217 GLN GLN A . n 
A 1 94  TYR 94  218 218 TYR TYR A . n 
A 1 95  GLU 95  219 219 GLU GLU A . n 
A 1 96  ARG 96  220 220 ARG ARG A . n 
A 1 97  GLU 97  221 221 GLU GLU A . n 
A 1 98  SER 98  222 222 SER SER A . n 
A 1 99  GLN 99  223 223 GLN GLN A . n 
A 1 100 ALA 100 224 224 ALA ALA A . n 
A 1 101 TYR 101 225 225 TYR TYR A . n 
A 1 102 TYR 102 226 226 TYR TYR A . n 
A 1 103 GLN 103 227 227 GLN GLN A . n 
# 
loop_
_pdbx_nonpoly_scheme.asym_id 
_pdbx_nonpoly_scheme.entity_id 
_pdbx_nonpoly_scheme.mon_id 
_pdbx_nonpoly_scheme.ndb_seq_num 
_pdbx_nonpoly_scheme.pdb_seq_num 
_pdbx_nonpoly_scheme.auth_seq_num 
_pdbx_nonpoly_scheme.pdb_mon_id 
_pdbx_nonpoly_scheme.auth_mon_id 
_pdbx_nonpoly_scheme.pdb_strand_id 
_pdbx_nonpoly_scheme.pdb_ins_code 
B 2 HOH 1   300 300 HOH HOH A . 
B 2 HOH 2   301 301 HOH HOH A . 
B 2 HOH 3   302 302 HOH HOH A . 
B 2 HOH 4   303 303 HOH HOH A . 
B 2 HOH 5   304 304 HOH HOH A . 
B 2 HOH 6   305 305 HOH HOH A . 
B 2 HOH 7   306 306 HOH HOH A . 
B 2 HOH 8   307 307 HOH HOH A . 
B 2 HOH 9   308 308 HOH HOH A . 
B 2 HOH 10  309 309 HOH HOH A . 
B 2 HOH 11  310 310 HOH HOH A . 
B 2 HOH 12  311 311 HOH HOH A . 
B 2 HOH 13  312 312 HOH HOH A . 
B 2 HOH 14  313 313 HOH HOH A . 
B 2 HOH 15  314 314 HOH HOH A . 
B 2 HOH 16  315 315 HOH HOH A . 
B 2 HOH 17  316 316 HOH HOH A . 
B 2 HOH 18  317 317 HOH HOH A . 
B 2 HOH 19  318 318 HOH HOH A . 
B 2 HOH 20  319 319 HOH HOH A . 
B 2 HOH 21  320 320 HOH HOH A . 
B 2 HOH 22  321 321 HOH HOH A . 
B 2 HOH 23  322 322 HOH HOH A . 
B 2 HOH 24  323 323 HOH HOH A . 
B 2 HOH 25  324 324 HOH HOH A . 
B 2 HOH 26  325 325 HOH HOH A . 
B 2 HOH 27  326 326 HOH HOH A . 
B 2 HOH 28  327 327 HOH HOH A . 
B 2 HOH 29  328 328 HOH HOH A . 
B 2 HOH 30  329 329 HOH HOH A . 
B 2 HOH 31  330 330 HOH HOH A . 
B 2 HOH 32  331 331 HOH HOH A . 
B 2 HOH 33  332 332 HOH HOH A . 
B 2 HOH 34  333 333 HOH HOH A . 
B 2 HOH 35  334 334 HOH HOH A . 
B 2 HOH 36  335 335 HOH HOH A . 
B 2 HOH 37  336 336 HOH HOH A . 
B 2 HOH 38  337 337 HOH HOH A . 
B 2 HOH 39  338 338 HOH HOH A . 
B 2 HOH 40  339 339 HOH HOH A . 
B 2 HOH 41  340 340 HOH HOH A . 
B 2 HOH 42  341 341 HOH HOH A . 
B 2 HOH 43  342 342 HOH HOH A . 
B 2 HOH 44  343 343 HOH HOH A . 
B 2 HOH 45  344 344 HOH HOH A . 
B 2 HOH 46  345 345 HOH HOH A . 
B 2 HOH 47  346 346 HOH HOH A . 
B 2 HOH 48  347 347 HOH HOH A . 
B 2 HOH 49  348 348 HOH HOH A . 
B 2 HOH 50  349 349 HOH HOH A . 
B 2 HOH 51  350 350 HOH HOH A . 
B 2 HOH 52  351 351 HOH HOH A . 
B 2 HOH 53  352 352 HOH HOH A . 
B 2 HOH 54  353 353 HOH HOH A . 
B 2 HOH 55  354 354 HOH HOH A . 
B 2 HOH 56  355 355 HOH HOH A . 
B 2 HOH 57  356 356 HOH HOH A . 
B 2 HOH 58  357 357 HOH HOH A . 
B 2 HOH 59  358 358 HOH HOH A . 
B 2 HOH 60  359 359 HOH HOH A . 
B 2 HOH 61  360 360 HOH HOH A . 
B 2 HOH 62  361 361 HOH HOH A . 
B 2 HOH 63  362 362 HOH HOH A . 
B 2 HOH 64  363 363 HOH HOH A . 
B 2 HOH 65  364 364 HOH HOH A . 
B 2 HOH 66  365 365 HOH HOH A . 
B 2 HOH 67  366 366 HOH HOH A . 
B 2 HOH 68  367 367 HOH HOH A . 
B 2 HOH 69  368 368 HOH HOH A . 
B 2 HOH 70  369 369 HOH HOH A . 
B 2 HOH 71  370 370 HOH HOH A . 
B 2 HOH 72  371 371 HOH HOH A . 
B 2 HOH 73  372 372 HOH HOH A . 
B 2 HOH 74  373 373 HOH HOH A . 
B 2 HOH 75  374 374 HOH HOH A . 
B 2 HOH 76  375 375 HOH HOH A . 
B 2 HOH 77  376 376 HOH HOH A . 
B 2 HOH 78  377 377 HOH HOH A . 
B 2 HOH 79  378 378 HOH HOH A . 
B 2 HOH 80  379 379 HOH HOH A . 
B 2 HOH 81  380 380 HOH HOH A . 
B 2 HOH 82  381 381 HOH HOH A . 
B 2 HOH 83  382 382 HOH HOH A . 
B 2 HOH 84  383 383 HOH HOH A . 
B 2 HOH 85  384 384 HOH HOH A . 
B 2 HOH 86  385 385 HOH HOH A . 
B 2 HOH 87  386 386 HOH HOH A . 
B 2 HOH 88  387 387 HOH HOH A . 
B 2 HOH 89  388 388 HOH HOH A . 
B 2 HOH 90  389 389 HOH HOH A . 
B 2 HOH 91  390 390 HOH HOH A . 
B 2 HOH 92  391 391 HOH HOH A . 
B 2 HOH 93  392 392 HOH HOH A . 
B 2 HOH 94  393 393 HOH HOH A . 
B 2 HOH 95  394 394 HOH HOH A . 
B 2 HOH 96  395 395 HOH HOH A . 
B 2 HOH 97  396 396 HOH HOH A . 
B 2 HOH 98  397 397 HOH HOH A . 
B 2 HOH 99  398 398 HOH HOH A . 
B 2 HOH 100 399 399 HOH HOH A . 
B 2 HOH 101 400 400 HOH HOH A . 
B 2 HOH 102 401 401 HOH HOH A . 
B 2 HOH 103 402 402 HOH HOH A . 
B 2 HOH 104 403 403 HOH HOH A . 
B 2 HOH 105 404 404 HOH HOH A . 
# 
loop_
_software.pdbx_ordinal 
_software.name 
_software.version 
_software.date 
_software.type 
_software.contact_author 
_software.contact_author_email 
_software.classification 
_software.location 
_software.language 
_software.citation_id 
1 DENZO       .        ?               package 'Zbyszek Otwinowski' hkl@hkl-xray.com      'data reduction'  
http://www.hkl-xray.com/                     ?          ? 
2 SCALEPACK   .        ?               package 'Zbyszek Otwinowski' hkl@hkl-xray.com      'data scaling'    
http://www.hkl-xray.com/                     ?          ? 
3 REFMAC      5.5.0066 ?               program 'Garib N. Murshudov' garib@ysbl.york.ac.uk refinement        
http://www.ccp4.ac.uk/dist/html/refmac5.html Fortran_77 ? 
4 PDB_EXTRACT 3.005    'June 11, 2008' package PDB                  help@deposit.rcsb.org 'data extraction' 
http://sw-tools.pdb.org/apps/PDB_EXTRACT/    C++        ? 
5 HKL-2000    .        ?               ?       ?                    ?                     'data collection' ? ?          ? 
6 HKL-2000    .        ?               ?       ?                    ?                     'data reduction'  ? ?          ? 
7 HKL-2000    .        ?               ?       ?                    ?                     'data scaling'    ? ?          ? 
8 EPMR        .        ?               ?       ?                    ?                     phasing           ? ?          ? 
# 
_cell.entry_id           3HAK 
_cell.length_a           32.484 
_cell.length_b           49.091 
_cell.length_c           56.885 
_cell.angle_alpha        90.00 
_cell.angle_beta         90.00 
_cell.angle_gamma        90.00 
_cell.Z_PDB              4 
_cell.pdbx_unique_axis   ? 
_cell.length_a_esd       ? 
_cell.length_b_esd       ? 
_cell.length_c_esd       ? 
_cell.angle_alpha_esd    ? 
_cell.angle_beta_esd     ? 
_cell.angle_gamma_esd    ? 
# 
_symmetry.entry_id                         3HAK 
_symmetry.space_group_name_H-M             'P 21 21 21' 
_symmetry.pdbx_full_space_group_name_H-M   ? 
_symmetry.cell_setting                     ? 
_symmetry.Int_Tables_number                19 
_symmetry.space_group_name_Hall            ? 
# 
_exptl.crystals_number   1 
_exptl.entry_id          3HAK 
_exptl.method            'X-RAY DIFFRACTION' 
# 
_exptl_crystal.id                    1 
_exptl_crystal.density_Matthews      1.83 
_exptl_crystal.density_meas          ? 
_exptl_crystal.density_percent_sol   32.90 
_exptl_crystal.description           ? 
_exptl_crystal.F_000                 ? 
_exptl_crystal.preparation           ? 
# 
_exptl_crystal_grow.crystal_id      1 
_exptl_crystal_grow.method          'VAPOR DIFFUSION, SITTING DROP' 
_exptl_crystal_grow.pH              5.2 
_exptl_crystal_grow.temp            277 
_exptl_crystal_grow.temp_details    ? 
_exptl_crystal_grow.pdbx_details    '0.1M Na/K phosphate, 20% PEG4K, pH 5.2, VAPOR DIFFUSION, SITTING DROP, temperature 277K' 
_exptl_crystal_grow.pdbx_pH_range   ? 
# 
_diffrn.id                     1 
_diffrn.ambient_temp           100 
_diffrn.ambient_temp_details   ? 
_diffrn.crystal_id             1 
# 
_diffrn_detector.diffrn_id              1 
_diffrn_detector.detector               CCD 
_diffrn_detector.type                   'ADSC QUANTUM 315' 
_diffrn_detector.pdbx_collection_date   2006-03-28 
_diffrn_detector.details                ? 
# 
_diffrn_radiation.diffrn_id                        1 
_diffrn_radiation.wavelength_id                    1 
_diffrn_radiation.pdbx_diffrn_protocol             'SINGLE WAVELENGTH' 
_diffrn_radiation.monochromator                    ? 
_diffrn_radiation.pdbx_monochromatic_or_laue_m_l   M 
_diffrn_radiation.pdbx_scattering_type             x-ray 
# 
_diffrn_radiation_wavelength.id           1 
_diffrn_radiation_wavelength.wavelength   0.9791 
_diffrn_radiation_wavelength.wt           1.0 
# 
_diffrn_source.diffrn_id                   1 
_diffrn_source.source                      SYNCHROTRON 
_diffrn_source.type                        'APS BEAMLINE 19-ID' 
_diffrn_source.pdbx_wavelength             ? 
_diffrn_source.pdbx_wavelength_list        0.9791 
_diffrn_source.pdbx_synchrotron_site       APS 
_diffrn_source.pdbx_synchrotron_beamline   19-ID 
# 
_reflns.entry_id                     3HAK 
_reflns.d_resolution_high            1.800 
_reflns.d_resolution_low             30.000 
_reflns.number_obs                   8871 
_reflns.pdbx_Rmerge_I_obs            0.042 
_reflns.pdbx_netI_over_sigmaI        30.755 
_reflns.pdbx_chi_squared             0.990 
_reflns.pdbx_redundancy              4.500 
_reflns.percent_possible_obs         99.400 
_reflns.observed_criterion_sigma_F   ? 
_reflns.observed_criterion_sigma_I   ? 
_reflns.number_all                   ? 
_reflns.pdbx_Rsym_value              ? 
_reflns.B_iso_Wilson_estimate        ? 
_reflns.R_free_details               ? 
_reflns.limit_h_max                  ? 
_reflns.limit_h_min                  ? 
_reflns.limit_k_max                  ? 
_reflns.limit_k_min                  ? 
_reflns.limit_l_max                  ? 
_reflns.limit_l_min                  ? 
_reflns.observed_criterion_F_max     ? 
_reflns.observed_criterion_F_min     ? 
_reflns.pdbx_scaling_rejects         ? 
_reflns.pdbx_diffrn_id               1 
_reflns.pdbx_ordinal                 1 
# 
loop_
_reflns_shell.d_res_high 
_reflns_shell.d_res_low 
_reflns_shell.number_measured_obs 
_reflns_shell.number_measured_all 
_reflns_shell.number_unique_obs 
_reflns_shell.Rmerge_I_obs 
_reflns_shell.meanI_over_sigI_obs 
_reflns_shell.pdbx_Rsym_value 
_reflns_shell.pdbx_chi_squared 
_reflns_shell.pdbx_redundancy 
_reflns_shell.percent_possible_obs 
_reflns_shell.number_unique_all 
_reflns_shell.percent_possible_all 
_reflns_shell.pdbx_diffrn_id 
_reflns_shell.pdbx_ordinal 
1.80 1.86  ? ? ? 0.198 ? ? 0.932 4.50 ? 861 99.80  ? 1  
1.86 1.94  ? ? ? 0.146 ? ? 0.948 4.60 ? 874 99.80  ? 2  
1.94 2.03  ? ? ? 0.124 ? ? 0.953 4.60 ? 887 100.00 ? 3  
2.03 2.13  ? ? ? 0.092 ? ? 0.965 4.60 ? 861 100.00 ? 4  
2.13 2.27  ? ? ? 0.073 ? ? 1.034 4.60 ? 883 100.00 ? 5  
2.27 2.44  ? ? ? 0.061 ? ? 0.990 4.60 ? 868 99.80  ? 6  
2.44 2.69  ? ? ? 0.047 ? ? 1.027 4.50 ? 896 99.90  ? 7  
2.69 3.08  ? ? ? 0.036 ? ? 1.018 4.50 ? 886 99.80  ? 8  
3.08 3.88  ? ? ? 0.032 ? ? 0.982 4.40 ? 912 99.50  ? 9  
3.88 30.00 ? ? ? 0.021 ? ? 1.060 4.00 ? 943 95.50  ? 10 
# 
_refine.entry_id                                 3HAK 
_refine.ls_d_res_high                            1.800 
_refine.ls_d_res_low                             16.130 
_refine.pdbx_ls_sigma_F                          0.00 
_refine.pdbx_data_cutoff_high_absF               ? 
_refine.pdbx_data_cutoff_low_absF                ? 
_refine.ls_percent_reflns_obs                    99.290 
_refine.ls_number_reflns_obs                     8833 
_refine.ls_number_reflns_all                     ? 
_refine.pdbx_ls_cross_valid_method               THROUGHOUT 
_refine.pdbx_R_Free_selection_details            RANDOM 
_refine.details                                  'HYDROGENS HAVE BEEN ADDED IN THE RIDING POSITIONS U VALUES: REFINED INDIVIDUALLY' 
_refine.ls_R_factor_all                          ? 
_refine.ls_R_factor_obs                          0.187 
_refine.ls_R_factor_R_work                       0.185 
_refine.ls_wR_factor_R_work                      ? 
_refine.ls_R_factor_R_free                       0.241 
_refine.ls_wR_factor_R_free                      ? 
_refine.ls_percent_reflns_R_free                 4.800 
_refine.ls_number_reflns_R_free                  421 
_refine.ls_R_factor_R_free_error                 ? 
_refine.B_iso_mean                               20.286 
_refine.solvent_model_param_bsol                 ? 
_refine.solvent_model_param_ksol                 ? 
_refine.pdbx_isotropic_thermal_model             ? 
_refine.aniso_B[1][1]                            0.010 
_refine.aniso_B[2][2]                            -0.010 
_refine.aniso_B[3][3]                            0.000 
_refine.aniso_B[1][2]                            0.000 
_refine.aniso_B[1][3]                            0.000 
_refine.aniso_B[2][3]                            0.000 
_refine.correlation_coeff_Fo_to_Fc               0.951 
_refine.correlation_coeff_Fo_to_Fc_free          0.921 
_refine.overall_SU_R_Cruickshank_DPI             ? 
_refine.overall_SU_R_free                        ? 
_refine.pdbx_overall_ESU_R                       0.161 
_refine.pdbx_overall_ESU_R_Free                  0.152 
_refine.overall_SU_ML                            0.096 
_refine.overall_SU_B                             3.031 
_refine.solvent_model_details                    MASK 
_refine.pdbx_solvent_vdw_probe_radii             1.400 
_refine.pdbx_solvent_ion_probe_radii             0.800 
_refine.pdbx_solvent_shrinkage_radii             0.800 
_refine.ls_number_parameters                     ? 
_refine.ls_number_restraints                     ? 
_refine.pdbx_starting_model                      ? 
_refine.pdbx_method_to_determine_struct          'MOLECULAR REPLACEMENT' 
_refine.pdbx_stereochemistry_target_values       'MAXIMUM LIKELIHOOD' 
_refine.pdbx_stereochem_target_val_spec_case     ? 
_refine.overall_FOM_work_R_set                   ? 
_refine.B_iso_max                                54.34 
_refine.B_iso_min                                9.08 
_refine.occupancy_max                            1.00 
_refine.occupancy_min                            0.50 
_refine.pdbx_ls_sigma_I                          ? 
_refine.ls_redundancy_reflns_obs                 ? 
_refine.ls_R_factor_R_free_error_details         ? 
_refine.pdbx_data_cutoff_high_rms_absF           ? 
_refine.overall_FOM_free_R_set                   ? 
_refine.pdbx_overall_phase_error                 ? 
_refine.pdbx_refine_id                           'X-RAY DIFFRACTION' 
_refine.pdbx_diffrn_id                           1 
_refine.pdbx_TLS_residual_ADP_flag               ? 
_refine.pdbx_overall_SU_R_free_Cruickshank_DPI   ? 
_refine.pdbx_overall_SU_R_Blow_DPI               ? 
_refine.pdbx_overall_SU_R_free_Blow_DPI          ? 
# 
_refine_hist.pdbx_refine_id                   'X-RAY DIFFRACTION' 
_refine_hist.cycle_id                         LAST 
_refine_hist.pdbx_number_atoms_protein        897 
_refine_hist.pdbx_number_atoms_nucleic_acid   0 
_refine_hist.pdbx_number_atoms_ligand         0 
_refine_hist.number_atoms_solvent             105 
_refine_hist.number_atoms_total               1002 
_refine_hist.d_res_high                       1.800 
_refine_hist.d_res_low                        16.130 
# 
loop_
_refine_ls_restr.type 
_refine_ls_restr.number 
_refine_ls_restr.dev_ideal 
_refine_ls_restr.dev_ideal_target 
_refine_ls_restr.weight 
_refine_ls_restr.pdbx_refine_id 
_refine_ls_restr.pdbx_restraint_function 
r_bond_refined_d       924  0.012  0.021  ? 'X-RAY DIFFRACTION' ? 
r_angle_refined_deg    1258 1.348  1.917  ? 'X-RAY DIFFRACTION' ? 
r_dihedral_angle_1_deg 112  4.492  5.000  ? 'X-RAY DIFFRACTION' ? 
r_dihedral_angle_2_deg 58   35.385 23.966 ? 'X-RAY DIFFRACTION' ? 
r_dihedral_angle_3_deg 159  13.495 15.000 ? 'X-RAY DIFFRACTION' ? 
r_dihedral_angle_4_deg 8    22.317 15.000 ? 'X-RAY DIFFRACTION' ? 
r_chiral_restr         127  0.096  0.200  ? 'X-RAY DIFFRACTION' ? 
r_gen_planes_refined   747  0.006  0.020  ? 'X-RAY DIFFRACTION' ? 
r_mcbond_it            528  0.873  1.500  ? 'X-RAY DIFFRACTION' ? 
r_mcangle_it           867  1.637  2.000  ? 'X-RAY DIFFRACTION' ? 
r_scbond_it            396  2.434  3.000  ? 'X-RAY DIFFRACTION' ? 
r_scangle_it           386  3.967  4.500  ? 'X-RAY DIFFRACTION' ? 
# 
_refine_ls_shell.d_res_high                       1.798 
_refine_ls_shell.d_res_low                        1.844 
_refine_ls_shell.pdbx_total_number_of_bins_used   20 
_refine_ls_shell.percent_reflns_obs               96.860 
_refine_ls_shell.number_reflns_R_work             589 
_refine_ls_shell.R_factor_all                     ? 
_refine_ls_shell.R_factor_R_work                  0.272 
_refine_ls_shell.R_factor_R_free                  0.324 
_refine_ls_shell.percent_reflns_R_free            ? 
_refine_ls_shell.number_reflns_R_free             27 
_refine_ls_shell.R_factor_R_free_error            ? 
_refine_ls_shell.number_reflns_all                616 
_refine_ls_shell.number_reflns_obs                ? 
_refine_ls_shell.redundancy_reflns_obs            ? 
_refine_ls_shell.pdbx_refine_id                   'X-RAY DIFFRACTION' 
# 
_struct.entry_id                  3HAK 
_struct.title                     'Human prion protein variant V129' 
_struct.pdbx_model_details        ? 
_struct.pdbx_CASP_flag            ? 
_struct.pdbx_model_type_details   ? 
# 
_struct_keywords.entry_id        3HAK 
_struct_keywords.pdbx_keywords   'MEMBRANE PROTEIN' 
_struct_keywords.text            
;Prion protein, Cell membrane, Disease mutation, Disulfide bond, Glycoprotein, Golgi apparatus, GPI-anchor, Lipoprotein, Membrane, Polymorphism, Prion, MEMBRANE PROTEIN
;
# 
loop_
_struct_asym.id 
_struct_asym.pdbx_blank_PDB_chainid_flag 
_struct_asym.pdbx_modified 
_struct_asym.entity_id 
_struct_asym.details 
A N N 1 ? 
B N N 2 ? 
# 
_struct_ref.id                         1 
_struct_ref.db_name                    UNP 
_struct_ref.db_code                    PRIO_HUMAN 
_struct_ref.pdbx_db_accession          P04156 
_struct_ref.entity_id                  1 
_struct_ref.pdbx_seq_one_letter_code   
;LGGYMLGSAMSRPIIHFGSDYEDRYYRENMHRYPNQVYYRPMDEYSNQNNFVHDCVNITIKQHTVTTTTKGENFTETDVK
MMERVVEQMCITQYERESQAYYQ
;
_struct_ref.pdbx_align_begin           125 
_struct_ref.pdbx_db_isoform            ? 
# 
_struct_ref_seq.align_id                      1 
_struct_ref_seq.ref_id                        1 
_struct_ref_seq.pdbx_PDB_id_code              3HAK 
_struct_ref_seq.pdbx_strand_id                A 
_struct_ref_seq.seq_align_beg                 1 
_struct_ref_seq.pdbx_seq_align_beg_ins_code   ? 
_struct_ref_seq.seq_align_end                 103 
_struct_ref_seq.pdbx_seq_align_end_ins_code   ? 
_struct_ref_seq.pdbx_db_accession             P04156 
_struct_ref_seq.db_align_beg                  125 
_struct_ref_seq.pdbx_db_align_beg_ins_code    ? 
_struct_ref_seq.db_align_end                  227 
_struct_ref_seq.pdbx_db_align_end_ins_code    ? 
_struct_ref_seq.pdbx_auth_seq_align_beg       125 
_struct_ref_seq.pdbx_auth_seq_align_end       227 
# 
_struct_ref_seq_dif.align_id                     1 
_struct_ref_seq_dif.pdbx_pdb_id_code             3HAK 
_struct_ref_seq_dif.mon_id                       VAL 
_struct_ref_seq_dif.pdbx_pdb_strand_id           A 
_struct_ref_seq_dif.seq_num                      5 
_struct_ref_seq_dif.pdbx_pdb_ins_code            ? 
_struct_ref_seq_dif.pdbx_seq_db_name             UNP 
_struct_ref_seq_dif.pdbx_seq_db_accession_code   P04156 
_struct_ref_seq_dif.db_mon_id                    MET 
_struct_ref_seq_dif.pdbx_seq_db_seq_num          129 
_struct_ref_seq_dif.details                      variant 
_struct_ref_seq_dif.pdbx_auth_seq_num            129 
_struct_ref_seq_dif.pdbx_ordinal                 1 
# 
_pdbx_struct_assembly.id                   1 
_pdbx_struct_assembly.details              software_defined_assembly 
_pdbx_struct_assembly.method_details       PISA 
_pdbx_struct_assembly.oligomeric_details   monomeric 
_pdbx_struct_assembly.oligomeric_count     1 
# 
_pdbx_struct_assembly_gen.assembly_id       1 
_pdbx_struct_assembly_gen.oper_expression   1 
_pdbx_struct_assembly_gen.asym_id_list      A,B 
# 
_pdbx_struct_oper_list.id                   1 
_pdbx_struct_oper_list.type                 'identity operation' 
_pdbx_struct_oper_list.name                 1_555 
_pdbx_struct_oper_list.symmetry_operation   x,y,z 
_pdbx_struct_oper_list.matrix[1][1]         1.0000000000 
_pdbx_struct_oper_list.matrix[1][2]         0.0000000000 
_pdbx_struct_oper_list.matrix[1][3]         0.0000000000 
_pdbx_struct_oper_list.vector[1]            0.0000000000 
_pdbx_struct_oper_list.matrix[2][1]         0.0000000000 
_pdbx_struct_oper_list.matrix[2][2]         1.0000000000 
_pdbx_struct_oper_list.matrix[2][3]         0.0000000000 
_pdbx_struct_oper_list.vector[2]            0.0000000000 
_pdbx_struct_oper_list.matrix[3][1]         0.0000000000 
_pdbx_struct_oper_list.matrix[3][2]         0.0000000000 
_pdbx_struct_oper_list.matrix[3][3]         1.0000000000 
_pdbx_struct_oper_list.vector[3]            0.0000000000 
# 
_struct_biol.id        1 
_struct_biol.details   ? 
# 
loop_
_struct_conf.conf_type_id 
_struct_conf.id 
_struct_conf.pdbx_PDB_helix_id 
_struct_conf.beg_label_comp_id 
_struct_conf.beg_label_asym_id 
_struct_conf.beg_label_seq_id 
_struct_conf.pdbx_beg_PDB_ins_code 
_struct_conf.end_label_comp_id 
_struct_conf.end_label_asym_id 
_struct_conf.end_label_seq_id 
_struct_conf.pdbx_end_PDB_ins_code 
_struct_conf.beg_auth_comp_id 
_struct_conf.beg_auth_asym_id 
_struct_conf.beg_auth_seq_id 
_struct_conf.end_auth_comp_id 
_struct_conf.end_auth_asym_id 
_struct_conf.end_auth_seq_id 
_struct_conf.pdbx_PDB_helix_class 
_struct_conf.details 
_struct_conf.pdbx_PDB_helix_length 
HELX_P HELX_P1 1 SER A 19 ? MET A 30  ? SER A 143 MET A 154 1 ? 12 
HELX_P HELX_P2 2 HIS A 31 ? TYR A 33  ? HIS A 155 TYR A 157 5 ? 3  
HELX_P HELX_P3 3 ARG A 40 ? SER A 46  ? ARG A 164 SER A 170 5 ? 7  
HELX_P HELX_P4 4 ASN A 47 ? THR A 69  ? ASN A 171 THR A 193 1 ? 23 
HELX_P HELX_P5 5 THR A 75 ? GLN A 103 ? THR A 199 GLN A 227 1 ? 29 
# 
_struct_conf_type.id          HELX_P 
_struct_conf_type.criteria    ? 
_struct_conf_type.reference   ? 
# 
_struct_conn.id                            disulf1 
_struct_conn.conn_type_id                  disulf 
_struct_conn.pdbx_leaving_atom_flag        ? 
_struct_conn.pdbx_PDB_id                   ? 
_struct_conn.ptnr1_label_asym_id           A 
_struct_conn.ptnr1_label_comp_id           CYS 
_struct_conn.ptnr1_label_seq_id            55 
_struct_conn.ptnr1_label_atom_id           SG 
_struct_conn.pdbx_ptnr1_label_alt_id       ? 
_struct_conn.pdbx_ptnr1_PDB_ins_code       ? 
_struct_conn.pdbx_ptnr1_standard_comp_id   ? 
_struct_conn.ptnr1_symmetry                1_555 
_struct_conn.ptnr2_label_asym_id           A 
_struct_conn.ptnr2_label_comp_id           CYS 
_struct_conn.ptnr2_label_seq_id            90 
_struct_conn.ptnr2_label_atom_id           SG 
_struct_conn.pdbx_ptnr2_label_alt_id       ? 
_struct_conn.pdbx_ptnr2_PDB_ins_code       ? 
_struct_conn.ptnr1_auth_asym_id            A 
_struct_conn.ptnr1_auth_comp_id            CYS 
_struct_conn.ptnr1_auth_seq_id             179 
_struct_conn.ptnr2_auth_asym_id            A 
_struct_conn.ptnr2_auth_comp_id            CYS 
_struct_conn.ptnr2_auth_seq_id             214 
_struct_conn.ptnr2_symmetry                1_555 
_struct_conn.pdbx_ptnr3_label_atom_id      ? 
_struct_conn.pdbx_ptnr3_label_seq_id       ? 
_struct_conn.pdbx_ptnr3_label_comp_id      ? 
_struct_conn.pdbx_ptnr3_label_asym_id      ? 
_struct_conn.pdbx_ptnr3_label_alt_id       ? 
_struct_conn.pdbx_ptnr3_PDB_ins_code       ? 
_struct_conn.details                       ? 
_struct_conn.pdbx_dist_value               2.032 
_struct_conn.pdbx_value_order              ? 
_struct_conn.pdbx_role                     ? 
# 
_struct_conn_type.id          disulf 
_struct_conn_type.criteria    ? 
_struct_conn_type.reference   ? 
# 
_pdbx_modification_feature.ordinal                            1 
_pdbx_modification_feature.label_comp_id                      CYS 
_pdbx_modification_feature.label_asym_id                      A 
_pdbx_modification_feature.label_seq_id                       55 
_pdbx_modification_feature.label_alt_id                       ? 
_pdbx_modification_feature.modified_residue_label_comp_id     CYS 
_pdbx_modification_feature.modified_residue_label_asym_id     A 
_pdbx_modification_feature.modified_residue_label_seq_id      90 
_pdbx_modification_feature.modified_residue_label_alt_id      ? 
_pdbx_modification_feature.auth_comp_id                       CYS 
_pdbx_modification_feature.auth_asym_id                       A 
_pdbx_modification_feature.auth_seq_id                        179 
_pdbx_modification_feature.PDB_ins_code                       ? 
_pdbx_modification_feature.symmetry                           1_555 
_pdbx_modification_feature.modified_residue_auth_comp_id      CYS 
_pdbx_modification_feature.modified_residue_auth_asym_id      A 
_pdbx_modification_feature.modified_residue_auth_seq_id       214 
_pdbx_modification_feature.modified_residue_PDB_ins_code      ? 
_pdbx_modification_feature.modified_residue_symmetry          1_555 
_pdbx_modification_feature.comp_id_linking_atom               SG 
_pdbx_modification_feature.modified_residue_id_linking_atom   SG 
_pdbx_modification_feature.modified_residue_id                . 
_pdbx_modification_feature.ref_pcm_id                         . 
_pdbx_modification_feature.ref_comp_id                        . 
_pdbx_modification_feature.type                               None 
_pdbx_modification_feature.category                           'Disulfide bridge' 
# 
_struct_sheet.id               A 
_struct_sheet.type             ? 
_struct_sheet.number_strands   2 
_struct_sheet.details          ? 
# 
_struct_sheet_order.sheet_id     A 
_struct_sheet_order.range_id_1   1 
_struct_sheet_order.range_id_2   2 
_struct_sheet_order.offset       ? 
_struct_sheet_order.sense        anti-parallel 
# 
loop_
_struct_sheet_range.sheet_id 
_struct_sheet_range.id 
_struct_sheet_range.beg_label_comp_id 
_struct_sheet_range.beg_label_asym_id 
_struct_sheet_range.beg_label_seq_id 
_struct_sheet_range.pdbx_beg_PDB_ins_code 
_struct_sheet_range.end_label_comp_id 
_struct_sheet_range.end_label_asym_id 
_struct_sheet_range.end_label_seq_id 
_struct_sheet_range.pdbx_end_PDB_ins_code 
_struct_sheet_range.beg_auth_comp_id 
_struct_sheet_range.beg_auth_asym_id 
_struct_sheet_range.beg_auth_seq_id 
_struct_sheet_range.end_auth_comp_id 
_struct_sheet_range.end_auth_asym_id 
_struct_sheet_range.end_auth_seq_id 
A 1 VAL A 5  ? LEU A 6  ? VAL A 129 LEU A 130 
A 2 TYR A 38 ? TYR A 39 ? TYR A 162 TYR A 163 
# 
_pdbx_struct_sheet_hbond.sheet_id                A 
_pdbx_struct_sheet_hbond.range_id_1              1 
_pdbx_struct_sheet_hbond.range_id_2              2 
_pdbx_struct_sheet_hbond.range_1_label_atom_id   N 
_pdbx_struct_sheet_hbond.range_1_label_comp_id   VAL 
_pdbx_struct_sheet_hbond.range_1_label_asym_id   A 
_pdbx_struct_sheet_hbond.range_1_label_seq_id    5 
_pdbx_struct_sheet_hbond.range_1_PDB_ins_code    ? 
_pdbx_struct_sheet_hbond.range_1_auth_atom_id    N 
_pdbx_struct_sheet_hbond.range_1_auth_comp_id    VAL 
_pdbx_struct_sheet_hbond.range_1_auth_asym_id    A 
_pdbx_struct_sheet_hbond.range_1_auth_seq_id     129 
_pdbx_struct_sheet_hbond.range_2_label_atom_id   O 
_pdbx_struct_sheet_hbond.range_2_label_comp_id   TYR 
_pdbx_struct_sheet_hbond.range_2_label_asym_id   A 
_pdbx_struct_sheet_hbond.range_2_label_seq_id    39 
_pdbx_struct_sheet_hbond.range_2_PDB_ins_code    ? 
_pdbx_struct_sheet_hbond.range_2_auth_atom_id    O 
_pdbx_struct_sheet_hbond.range_2_auth_comp_id    TYR 
_pdbx_struct_sheet_hbond.range_2_auth_asym_id    A 
_pdbx_struct_sheet_hbond.range_2_auth_seq_id     163 
# 
_pdbx_entry_details.entry_id                   3HAK 
_pdbx_entry_details.sequence_details           
;THE COMPLETE SEQUENCE OF THE PROTEIN USED FOR CRYSTALLIZATION WAS: 
GQGGGTHSQWNKPSKPKTNMKHMAGAAAAGAVVGGLGGYVLGSAMSRPIIHFGSDYEDRYYRENMHRYPNQVYYRPMDEYSNQNNFVHDCVNITIKQHTVTTTTKGENFTETDVKMMERVVEQMCITQYERESQAYYQRGSS. HOWEVER ACCORDING TO THE AUTHORS THERE IS A REASONABLE CHANCE THAT THE CRYSTAL 
CONTAINS A PROTEOLYZED VERSION. ONLY THE RESIDUES OBSERVED IN THE EXPERIMENT WERE INCLUDED IN THE SEQRES RECORDS.
;
_pdbx_entry_details.nonpolymer_details         ? 
_pdbx_entry_details.compound_details           ? 
_pdbx_entry_details.source_details             ? 
_pdbx_entry_details.has_ligand_of_interest     ? 
_pdbx_entry_details.has_protein_modification   Y 
# 
_pdbx_validate_torsion.id              1 
_pdbx_validate_torsion.PDB_model_num   1 
_pdbx_validate_torsion.auth_comp_id    SER 
_pdbx_validate_torsion.auth_asym_id    A 
_pdbx_validate_torsion.auth_seq_id     170 
_pdbx_validate_torsion.PDB_ins_code    ? 
_pdbx_validate_torsion.label_alt_id    ? 
_pdbx_validate_torsion.phi             -117.54 
_pdbx_validate_torsion.psi             -168.83 
# 
loop_
_chem_comp_atom.comp_id 
_chem_comp_atom.atom_id 
_chem_comp_atom.type_symbol 
_chem_comp_atom.pdbx_aromatic_flag 
_chem_comp_atom.pdbx_stereo_config 
_chem_comp_atom.pdbx_ordinal 
ALA N    N N N 1   
ALA CA   C N S 2   
ALA C    C N N 3   
ALA O    O N N 4   
ALA CB   C N N 5   
ALA OXT  O N N 6   
ALA H    H N N 7   
ALA H2   H N N 8   
ALA HA   H N N 9   
ALA HB1  H N N 10  
ALA HB2  H N N 11  
ALA HB3  H N N 12  
ALA HXT  H N N 13  
ARG N    N N N 14  
ARG CA   C N S 15  
ARG C    C N N 16  
ARG O    O N N 17  
ARG CB   C N N 18  
ARG CG   C N N 19  
ARG CD   C N N 20  
ARG NE   N N N 21  
ARG CZ   C N N 22  
ARG NH1  N N N 23  
ARG NH2  N N N 24  
ARG OXT  O N N 25  
ARG H    H N N 26  
ARG H2   H N N 27  
ARG HA   H N N 28  
ARG HB2  H N N 29  
ARG HB3  H N N 30  
ARG HG2  H N N 31  
ARG HG3  H N N 32  
ARG HD2  H N N 33  
ARG HD3  H N N 34  
ARG HE   H N N 35  
ARG HH11 H N N 36  
ARG HH12 H N N 37  
ARG HH21 H N N 38  
ARG HH22 H N N 39  
ARG HXT  H N N 40  
ASN N    N N N 41  
ASN CA   C N S 42  
ASN C    C N N 43  
ASN O    O N N 44  
ASN CB   C N N 45  
ASN CG   C N N 46  
ASN OD1  O N N 47  
ASN ND2  N N N 48  
ASN OXT  O N N 49  
ASN H    H N N 50  
ASN H2   H N N 51  
ASN HA   H N N 52  
ASN HB2  H N N 53  
ASN HB3  H N N 54  
ASN HD21 H N N 55  
ASN HD22 H N N 56  
ASN HXT  H N N 57  
ASP N    N N N 58  
ASP CA   C N S 59  
ASP C    C N N 60  
ASP O    O N N 61  
ASP CB   C N N 62  
ASP CG   C N N 63  
ASP OD1  O N N 64  
ASP OD2  O N N 65  
ASP OXT  O N N 66  
ASP H    H N N 67  
ASP H2   H N N 68  
ASP HA   H N N 69  
ASP HB2  H N N 70  
ASP HB3  H N N 71  
ASP HD2  H N N 72  
ASP HXT  H N N 73  
CYS N    N N N 74  
CYS CA   C N R 75  
CYS C    C N N 76  
CYS O    O N N 77  
CYS CB   C N N 78  
CYS SG   S N N 79  
CYS OXT  O N N 80  
CYS H    H N N 81  
CYS H2   H N N 82  
CYS HA   H N N 83  
CYS HB2  H N N 84  
CYS HB3  H N N 85  
CYS HG   H N N 86  
CYS HXT  H N N 87  
GLN N    N N N 88  
GLN CA   C N S 89  
GLN C    C N N 90  
GLN O    O N N 91  
GLN CB   C N N 92  
GLN CG   C N N 93  
GLN CD   C N N 94  
GLN OE1  O N N 95  
GLN NE2  N N N 96  
GLN OXT  O N N 97  
GLN H    H N N 98  
GLN H2   H N N 99  
GLN HA   H N N 100 
GLN HB2  H N N 101 
GLN HB3  H N N 102 
GLN HG2  H N N 103 
GLN HG3  H N N 104 
GLN HE21 H N N 105 
GLN HE22 H N N 106 
GLN HXT  H N N 107 
GLU N    N N N 108 
GLU CA   C N S 109 
GLU C    C N N 110 
GLU O    O N N 111 
GLU CB   C N N 112 
GLU CG   C N N 113 
GLU CD   C N N 114 
GLU OE1  O N N 115 
GLU OE2  O N N 116 
GLU OXT  O N N 117 
GLU H    H N N 118 
GLU H2   H N N 119 
GLU HA   H N N 120 
GLU HB2  H N N 121 
GLU HB3  H N N 122 
GLU HG2  H N N 123 
GLU HG3  H N N 124 
GLU HE2  H N N 125 
GLU HXT  H N N 126 
GLY N    N N N 127 
GLY CA   C N N 128 
GLY C    C N N 129 
GLY O    O N N 130 
GLY OXT  O N N 131 
GLY H    H N N 132 
GLY H2   H N N 133 
GLY HA2  H N N 134 
GLY HA3  H N N 135 
GLY HXT  H N N 136 
HIS N    N N N 137 
HIS CA   C N S 138 
HIS C    C N N 139 
HIS O    O N N 140 
HIS CB   C N N 141 
HIS CG   C Y N 142 
HIS ND1  N Y N 143 
HIS CD2  C Y N 144 
HIS CE1  C Y N 145 
HIS NE2  N Y N 146 
HIS OXT  O N N 147 
HIS H    H N N 148 
HIS H2   H N N 149 
HIS HA   H N N 150 
HIS HB2  H N N 151 
HIS HB3  H N N 152 
HIS HD1  H N N 153 
HIS HD2  H N N 154 
HIS HE1  H N N 155 
HIS HE2  H N N 156 
HIS HXT  H N N 157 
HOH O    O N N 158 
HOH H1   H N N 159 
HOH H2   H N N 160 
ILE N    N N N 161 
ILE CA   C N S 162 
ILE C    C N N 163 
ILE O    O N N 164 
ILE CB   C N S 165 
ILE CG1  C N N 166 
ILE CG2  C N N 167 
ILE CD1  C N N 168 
ILE OXT  O N N 169 
ILE H    H N N 170 
ILE H2   H N N 171 
ILE HA   H N N 172 
ILE HB   H N N 173 
ILE HG12 H N N 174 
ILE HG13 H N N 175 
ILE HG21 H N N 176 
ILE HG22 H N N 177 
ILE HG23 H N N 178 
ILE HD11 H N N 179 
ILE HD12 H N N 180 
ILE HD13 H N N 181 
ILE HXT  H N N 182 
LEU N    N N N 183 
LEU CA   C N S 184 
LEU C    C N N 185 
LEU O    O N N 186 
LEU CB   C N N 187 
LEU CG   C N N 188 
LEU CD1  C N N 189 
LEU CD2  C N N 190 
LEU OXT  O N N 191 
LEU H    H N N 192 
LEU H2   H N N 193 
LEU HA   H N N 194 
LEU HB2  H N N 195 
LEU HB3  H N N 196 
LEU HG   H N N 197 
LEU HD11 H N N 198 
LEU HD12 H N N 199 
LEU HD13 H N N 200 
LEU HD21 H N N 201 
LEU HD22 H N N 202 
LEU HD23 H N N 203 
LEU HXT  H N N 204 
LYS N    N N N 205 
LYS CA   C N S 206 
LYS C    C N N 207 
LYS O    O N N 208 
LYS CB   C N N 209 
LYS CG   C N N 210 
LYS CD   C N N 211 
LYS CE   C N N 212 
LYS NZ   N N N 213 
LYS OXT  O N N 214 
LYS H    H N N 215 
LYS H2   H N N 216 
LYS HA   H N N 217 
LYS HB2  H N N 218 
LYS HB3  H N N 219 
LYS HG2  H N N 220 
LYS HG3  H N N 221 
LYS HD2  H N N 222 
LYS HD3  H N N 223 
LYS HE2  H N N 224 
LYS HE3  H N N 225 
LYS HZ1  H N N 226 
LYS HZ2  H N N 227 
LYS HZ3  H N N 228 
LYS HXT  H N N 229 
MET N    N N N 230 
MET CA   C N S 231 
MET C    C N N 232 
MET O    O N N 233 
MET CB   C N N 234 
MET CG   C N N 235 
MET SD   S N N 236 
MET CE   C N N 237 
MET OXT  O N N 238 
MET H    H N N 239 
MET H2   H N N 240 
MET HA   H N N 241 
MET HB2  H N N 242 
MET HB3  H N N 243 
MET HG2  H N N 244 
MET HG3  H N N 245 
MET HE1  H N N 246 
MET HE2  H N N 247 
MET HE3  H N N 248 
MET HXT  H N N 249 
PHE N    N N N 250 
PHE CA   C N S 251 
PHE C    C N N 252 
PHE O    O N N 253 
PHE CB   C N N 254 
PHE CG   C Y N 255 
PHE CD1  C Y N 256 
PHE CD2  C Y N 257 
PHE CE1  C Y N 258 
PHE CE2  C Y N 259 
PHE CZ   C Y N 260 
PHE OXT  O N N 261 
PHE H    H N N 262 
PHE H2   H N N 263 
PHE HA   H N N 264 
PHE HB2  H N N 265 
PHE HB3  H N N 266 
PHE HD1  H N N 267 
PHE HD2  H N N 268 
PHE HE1  H N N 269 
PHE HE2  H N N 270 
PHE HZ   H N N 271 
PHE HXT  H N N 272 
PRO N    N N N 273 
PRO CA   C N S 274 
PRO C    C N N 275 
PRO O    O N N 276 
PRO CB   C N N 277 
PRO CG   C N N 278 
PRO CD   C N N 279 
PRO OXT  O N N 280 
PRO H    H N N 281 
PRO HA   H N N 282 
PRO HB2  H N N 283 
PRO HB3  H N N 284 
PRO HG2  H N N 285 
PRO HG3  H N N 286 
PRO HD2  H N N 287 
PRO HD3  H N N 288 
PRO HXT  H N N 289 
SER N    N N N 290 
SER CA   C N S 291 
SER C    C N N 292 
SER O    O N N 293 
SER CB   C N N 294 
SER OG   O N N 295 
SER OXT  O N N 296 
SER H    H N N 297 
SER H2   H N N 298 
SER HA   H N N 299 
SER HB2  H N N 300 
SER HB3  H N N 301 
SER HG   H N N 302 
SER HXT  H N N 303 
THR N    N N N 304 
THR CA   C N S 305 
THR C    C N N 306 
THR O    O N N 307 
THR CB   C N R 308 
THR OG1  O N N 309 
THR CG2  C N N 310 
THR OXT  O N N 311 
THR H    H N N 312 
THR H2   H N N 313 
THR HA   H N N 314 
THR HB   H N N 315 
THR HG1  H N N 316 
THR HG21 H N N 317 
THR HG22 H N N 318 
THR HG23 H N N 319 
THR HXT  H N N 320 
TYR N    N N N 321 
TYR CA   C N S 322 
TYR C    C N N 323 
TYR O    O N N 324 
TYR CB   C N N 325 
TYR CG   C Y N 326 
TYR CD1  C Y N 327 
TYR CD2  C Y N 328 
TYR CE1  C Y N 329 
TYR CE2  C Y N 330 
TYR CZ   C Y N 331 
TYR OH   O N N 332 
TYR OXT  O N N 333 
TYR H    H N N 334 
TYR H2   H N N 335 
TYR HA   H N N 336 
TYR HB2  H N N 337 
TYR HB3  H N N 338 
TYR HD1  H N N 339 
TYR HD2  H N N 340 
TYR HE1  H N N 341 
TYR HE2  H N N 342 
TYR HH   H N N 343 
TYR HXT  H N N 344 
VAL N    N N N 345 
VAL CA   C N S 346 
VAL C    C N N 347 
VAL O    O N N 348 
VAL CB   C N N 349 
VAL CG1  C N N 350 
VAL CG2  C N N 351 
VAL OXT  O N N 352 
VAL H    H N N 353 
VAL H2   H N N 354 
VAL HA   H N N 355 
VAL HB   H N N 356 
VAL HG11 H N N 357 
VAL HG12 H N N 358 
VAL HG13 H N N 359 
VAL HG21 H N N 360 
VAL HG22 H N N 361 
VAL HG23 H N N 362 
VAL HXT  H N N 363 
# 
loop_
_chem_comp_bond.comp_id 
_chem_comp_bond.atom_id_1 
_chem_comp_bond.atom_id_2 
_chem_comp_bond.value_order 
_chem_comp_bond.pdbx_aromatic_flag 
_chem_comp_bond.pdbx_stereo_config 
_chem_comp_bond.pdbx_ordinal 
ALA N   CA   sing N N 1   
ALA N   H    sing N N 2   
ALA N   H2   sing N N 3   
ALA CA  C    sing N N 4   
ALA CA  CB   sing N N 5   
ALA CA  HA   sing N N 6   
ALA C   O    doub N N 7   
ALA C   OXT  sing N N 8   
ALA CB  HB1  sing N N 9   
ALA CB  HB2  sing N N 10  
ALA CB  HB3  sing N N 11  
ALA OXT HXT  sing N N 12  
ARG N   CA   sing N N 13  
ARG N   H    sing N N 14  
ARG N   H2   sing N N 15  
ARG CA  C    sing N N 16  
ARG CA  CB   sing N N 17  
ARG CA  HA   sing N N 18  
ARG C   O    doub N N 19  
ARG C   OXT  sing N N 20  
ARG CB  CG   sing N N 21  
ARG CB  HB2  sing N N 22  
ARG CB  HB3  sing N N 23  
ARG CG  CD   sing N N 24  
ARG CG  HG2  sing N N 25  
ARG CG  HG3  sing N N 26  
ARG CD  NE   sing N N 27  
ARG CD  HD2  sing N N 28  
ARG CD  HD3  sing N N 29  
ARG NE  CZ   sing N N 30  
ARG NE  HE   sing N N 31  
ARG CZ  NH1  sing N N 32  
ARG CZ  NH2  doub N N 33  
ARG NH1 HH11 sing N N 34  
ARG NH1 HH12 sing N N 35  
ARG NH2 HH21 sing N N 36  
ARG NH2 HH22 sing N N 37  
ARG OXT HXT  sing N N 38  
ASN N   CA   sing N N 39  
ASN N   H    sing N N 40  
ASN N   H2   sing N N 41  
ASN CA  C    sing N N 42  
ASN CA  CB   sing N N 43  
ASN CA  HA   sing N N 44  
ASN C   O    doub N N 45  
ASN C   OXT  sing N N 46  
ASN CB  CG   sing N N 47  
ASN CB  HB2  sing N N 48  
ASN CB  HB3  sing N N 49  
ASN CG  OD1  doub N N 50  
ASN CG  ND2  sing N N 51  
ASN ND2 HD21 sing N N 52  
ASN ND2 HD22 sing N N 53  
ASN OXT HXT  sing N N 54  
ASP N   CA   sing N N 55  
ASP N   H    sing N N 56  
ASP N   H2   sing N N 57  
ASP CA  C    sing N N 58  
ASP CA  CB   sing N N 59  
ASP CA  HA   sing N N 60  
ASP C   O    doub N N 61  
ASP C   OXT  sing N N 62  
ASP CB  CG   sing N N 63  
ASP CB  HB2  sing N N 64  
ASP CB  HB3  sing N N 65  
ASP CG  OD1  doub N N 66  
ASP CG  OD2  sing N N 67  
ASP OD2 HD2  sing N N 68  
ASP OXT HXT  sing N N 69  
CYS N   CA   sing N N 70  
CYS N   H    sing N N 71  
CYS N   H2   sing N N 72  
CYS CA  C    sing N N 73  
CYS CA  CB   sing N N 74  
CYS CA  HA   sing N N 75  
CYS C   O    doub N N 76  
CYS C   OXT  sing N N 77  
CYS CB  SG   sing N N 78  
CYS CB  HB2  sing N N 79  
CYS CB  HB3  sing N N 80  
CYS SG  HG   sing N N 81  
CYS OXT HXT  sing N N 82  
GLN N   CA   sing N N 83  
GLN N   H    sing N N 84  
GLN N   H2   sing N N 85  
GLN CA  C    sing N N 86  
GLN CA  CB   sing N N 87  
GLN CA  HA   sing N N 88  
GLN C   O    doub N N 89  
GLN C   OXT  sing N N 90  
GLN CB  CG   sing N N 91  
GLN CB  HB2  sing N N 92  
GLN CB  HB3  sing N N 93  
GLN CG  CD   sing N N 94  
GLN CG  HG2  sing N N 95  
GLN CG  HG3  sing N N 96  
GLN CD  OE1  doub N N 97  
GLN CD  NE2  sing N N 98  
GLN NE2 HE21 sing N N 99  
GLN NE2 HE22 sing N N 100 
GLN OXT HXT  sing N N 101 
GLU N   CA   sing N N 102 
GLU N   H    sing N N 103 
GLU N   H2   sing N N 104 
GLU CA  C    sing N N 105 
GLU CA  CB   sing N N 106 
GLU CA  HA   sing N N 107 
GLU C   O    doub N N 108 
GLU C   OXT  sing N N 109 
GLU CB  CG   sing N N 110 
GLU CB  HB2  sing N N 111 
GLU CB  HB3  sing N N 112 
GLU CG  CD   sing N N 113 
GLU CG  HG2  sing N N 114 
GLU CG  HG3  sing N N 115 
GLU CD  OE1  doub N N 116 
GLU CD  OE2  sing N N 117 
GLU OE2 HE2  sing N N 118 
GLU OXT HXT  sing N N 119 
GLY N   CA   sing N N 120 
GLY N   H    sing N N 121 
GLY N   H2   sing N N 122 
GLY CA  C    sing N N 123 
GLY CA  HA2  sing N N 124 
GLY CA  HA3  sing N N 125 
GLY C   O    doub N N 126 
GLY C   OXT  sing N N 127 
GLY OXT HXT  sing N N 128 
HIS N   CA   sing N N 129 
HIS N   H    sing N N 130 
HIS N   H2   sing N N 131 
HIS CA  C    sing N N 132 
HIS CA  CB   sing N N 133 
HIS CA  HA   sing N N 134 
HIS C   O    doub N N 135 
HIS C   OXT  sing N N 136 
HIS CB  CG   sing N N 137 
HIS CB  HB2  sing N N 138 
HIS CB  HB3  sing N N 139 
HIS CG  ND1  sing Y N 140 
HIS CG  CD2  doub Y N 141 
HIS ND1 CE1  doub Y N 142 
HIS ND1 HD1  sing N N 143 
HIS CD2 NE2  sing Y N 144 
HIS CD2 HD2  sing N N 145 
HIS CE1 NE2  sing Y N 146 
HIS CE1 HE1  sing N N 147 
HIS NE2 HE2  sing N N 148 
HIS OXT HXT  sing N N 149 
HOH O   H1   sing N N 150 
HOH O   H2   sing N N 151 
ILE N   CA   sing N N 152 
ILE N   H    sing N N 153 
ILE N   H2   sing N N 154 
ILE CA  C    sing N N 155 
ILE CA  CB   sing N N 156 
ILE CA  HA   sing N N 157 
ILE C   O    doub N N 158 
ILE C   OXT  sing N N 159 
ILE CB  CG1  sing N N 160 
ILE CB  CG2  sing N N 161 
ILE CB  HB   sing N N 162 
ILE CG1 CD1  sing N N 163 
ILE CG1 HG12 sing N N 164 
ILE CG1 HG13 sing N N 165 
ILE CG2 HG21 sing N N 166 
ILE CG2 HG22 sing N N 167 
ILE CG2 HG23 sing N N 168 
ILE CD1 HD11 sing N N 169 
ILE CD1 HD12 sing N N 170 
ILE CD1 HD13 sing N N 171 
ILE OXT HXT  sing N N 172 
LEU N   CA   sing N N 173 
LEU N   H    sing N N 174 
LEU N   H2   sing N N 175 
LEU CA  C    sing N N 176 
LEU CA  CB   sing N N 177 
LEU CA  HA   sing N N 178 
LEU C   O    doub N N 179 
LEU C   OXT  sing N N 180 
LEU CB  CG   sing N N 181 
LEU CB  HB2  sing N N 182 
LEU CB  HB3  sing N N 183 
LEU CG  CD1  sing N N 184 
LEU CG  CD2  sing N N 185 
LEU CG  HG   sing N N 186 
LEU CD1 HD11 sing N N 187 
LEU CD1 HD12 sing N N 188 
LEU CD1 HD13 sing N N 189 
LEU CD2 HD21 sing N N 190 
LEU CD2 HD22 sing N N 191 
LEU CD2 HD23 sing N N 192 
LEU OXT HXT  sing N N 193 
LYS N   CA   sing N N 194 
LYS N   H    sing N N 195 
LYS N   H2   sing N N 196 
LYS CA  C    sing N N 197 
LYS CA  CB   sing N N 198 
LYS CA  HA   sing N N 199 
LYS C   O    doub N N 200 
LYS C   OXT  sing N N 201 
LYS CB  CG   sing N N 202 
LYS CB  HB2  sing N N 203 
LYS CB  HB3  sing N N 204 
LYS CG  CD   sing N N 205 
LYS CG  HG2  sing N N 206 
LYS CG  HG3  sing N N 207 
LYS CD  CE   sing N N 208 
LYS CD  HD2  sing N N 209 
LYS CD  HD3  sing N N 210 
LYS CE  NZ   sing N N 211 
LYS CE  HE2  sing N N 212 
LYS CE  HE3  sing N N 213 
LYS NZ  HZ1  sing N N 214 
LYS NZ  HZ2  sing N N 215 
LYS NZ  HZ3  sing N N 216 
LYS OXT HXT  sing N N 217 
MET N   CA   sing N N 218 
MET N   H    sing N N 219 
MET N   H2   sing N N 220 
MET CA  C    sing N N 221 
MET CA  CB   sing N N 222 
MET CA  HA   sing N N 223 
MET C   O    doub N N 224 
MET C   OXT  sing N N 225 
MET CB  CG   sing N N 226 
MET CB  HB2  sing N N 227 
MET CB  HB3  sing N N 228 
MET CG  SD   sing N N 229 
MET CG  HG2  sing N N 230 
MET CG  HG3  sing N N 231 
MET SD  CE   sing N N 232 
MET CE  HE1  sing N N 233 
MET CE  HE2  sing N N 234 
MET CE  HE3  sing N N 235 
MET OXT HXT  sing N N 236 
PHE N   CA   sing N N 237 
PHE N   H    sing N N 238 
PHE N   H2   sing N N 239 
PHE CA  C    sing N N 240 
PHE CA  CB   sing N N 241 
PHE CA  HA   sing N N 242 
PHE C   O    doub N N 243 
PHE C   OXT  sing N N 244 
PHE CB  CG   sing N N 245 
PHE CB  HB2  sing N N 246 
PHE CB  HB3  sing N N 247 
PHE CG  CD1  doub Y N 248 
PHE CG  CD2  sing Y N 249 
PHE CD1 CE1  sing Y N 250 
PHE CD1 HD1  sing N N 251 
PHE CD2 CE2  doub Y N 252 
PHE CD2 HD2  sing N N 253 
PHE CE1 CZ   doub Y N 254 
PHE CE1 HE1  sing N N 255 
PHE CE2 CZ   sing Y N 256 
PHE CE2 HE2  sing N N 257 
PHE CZ  HZ   sing N N 258 
PHE OXT HXT  sing N N 259 
PRO N   CA   sing N N 260 
PRO N   CD   sing N N 261 
PRO N   H    sing N N 262 
PRO CA  C    sing N N 263 
PRO CA  CB   sing N N 264 
PRO CA  HA   sing N N 265 
PRO C   O    doub N N 266 
PRO C   OXT  sing N N 267 
PRO CB  CG   sing N N 268 
PRO CB  HB2  sing N N 269 
PRO CB  HB3  sing N N 270 
PRO CG  CD   sing N N 271 
PRO CG  HG2  sing N N 272 
PRO CG  HG3  sing N N 273 
PRO CD  HD2  sing N N 274 
PRO CD  HD3  sing N N 275 
PRO OXT HXT  sing N N 276 
SER N   CA   sing N N 277 
SER N   H    sing N N 278 
SER N   H2   sing N N 279 
SER CA  C    sing N N 280 
SER CA  CB   sing N N 281 
SER CA  HA   sing N N 282 
SER C   O    doub N N 283 
SER C   OXT  sing N N 284 
SER CB  OG   sing N N 285 
SER CB  HB2  sing N N 286 
SER CB  HB3  sing N N 287 
SER OG  HG   sing N N 288 
SER OXT HXT  sing N N 289 
THR N   CA   sing N N 290 
THR N   H    sing N N 291 
THR N   H2   sing N N 292 
THR CA  C    sing N N 293 
THR CA  CB   sing N N 294 
THR CA  HA   sing N N 295 
THR C   O    doub N N 296 
THR C   OXT  sing N N 297 
THR CB  OG1  sing N N 298 
THR CB  CG2  sing N N 299 
THR CB  HB   sing N N 300 
THR OG1 HG1  sing N N 301 
THR CG2 HG21 sing N N 302 
THR CG2 HG22 sing N N 303 
THR CG2 HG23 sing N N 304 
THR OXT HXT  sing N N 305 
TYR N   CA   sing N N 306 
TYR N   H    sing N N 307 
TYR N   H2   sing N N 308 
TYR CA  C    sing N N 309 
TYR CA  CB   sing N N 310 
TYR CA  HA   sing N N 311 
TYR C   O    doub N N 312 
TYR C   OXT  sing N N 313 
TYR CB  CG   sing N N 314 
TYR CB  HB2  sing N N 315 
TYR CB  HB3  sing N N 316 
TYR CG  CD1  doub Y N 317 
TYR CG  CD2  sing Y N 318 
TYR CD1 CE1  sing Y N 319 
TYR CD1 HD1  sing N N 320 
TYR CD2 CE2  doub Y N 321 
TYR CD2 HD2  sing N N 322 
TYR CE1 CZ   doub Y N 323 
TYR CE1 HE1  sing N N 324 
TYR CE2 CZ   sing Y N 325 
TYR CE2 HE2  sing N N 326 
TYR CZ  OH   sing N N 327 
TYR OH  HH   sing N N 328 
TYR OXT HXT  sing N N 329 
VAL N   CA   sing N N 330 
VAL N   H    sing N N 331 
VAL N   H2   sing N N 332 
VAL CA  C    sing N N 333 
VAL CA  CB   sing N N 334 
VAL CA  HA   sing N N 335 
VAL C   O    doub N N 336 
VAL C   OXT  sing N N 337 
VAL CB  CG1  sing N N 338 
VAL CB  CG2  sing N N 339 
VAL CB  HB   sing N N 340 
VAL CG1 HG11 sing N N 341 
VAL CG1 HG12 sing N N 342 
VAL CG1 HG13 sing N N 343 
VAL CG2 HG21 sing N N 344 
VAL CG2 HG22 sing N N 345 
VAL CG2 HG23 sing N N 346 
VAL OXT HXT  sing N N 347 
# 
_atom_sites.entry_id                    3HAK 
_atom_sites.fract_transf_matrix[1][1]   0.00622547 
_atom_sites.fract_transf_matrix[1][2]   0.01721305 
_atom_sites.fract_transf_matrix[1][3]   -0.02475094 
_atom_sites.fract_transf_matrix[2][1]   -0.00465123 
_atom_sites.fract_transf_matrix[2][2]   -0.01571414 
_atom_sites.fract_transf_matrix[2][3]   -0.01209830 
_atom_sites.fract_transf_matrix[3][1]   -0.01674131 
_atom_sites.fract_transf_matrix[3][2]   0.00533870 
_atom_sites.fract_transf_matrix[3][3]   -0.00049804 
_atom_sites.fract_transf_vector[1]      0.212245 
_atom_sites.fract_transf_vector[2]      0.371470 
_atom_sites.fract_transf_vector[3]      0.341273 
# 
loop_
_atom_type.symbol 
C 
N 
O 
S 
# 
loop_
_atom_site.group_PDB 
_atom_site.id 
_atom_site.type_symbol 
_atom_site.label_atom_id 
_atom_site.label_alt_id 
_atom_site.label_comp_id 
_atom_site.label_asym_id 
_atom_site.label_entity_id 
_atom_site.label_seq_id 
_atom_site.pdbx_PDB_ins_code 
_atom_site.Cartn_x 
_atom_site.Cartn_y 
_atom_site.Cartn_z 
_atom_site.occupancy 
_atom_site.B_iso_or_equiv 
_atom_site.pdbx_formal_charge 
_atom_site.auth_seq_id 
_atom_site.auth_comp_id 
_atom_site.auth_asym_id 
_atom_site.auth_atom_id 
_atom_site.pdbx_PDB_model_num 
ATOM   1    N N   . LEU A 1 1   ? 15.383  14.846  3.133   1.00 22.93 ? 125 LEU A N   1 
ATOM   2    C CA  . LEU A 1 1   ? 14.160  15.693  3.157   1.00 21.77 ? 125 LEU A CA  1 
ATOM   3    C C   . LEU A 1 1   ? 13.114  15.117  2.191   1.00 21.07 ? 125 LEU A C   1 
ATOM   4    O O   . LEU A 1 1   ? 11.899  15.115  2.462   1.00 21.50 ? 125 LEU A O   1 
ATOM   5    C CB  . LEU A 1 1   ? 14.534  17.135  2.751   1.00 22.25 ? 125 LEU A CB  1 
ATOM   6    C CG  . LEU A 1 1   ? 13.341  18.072  2.582   1.00 22.44 ? 125 LEU A CG  1 
ATOM   7    C CD1 . LEU A 1 1   ? 12.596  18.184  3.896   1.00 27.22 ? 125 LEU A CD1 1 
ATOM   8    C CD2 . LEU A 1 1   ? 13.839  19.421  2.129   1.00 24.94 ? 125 LEU A CD2 1 
ATOM   9    N N   . GLY A 1 2   ? 13.581  14.622  1.051   1.00 20.15 ? 126 GLY A N   1 
ATOM   10   C CA  . GLY A 1 2   ? 12.673  14.161  0.029   1.00 19.63 ? 126 GLY A CA  1 
ATOM   11   C C   . GLY A 1 2   ? 12.517  12.654  0.073   1.00 20.10 ? 126 GLY A C   1 
ATOM   12   O O   . GLY A 1 2   ? 11.992  12.066  -0.860  1.00 20.74 ? 126 GLY A O   1 
ATOM   13   N N   . GLY A 1 3   ? 12.983  12.038  1.160   1.00 19.39 ? 127 GLY A N   1 
ATOM   14   C CA  . GLY A 1 3   ? 13.018  10.563  1.249   1.00 18.80 ? 127 GLY A CA  1 
ATOM   15   C C   . GLY A 1 3   ? 11.689  9.947   1.660   1.00 18.41 ? 127 GLY A C   1 
ATOM   16   O O   . GLY A 1 3   ? 10.743  10.648  1.989   1.00 19.53 ? 127 GLY A O   1 
ATOM   17   N N   . TYR A 1 4   ? 11.617  8.624   1.629   1.00 17.84 ? 128 TYR A N   1 
ATOM   18   C CA  . TYR A 1 4   ? 10.434  7.904   2.117   1.00 16.76 ? 128 TYR A CA  1 
ATOM   19   C C   . TYR A 1 4   ? 10.627  7.408   3.547   1.00 15.48 ? 128 TYR A C   1 
ATOM   20   O O   . TYR A 1 4   ? 11.763  7.162   3.969   1.00 15.59 ? 128 TYR A O   1 
ATOM   21   C CB  . TYR A 1 4   ? 10.152  6.712   1.227   1.00 16.48 ? 128 TYR A CB  1 
ATOM   22   C CG  . TYR A 1 4   ? 9.586   7.090   -0.112  1.00 17.74 ? 128 TYR A CG  1 
ATOM   23   C CD1 . TYR A 1 4   ? 10.416  7.570   -1.130  1.00 19.28 ? 128 TYR A CD1 1 
ATOM   24   C CD2 . TYR A 1 4   ? 8.222   6.985   -0.367  1.00 17.64 ? 128 TYR A CD2 1 
ATOM   25   C CE1 . TYR A 1 4   ? 9.907   7.927   -2.363  1.00 20.84 ? 128 TYR A CE1 1 
ATOM   26   C CE2 . TYR A 1 4   ? 7.691   7.334   -1.639  1.00 17.49 ? 128 TYR A CE2 1 
ATOM   27   C CZ  . TYR A 1 4   ? 8.547   7.810   -2.615  1.00 18.54 ? 128 TYR A CZ  1 
ATOM   28   O OH  . TYR A 1 4   ? 8.062   8.152   -3.867  1.00 17.37 ? 128 TYR A OH  1 
ATOM   29   N N   . VAL A 1 5   ? 9.528   7.275   4.285   1.00 14.05 ? 129 VAL A N   1 
ATOM   30   C CA  . VAL A 1 5   ? 9.542   6.689   5.612   1.00 13.96 ? 129 VAL A CA  1 
ATOM   31   C C   . VAL A 1 5   ? 8.382   5.710   5.688   1.00 13.13 ? 129 VAL A C   1 
ATOM   32   O O   . VAL A 1 5   ? 7.509   5.709   4.826   1.00 13.15 ? 129 VAL A O   1 
ATOM   33   C CB  . VAL A 1 5   ? 9.409   7.730   6.757   1.00 13.53 ? 129 VAL A CB  1 
ATOM   34   C CG1 . VAL A 1 5   ? 10.688  8.625   6.823   1.00 17.06 ? 129 VAL A CG1 1 
ATOM   35   C CG2 . VAL A 1 5   ? 8.128   8.576   6.607   1.00 14.84 ? 129 VAL A CG2 1 
ATOM   36   N N   . LEU A 1 6   ? 8.390   4.861   6.709   1.00 12.86 ? 130 LEU A N   1 
ATOM   37   C CA  . LEU A 1 6   ? 7.256   3.946   6.923   1.00 12.59 ? 130 LEU A CA  1 
ATOM   38   C C   . LEU A 1 6   ? 6.203   4.542   7.836   1.00 12.91 ? 130 LEU A C   1 
ATOM   39   O O   . LEU A 1 6   ? 6.535   5.157   8.853   1.00 13.12 ? 130 LEU A O   1 
ATOM   40   C CB  . LEU A 1 6   ? 7.722   2.615   7.513   1.00 13.23 ? 130 LEU A CB  1 
ATOM   41   C CG  . LEU A 1 6   ? 8.251   1.536   6.563   1.00 15.21 ? 130 LEU A CG  1 
ATOM   42   C CD1 . LEU A 1 6   ? 8.745   0.331   7.365   1.00 17.17 ? 130 LEU A CD1 1 
ATOM   43   C CD2 . LEU A 1 6   ? 7.185   1.112   5.536   1.00 12.53 ? 130 LEU A CD2 1 
ATOM   44   N N   . GLY A 1 7   ? 4.927   4.357   7.491   1.00 12.87 ? 131 GLY A N   1 
ATOM   45   C CA  . GLY A 1 7   ? 3.857   4.728   8.418   1.00 14.43 ? 131 GLY A CA  1 
ATOM   46   C C   . GLY A 1 7   ? 3.545   3.630   9.426   1.00 15.64 ? 131 GLY A C   1 
ATOM   47   O O   . GLY A 1 7   ? 4.186   2.578   9.443   1.00 16.88 ? 131 GLY A O   1 
ATOM   48   N N   . SER A 1 8   ? 2.567   3.856   10.285  1.00 17.05 ? 132 SER A N   1 
ATOM   49   C CA  . SER A 1 8   ? 2.271   2.851   11.273  1.00 17.96 ? 132 SER A CA  1 
ATOM   50   C C   . SER A 1 8   ? 1.681   1.593   10.657  1.00 18.85 ? 132 SER A C   1 
ATOM   51   O O   . SER A 1 8   ? 1.014   1.635   9.606   1.00 17.60 ? 132 SER A O   1 
ATOM   52   C CB  . SER A 1 8   ? 1.358   3.394   12.380  1.00 19.08 ? 132 SER A CB  1 
ATOM   53   O OG  . SER A 1 8   ? 0.142   3.826   11.839  1.00 20.59 ? 132 SER A OG  1 
ATOM   54   N N   . ALA A 1 9   ? 1.951   0.469   11.308  1.00 19.91 ? 133 ALA A N   1 
ATOM   55   C CA  . ALA A 1 9   ? 1.410   -0.806  10.875  1.00 21.92 ? 133 ALA A CA  1 
ATOM   56   C C   . ALA A 1 9   ? -0.092  -0.770  11.029  1.00 22.44 ? 133 ALA A C   1 
ATOM   57   O O   . ALA A 1 9   ? -0.612  -0.269  12.035  1.00 23.94 ? 133 ALA A O   1 
ATOM   58   C CB  . ALA A 1 9   ? 1.999   -1.946  11.685  1.00 22.28 ? 133 ALA A CB  1 
ATOM   59   N N   . MET A 1 10  ? -0.783  -1.330  10.043  1.00 22.05 ? 134 MET A N   1 
ATOM   60   C CA  . MET A 1 10  ? -2.228  -1.319  10.004  1.00 22.91 ? 134 MET A CA  1 
ATOM   61   C C   . MET A 1 10  ? -2.800  -2.722  10.155  1.00 23.35 ? 134 MET A C   1 
ATOM   62   O O   . MET A 1 10  ? -2.198  -3.689  9.707   1.00 22.55 ? 134 MET A O   1 
ATOM   63   C CB  . MET A 1 10  ? -2.676  -0.739  8.682   1.00 22.28 ? 134 MET A CB  1 
ATOM   64   C CG  . MET A 1 10  ? -2.298  0.724   8.548   1.00 22.87 ? 134 MET A CG  1 
ATOM   65   S SD  . MET A 1 10  ? -2.799  1.372   6.964   1.00 23.89 ? 134 MET A SD  1 
ATOM   66   C CE  . MET A 1 10  ? -2.047  3.002   7.045   1.00 20.54 ? 134 MET A CE  1 
ATOM   67   N N   . SER A 1 11  ? -3.957  -2.841  10.790  1.00 24.00 ? 135 SER A N   1 
ATOM   68   C CA  . SER A 1 11  ? -4.656  -4.116  10.731  1.00 25.70 ? 135 SER A CA  1 
ATOM   69   C C   . SER A 1 11  ? -5.242  -4.277  9.327   1.00 26.05 ? 135 SER A C   1 
ATOM   70   O O   . SER A 1 11  ? -5.432  -3.291  8.596   1.00 25.11 ? 135 SER A O   1 
ATOM   71   C CB  . SER A 1 11  ? -5.758  -4.210  11.787  1.00 26.44 ? 135 SER A CB  1 
ATOM   72   O OG  . SER A 1 11  ? -6.789  -3.278  11.495  1.00 29.98 ? 135 SER A OG  1 
ATOM   73   N N   . ARG A 1 12  ? -5.529  -5.525  8.965   1.00 26.18 ? 136 ARG A N   1 
ATOM   74   C CA  A ARG A 1 12  ? -6.037  -5.877  7.633   0.50 25.90 ? 136 ARG A CA  1 
ATOM   75   C CA  B ARG A 1 12  ? -6.037  -5.846  7.634   0.50 25.89 ? 136 ARG A CA  1 
ATOM   76   C C   . ARG A 1 12  ? -7.330  -5.131  7.305   1.00 24.55 ? 136 ARG A C   1 
ATOM   77   O O   . ARG A 1 12  ? -8.368  -5.316  7.974   1.00 26.32 ? 136 ARG A O   1 
ATOM   78   C CB  A ARG A 1 12  ? -6.214  -7.409  7.497   0.50 26.23 ? 136 ARG A CB  1 
ATOM   79   C CB  B ARG A 1 12  ? -6.168  -7.360  7.446   0.50 26.23 ? 136 ARG A CB  1 
ATOM   80   C CG  A ARG A 1 12  ? -4.891  -8.240  7.549   0.50 27.67 ? 136 ARG A CG  1 
ATOM   81   C CG  B ARG A 1 12  ? -4.810  -8.030  7.283   0.50 27.57 ? 136 ARG A CG  1 
ATOM   82   C CD  A ARG A 1 12  ? -4.116  -8.301  6.191   0.50 27.31 ? 136 ARG A CD  1 
ATOM   83   C CD  B ARG A 1 12  ? -3.835  -7.135  6.494   0.50 26.59 ? 136 ARG A CD  1 
ATOM   84   N NE  A ARG A 1 12  ? -2.748  -8.825  6.347   0.50 25.57 ? 136 ARG A NE  1 
ATOM   85   N NE  B ARG A 1 12  ? -3.929  -7.330  5.049   0.50 25.85 ? 136 ARG A NE  1 
ATOM   86   C CZ  A ARG A 1 12  ? -1.682  -8.420  5.645   0.50 23.36 ? 136 ARG A CZ  1 
ATOM   87   C CZ  B ARG A 1 12  ? -3.120  -6.754  4.168   0.50 25.14 ? 136 ARG A CZ  1 
ATOM   88   N NH1 A ARG A 1 12  ? -0.493  -8.948  5.880   0.50 20.98 ? 136 ARG A NH1 1 
ATOM   89   N NH1 B ARG A 1 12  ? -3.272  -6.983  2.872   0.50 24.73 ? 136 ARG A NH1 1 
ATOM   90   N NH2 A ARG A 1 12  ? -1.794  -7.484  4.718   0.50 23.61 ? 136 ARG A NH2 1 
ATOM   91   N NH2 B ARG A 1 12  ? -2.152  -5.948  4.594   0.50 25.45 ? 136 ARG A NH2 1 
ATOM   92   N N   . PRO A 1 13  ? -7.283  -4.262  6.294   1.00 23.00 ? 137 PRO A N   1 
ATOM   93   C CA  . PRO A 1 13  ? -8.536  -3.622  6.014   1.00 20.74 ? 137 PRO A CA  1 
ATOM   94   C C   . PRO A 1 13  ? -9.413  -4.547  5.201   1.00 18.45 ? 137 PRO A C   1 
ATOM   95   O O   . PRO A 1 13  ? -8.938  -5.501  4.594   1.00 16.96 ? 137 PRO A O   1 
ATOM   96   C CB  . PRO A 1 13  ? -8.135  -2.420  5.156   1.00 21.78 ? 137 PRO A CB  1 
ATOM   97   C CG  . PRO A 1 13  ? -6.885  -2.806  4.525   1.00 21.94 ? 137 PRO A CG  1 
ATOM   98   C CD  . PRO A 1 13  ? -6.183  -3.695  5.506   1.00 22.90 ? 137 PRO A CD  1 
ATOM   99   N N   . ILE A 1 14  ? -10.700 -4.255  5.219   1.00 16.72 ? 138 ILE A N   1 
ATOM   100  C CA  . ILE A 1 14  ? -11.658 -4.943  4.410   1.00 15.63 ? 138 ILE A CA  1 
ATOM   101  C C   . ILE A 1 14  ? -11.495 -4.400  3.017   1.00 15.29 ? 138 ILE A C   1 
ATOM   102  O O   . ILE A 1 14  ? -11.590 -3.187  2.808   1.00 15.44 ? 138 ILE A O   1 
ATOM   103  C CB  . ILE A 1 14  ? -13.084 -4.636  4.915   1.00 15.38 ? 138 ILE A CB  1 
ATOM   104  C CG1 . ILE A 1 14  ? -13.247 -5.151  6.341   1.00 16.57 ? 138 ILE A CG1 1 
ATOM   105  C CG2 . ILE A 1 14  ? -14.117 -5.227  3.969   1.00 16.28 ? 138 ILE A CG2 1 
ATOM   106  C CD1 . ILE A 1 14  ? -14.575 -4.723  6.987   1.00 17.29 ? 138 ILE A CD1 1 
ATOM   107  N N   . ILE A 1 15  ? -11.234 -5.282  2.065   1.00 16.15 ? 139 ILE A N   1 
ATOM   108  C CA  . ILE A 1 15  ? -11.038 -4.880  0.672   1.00 16.99 ? 139 ILE A CA  1 
ATOM   109  C C   . ILE A 1 15  ? -11.945 -5.789  -0.184  1.00 16.85 ? 139 ILE A C   1 
ATOM   110  O O   . ILE A 1 15  ? -11.829 -7.014  -0.114  1.00 17.00 ? 139 ILE A O   1 
ATOM   111  C CB  . ILE A 1 15  ? -9.563  -5.053  0.195   1.00 18.10 ? 139 ILE A CB  1 
ATOM   112  C CG1 . ILE A 1 15  ? -8.565  -4.215  0.999   1.00 18.64 ? 139 ILE A CG1 1 
ATOM   113  C CG2 . ILE A 1 15  ? -9.424  -4.683  -1.306  1.00 17.84 ? 139 ILE A CG2 1 
ATOM   114  C CD1 . ILE A 1 15  ? -8.642  -2.705  0.708   1.00 19.62 ? 139 ILE A CD1 1 
ATOM   115  N N   . HIS A 1 16  ? -12.868 -5.194  -0.943  1.00 15.49 ? 140 HIS A N   1 
ATOM   116  C CA  . HIS A 1 16  ? -13.781 -5.942  -1.802  1.00 15.81 ? 140 HIS A CA  1 
ATOM   117  C C   . HIS A 1 16  ? -13.323 -5.965  -3.277  1.00 16.22 ? 140 HIS A C   1 
ATOM   118  O O   . HIS A 1 16  ? -12.921 -4.943  -3.806  1.00 15.95 ? 140 HIS A O   1 
ATOM   119  C CB  . HIS A 1 16  ? -15.205 -5.356  -1.726  1.00 15.96 ? 140 HIS A CB  1 
ATOM   120  C CG  . HIS A 1 16  ? -15.898 -5.587  -0.416  1.00 16.17 ? 140 HIS A CG  1 
ATOM   121  N ND1 . HIS A 1 16  ? -16.665 -6.706  -0.172  1.00 17.86 ? 140 HIS A ND1 1 
ATOM   122  C CD2 . HIS A 1 16  ? -15.942 -4.842  0.718   1.00 17.03 ? 140 HIS A CD2 1 
ATOM   123  C CE1 . HIS A 1 16  ? -17.163 -6.635  1.055   1.00 17.37 ? 140 HIS A CE1 1 
ATOM   124  N NE2 . HIS A 1 16  ? -16.731 -5.521  1.617   1.00 19.84 ? 140 HIS A NE2 1 
ATOM   125  N N   . PHE A 1 17  ? -13.410 -7.125  -3.926  1.00 17.35 ? 141 PHE A N   1 
ATOM   126  C CA  . PHE A 1 17  ? -13.086 -7.235  -5.356  1.00 18.14 ? 141 PHE A CA  1 
ATOM   127  C C   . PHE A 1 17  ? -14.348 -7.499  -6.167  1.00 19.51 ? 141 PHE A C   1 
ATOM   128  O O   . PHE A 1 17  ? -15.422 -7.659  -5.602  1.00 20.42 ? 141 PHE A O   1 
ATOM   129  C CB  . PHE A 1 17  ? -12.033 -8.327  -5.587  1.00 17.72 ? 141 PHE A CB  1 
ATOM   130  C CG  . PHE A 1 17  ? -10.708 -7.980  -5.020  1.00 16.80 ? 141 PHE A CG  1 
ATOM   131  C CD1 . PHE A 1 17  ? -10.438 -8.219  -3.679  1.00 19.18 ? 141 PHE A CD1 1 
ATOM   132  C CD2 . PHE A 1 17  ? -9.750  -7.337  -5.801  1.00 18.10 ? 141 PHE A CD2 1 
ATOM   133  C CE1 . PHE A 1 17  ? -9.210  -7.837  -3.134  1.00 19.64 ? 141 PHE A CE1 1 
ATOM   134  C CE2 . PHE A 1 17  ? -8.517  -6.970  -5.274  1.00 18.22 ? 141 PHE A CE2 1 
ATOM   135  C CZ  . PHE A 1 17  ? -8.245  -7.221  -3.929  1.00 18.02 ? 141 PHE A CZ  1 
ATOM   136  N N   . GLY A 1 18  ? -14.208 -7.581  -7.485  1.00 20.74 ? 142 GLY A N   1 
ATOM   137  C CA  . GLY A 1 18  ? -15.362 -7.805  -8.375  1.00 23.48 ? 142 GLY A CA  1 
ATOM   138  C C   . GLY A 1 18  ? -15.930 -9.223  -8.431  1.00 24.92 ? 142 GLY A C   1 
ATOM   139  O O   . GLY A 1 18  ? -17.040 -9.438  -8.927  1.00 26.12 ? 142 GLY A O   1 
ATOM   140  N N   . SER A 1 19  ? -15.204 -10.209 -7.920  1.00 26.22 ? 143 SER A N   1 
ATOM   141  C CA  . SER A 1 19  ? -15.668 -11.590 -8.045  1.00 26.90 ? 143 SER A CA  1 
ATOM   142  C C   . SER A 1 19  ? -15.404 -12.428 -6.807  1.00 27.50 ? 143 SER A C   1 
ATOM   143  O O   . SER A 1 19  ? -14.506 -12.120 -6.010  1.00 27.03 ? 143 SER A O   1 
ATOM   144  C CB  . SER A 1 19  ? -14.967 -12.242 -9.225  1.00 27.83 ? 143 SER A CB  1 
ATOM   145  O OG  . SER A 1 19  ? -13.588 -12.404 -8.917  1.00 28.98 ? 143 SER A OG  1 
ATOM   146  N N   . ASP A 1 20  ? -16.196 -13.491 -6.664  1.00 27.79 ? 144 ASP A N   1 
ATOM   147  C CA  . ASP A 1 20  ? -16.023 -14.493 -5.630  1.00 28.95 ? 144 ASP A CA  1 
ATOM   148  C C   . ASP A 1 20  ? -14.621 -15.058 -5.721  1.00 27.72 ? 144 ASP A C   1 
ATOM   149  O O   . ASP A 1 20  ? -13.926 -15.185 -4.704  1.00 27.39 ? 144 ASP A O   1 
ATOM   150  C CB  . ASP A 1 20  ? -17.012 -15.650 -5.834  1.00 29.47 ? 144 ASP A CB  1 
ATOM   151  C CG  . ASP A 1 20  ? -18.371 -15.390 -5.214  1.00 34.13 ? 144 ASP A CG  1 
ATOM   152  O OD1 . ASP A 1 20  ? -18.467 -14.589 -4.257  1.00 38.77 ? 144 ASP A OD1 1 
ATOM   153  O OD2 . ASP A 1 20  ? -19.356 -16.016 -5.676  1.00 38.67 ? 144 ASP A OD2 1 
ATOM   154  N N   . TYR A 1 21  ? -14.198 -15.419 -6.933  1.00 26.94 ? 145 TYR A N   1 
ATOM   155  C CA  . TYR A 1 21  ? -12.846 -15.961 -7.112  1.00 26.28 ? 145 TYR A CA  1 
ATOM   156  C C   . TYR A 1 21  ? -11.763 -15.026 -6.551  1.00 24.55 ? 145 TYR A C   1 
ATOM   157  O O   . TYR A 1 21  ? -10.852 -15.464 -5.852  1.00 24.61 ? 145 TYR A O   1 
ATOM   158  C CB  . TYR A 1 21  ? -12.514 -16.285 -8.583  1.00 27.72 ? 145 TYR A CB  1 
ATOM   159  C CG  . TYR A 1 21  ? -11.007 -16.445 -8.752  1.00 30.16 ? 145 TYR A CG  1 
ATOM   160  C CD1 . TYR A 1 21  ? -10.364 -17.627 -8.391  1.00 31.97 ? 145 TYR A CD1 1 
ATOM   161  C CD2 . TYR A 1 21  ? -10.222 -15.390 -9.200  1.00 33.43 ? 145 TYR A CD2 1 
ATOM   162  C CE1 . TYR A 1 21  ? -8.979  -17.764 -8.508  1.00 33.79 ? 145 TYR A CE1 1 
ATOM   163  C CE2 . TYR A 1 21  ? -8.841  -15.515 -9.315  1.00 35.12 ? 145 TYR A CE2 1 
ATOM   164  C CZ  . TYR A 1 21  ? -8.228  -16.700 -8.975  1.00 35.51 ? 145 TYR A CZ  1 
ATOM   165  O OH  . TYR A 1 21  ? -6.858  -16.800 -9.098  1.00 36.87 ? 145 TYR A OH  1 
ATOM   166  N N   . GLU A 1 22  ? -11.859 -13.743 -6.847  1.00 21.95 ? 146 GLU A N   1 
ATOM   167  C CA  . GLU A 1 22  ? -10.873 -12.798 -6.346  1.00 20.76 ? 146 GLU A CA  1 
ATOM   168  C C   . GLU A 1 22  ? -10.925 -12.629 -4.842  1.00 19.01 ? 146 GLU A C   1 
ATOM   169  O O   . GLU A 1 22  ? -9.888  -12.544 -4.183  1.00 18.07 ? 146 GLU A O   1 
ATOM   170  C CB  . GLU A 1 22  ? -11.044 -11.442 -7.003  1.00 20.72 ? 146 GLU A CB  1 
ATOM   171  C CG  . GLU A 1 22  ? -10.725 -11.430 -8.466  1.00 23.96 ? 146 GLU A CG  1 
ATOM   172  C CD  . GLU A 1 22  ? -11.160 -10.129 -9.071  1.00 28.24 ? 146 GLU A CD  1 
ATOM   173  O OE1 . GLU A 1 22  ? -12.384 -9.958  -9.264  1.00 30.01 ? 146 GLU A OE1 1 
ATOM   174  O OE2 . GLU A 1 22  ? -10.281 -9.279  -9.317  1.00 29.29 ? 146 GLU A OE2 1 
ATOM   175  N N   . ASP A 1 23  ? -12.121 -12.530 -4.289  1.00 17.65 ? 147 ASP A N   1 
ATOM   176  C CA  . ASP A 1 23  ? -12.238 -12.394 -2.840  1.00 16.98 ? 147 ASP A CA  1 
ATOM   177  C C   . ASP A 1 23  ? -11.614 -13.579 -2.116  1.00 16.52 ? 147 ASP A C   1 
ATOM   178  O O   . ASP A 1 23  ? -10.954 -13.405 -1.092  1.00 15.91 ? 147 ASP A O   1 
ATOM   179  C CB  . ASP A 1 23  ? -13.703 -12.270 -2.420  1.00 16.04 ? 147 ASP A CB  1 
ATOM   180  C CG  . ASP A 1 23  ? -14.310 -10.915 -2.782  1.00 17.62 ? 147 ASP A CG  1 
ATOM   181  O OD1 . ASP A 1 23  ? -13.554 -9.929  -2.963  1.00 15.49 ? 147 ASP A OD1 1 
ATOM   182  O OD2 . ASP A 1 23  ? -15.561 -10.845 -2.895  1.00 18.87 ? 147 ASP A OD2 1 
ATOM   183  N N   . ARG A 1 24  ? -11.818 -14.782 -2.654  1.00 16.64 ? 148 ARG A N   1 
ATOM   184  C CA  . ARG A 1 24  ? -11.282 -15.972 -2.027  1.00 17.58 ? 148 ARG A CA  1 
ATOM   185  C C   . ARG A 1 24  ? -9.759  -16.003 -2.149  1.00 16.62 ? 148 ARG A C   1 
ATOM   186  O O   . ARG A 1 24  ? -9.053  -16.285 -1.158  1.00 17.26 ? 148 ARG A O   1 
ATOM   187  C CB  . ARG A 1 24  ? -11.861 -17.244 -2.662  1.00 17.73 ? 148 ARG A CB  1 
ATOM   188  C CG  . ARG A 1 24  ? -11.375 -18.469 -1.916  1.00 21.97 ? 148 ARG A CG  1 
ATOM   189  C CD  . ARG A 1 24  ? -11.889 -19.773 -2.538  1.00 28.49 ? 148 ARG A CD  1 
ATOM   190  N NE  . ARG A 1 24  ? -11.078 -20.897 -2.072  1.00 32.72 ? 148 ARG A NE  1 
ATOM   191  C CZ  . ARG A 1 24  ? -11.244 -22.160 -2.448  1.00 32.46 ? 148 ARG A CZ  1 
ATOM   192  N NH1 . ARG A 1 24  ? -12.194 -22.477 -3.313  1.00 33.72 ? 148 ARG A NH1 1 
ATOM   193  N NH2 . ARG A 1 24  ? -10.447 -23.096 -1.960  1.00 32.69 ? 148 ARG A NH2 1 
ATOM   194  N N   . TYR A 1 25  ? -9.255  -15.723 -3.345  1.00 15.53 ? 149 TYR A N   1 
ATOM   195  C CA  . TYR A 1 25  ? -7.815  -15.629 -3.531  1.00 15.74 ? 149 TYR A CA  1 
ATOM   196  C C   . TYR A 1 25  ? -7.200  -14.603 -2.570  1.00 14.98 ? 149 TYR A C   1 
ATOM   197  O O   . TYR A 1 25  ? -6.185  -14.876 -1.891  1.00 14.31 ? 149 TYR A O   1 
ATOM   198  C CB  . TYR A 1 25  ? -7.455  -15.306 -4.986  1.00 15.89 ? 149 TYR A CB  1 
ATOM   199  C CG  . TYR A 1 25  ? -5.954  -15.329 -5.216  1.00 16.05 ? 149 TYR A CG  1 
ATOM   200  C CD1 . TYR A 1 25  ? -5.316  -16.494 -5.661  1.00 17.58 ? 149 TYR A CD1 1 
ATOM   201  C CD2 . TYR A 1 25  ? -5.170  -14.212 -4.967  1.00 13.18 ? 149 TYR A CD2 1 
ATOM   202  C CE1 . TYR A 1 25  ? -3.943  -16.525 -5.844  1.00 16.68 ? 149 TYR A CE1 1 
ATOM   203  C CE2 . TYR A 1 25  ? -3.790  -14.249 -5.144  1.00 14.66 ? 149 TYR A CE2 1 
ATOM   204  C CZ  . TYR A 1 25  ? -3.195  -15.412 -5.591  1.00 15.09 ? 149 TYR A CZ  1 
ATOM   205  O OH  . TYR A 1 25  ? -1.811  -15.499 -5.781  1.00 17.64 ? 149 TYR A OH  1 
ATOM   206  N N   . TYR A 1 26  ? -7.821  -13.425 -2.500  1.00 14.60 ? 150 TYR A N   1 
ATOM   207  C CA  . TYR A 1 26  ? -7.346  -12.374 -1.624  1.00 14.20 ? 150 TYR A CA  1 
ATOM   208  C C   . TYR A 1 26  ? -7.291  -12.832 -0.174  1.00 13.91 ? 150 TYR A C   1 
ATOM   209  O O   . TYR A 1 26  ? -6.284  -12.635 0.494   1.00 13.30 ? 150 TYR A O   1 
ATOM   210  C CB  . TYR A 1 26  ? -8.197  -11.092 -1.737  1.00 14.00 ? 150 TYR A CB  1 
ATOM   211  C CG  . TYR A 1 26  ? -7.603  -9.991  -0.888  1.00 13.62 ? 150 TYR A CG  1 
ATOM   212  C CD1 . TYR A 1 26  ? -6.467  -9.306  -1.309  1.00 14.02 ? 150 TYR A CD1 1 
ATOM   213  C CD2 . TYR A 1 26  ? -8.123  -9.681  0.363   1.00 14.06 ? 150 TYR A CD2 1 
ATOM   214  C CE1 . TYR A 1 26  ? -5.879  -8.328  -0.536  1.00 15.20 ? 150 TYR A CE1 1 
ATOM   215  C CE2 . TYR A 1 26  ? -7.535  -8.700  1.151   1.00 15.74 ? 150 TYR A CE2 1 
ATOM   216  C CZ  . TYR A 1 26  ? -6.409  -8.029  0.696   1.00 14.95 ? 150 TYR A CZ  1 
ATOM   217  O OH  . TYR A 1 26  ? -5.801  -7.055  1.466   1.00 16.40 ? 150 TYR A OH  1 
ATOM   218  N N   . ARG A 1 27  ? -8.371  -13.436 0.323   1.00 14.52 ? 151 ARG A N   1 
ATOM   219  C CA  . ARG A 1 27  ? -8.415  -13.874 1.709   1.00 16.47 ? 151 ARG A CA  1 
ATOM   220  C C   . ARG A 1 27  ? -7.284  -14.866 2.016   1.00 16.18 ? 151 ARG A C   1 
ATOM   221  O O   . ARG A 1 27  ? -6.686  -14.833 3.099   1.00 16.51 ? 151 ARG A O   1 
ATOM   222  C CB  . ARG A 1 27  ? -9.777  -14.518 2.006   1.00 17.02 ? 151 ARG A CB  1 
ATOM   223  C CG  . ARG A 1 27  ? -9.859  -15.264 3.303   1.00 22.27 ? 151 ARG A CG  1 
ATOM   224  C CD  . ARG A 1 27  ? -11.274 -15.816 3.540   1.00 25.96 ? 151 ARG A CD  1 
ATOM   225  N NE  . ARG A 1 27  ? -11.674 -16.762 2.515   1.00 27.45 ? 151 ARG A NE  1 
ATOM   226  C CZ  . ARG A 1 27  ? -12.715 -16.590 1.712   1.00 28.73 ? 151 ARG A CZ  1 
ATOM   227  N NH1 . ARG A 1 27  ? -13.463 -15.507 1.835   1.00 29.07 ? 151 ARG A NH1 1 
ATOM   228  N NH2 . ARG A 1 27  ? -13.019 -17.511 0.802   1.00 29.62 ? 151 ARG A NH2 1 
ATOM   229  N N   . GLU A 1 28  ? -6.990  -15.727 1.054   1.00 17.00 ? 152 GLU A N   1 
ATOM   230  C CA  . GLU A 1 28  ? -6.006  -16.784 1.259   1.00 16.70 ? 152 GLU A CA  1 
ATOM   231  C C   . GLU A 1 28  ? -4.568  -16.335 1.061   1.00 15.99 ? 152 GLU A C   1 
ATOM   232  O O   . GLU A 1 28  ? -3.646  -17.017 1.506   1.00 15.38 ? 152 GLU A O   1 
ATOM   233  C CB  . GLU A 1 28  ? -6.310  -17.953 0.319   1.00 18.59 ? 152 GLU A CB  1 
ATOM   234  C CG  . GLU A 1 28  ? -7.586  -18.669 0.723   1.00 20.56 ? 152 GLU A CG  1 
ATOM   235  C CD  . GLU A 1 28  ? -8.016  -19.727 -0.270  1.00 24.25 ? 152 GLU A CD  1 
ATOM   236  O OE1 . GLU A 1 28  ? -7.388  -19.861 -1.344  1.00 24.60 ? 152 GLU A OE1 1 
ATOM   237  O OE2 . GLU A 1 28  ? -9.002  -20.431 0.027   1.00 28.08 ? 152 GLU A OE2 1 
ATOM   238  N N   . ASN A 1 29  ? -4.379  -15.181 0.408   1.00 14.77 ? 153 ASN A N   1 
ATOM   239  C CA  . ASN A 1 29  ? -3.042  -14.686 0.109   1.00 14.80 ? 153 ASN A CA  1 
ATOM   240  C C   . ASN A 1 29  ? -2.653  -13.388 0.820   1.00 14.38 ? 153 ASN A C   1 
ATOM   241  O O   . ASN A 1 29  ? -1.498  -13.029 0.826   1.00 13.87 ? 153 ASN A O   1 
ATOM   242  C CB  . ASN A 1 29  ? -2.832  -14.493 -1.393  1.00 13.76 ? 153 ASN A CB  1 
ATOM   243  C CG  . ASN A 1 29  ? -2.726  -15.818 -2.157  1.00 16.33 ? 153 ASN A CG  1 
ATOM   244  O OD1 . ASN A 1 29  ? -1.624  -16.270 -2.490  1.00 15.13 ? 153 ASN A OD1 1 
ATOM   245  N ND2 . ASN A 1 29  ? -3.865  -16.424 -2.442  1.00 13.62 ? 153 ASN A ND2 1 
ATOM   246  N N   . MET A 1 30  ? -3.613  -12.719 1.446   1.00 15.23 ? 154 MET A N   1 
ATOM   247  C CA  . MET A 1 30  ? -3.353  -11.379 1.968   1.00 15.80 ? 154 MET A CA  1 
ATOM   248  C C   . MET A 1 30  ? -2.240  -11.360 3.016   1.00 15.39 ? 154 MET A C   1 
ATOM   249  O O   . MET A 1 30  ? -1.555  -10.343 3.190   1.00 15.08 ? 154 MET A O   1 
ATOM   250  C CB  . MET A 1 30  ? -4.640  -10.725 2.475   1.00 16.49 ? 154 MET A CB  1 
ATOM   251  C CG  . MET A 1 30  ? -5.152  -11.331 3.781   1.00 18.87 ? 154 MET A CG  1 
ATOM   252  S SD  . MET A 1 30  ? -6.745  -10.614 4.225   1.00 23.88 ? 154 MET A SD  1 
ATOM   253  C CE  . MET A 1 30  ? -7.101  -11.652 5.647   1.00 19.54 ? 154 MET A CE  1 
ATOM   254  N N   . HIS A 1 31  ? -2.012  -12.493 3.664   1.00 15.33 ? 155 HIS A N   1 
ATOM   255  C CA  . HIS A 1 31  ? -0.926  -12.594 4.622   1.00 14.32 ? 155 HIS A CA  1 
ATOM   256  C C   . HIS A 1 31  ? 0.420   -12.306 3.979   1.00 14.13 ? 155 HIS A C   1 
ATOM   257  O O   . HIS A 1 31  ? 1.386   -11.947 4.667   1.00 15.13 ? 155 HIS A O   1 
ATOM   258  C CB  . HIS A 1 31  ? -0.919  -13.970 5.294   1.00 13.96 ? 155 HIS A CB  1 
ATOM   259  C CG  . HIS A 1 31  ? -0.528  -15.081 4.380   1.00 13.27 ? 155 HIS A CG  1 
ATOM   260  N ND1 . HIS A 1 31  ? 0.739   -15.623 4.367   1.00 15.04 ? 155 HIS A ND1 1 
ATOM   261  C CD2 . HIS A 1 31  ? -1.225  -15.727 3.419   1.00 13.87 ? 155 HIS A CD2 1 
ATOM   262  C CE1 . HIS A 1 31  ? 0.795   -16.580 3.456   1.00 14.38 ? 155 HIS A CE1 1 
ATOM   263  N NE2 . HIS A 1 31  ? -0.384  -16.672 2.876   1.00 15.69 ? 155 HIS A NE2 1 
ATOM   264  N N   . ARG A 1 32  ? 0.506   -12.454 2.661   1.00 14.12 ? 156 ARG A N   1 
ATOM   265  C CA  . ARG A 1 32  ? 1.764   -12.228 1.985   1.00 13.67 ? 156 ARG A CA  1 
ATOM   266  C C   . ARG A 1 32  ? 1.983   -10.768 1.568   1.00 13.91 ? 156 ARG A C   1 
ATOM   267  O O   . ARG A 1 32  ? 3.043   -10.448 1.040   1.00 14.22 ? 156 ARG A O   1 
ATOM   268  C CB  . ARG A 1 32  ? 1.853   -13.097 0.739   1.00 13.79 ? 156 ARG A CB  1 
ATOM   269  C CG  . ARG A 1 32  ? 1.609   -14.593 1.008   1.00 14.26 ? 156 ARG A CG  1 
ATOM   270  C CD  . ARG A 1 32  ? 1.352   -15.373 -0.321  1.00 17.68 ? 156 ARG A CD  1 
ATOM   271  N NE  . ARG A 1 32  ? 2.370   -15.075 -1.309  1.00 20.16 ? 156 ARG A NE  1 
ATOM   272  C CZ  . ARG A 1 32  ? 2.155   -14.960 -2.607  1.00 15.68 ? 156 ARG A CZ  1 
ATOM   273  N NH1 . ARG A 1 32  ? 0.941   -15.148 -3.130  1.00 18.37 ? 156 ARG A NH1 1 
ATOM   274  N NH2 . ARG A 1 32  ? 3.176   -14.657 -3.395  1.00 19.96 ? 156 ARG A NH2 1 
ATOM   275  N N   . TYR A 1 33  ? 0.982   -9.905  1.792   1.00 13.19 ? 157 TYR A N   1 
ATOM   276  C CA  . TYR A 1 33  ? 1.014   -8.511  1.317   1.00 13.00 ? 157 TYR A CA  1 
ATOM   277  C C   . TYR A 1 33  ? 1.412   -7.549  2.453   1.00 13.07 ? 157 TYR A C   1 
ATOM   278  O O   . TYR A 1 33  ? 1.399   -7.938  3.623   1.00 14.08 ? 157 TYR A O   1 
ATOM   279  C CB  . TYR A 1 33  ? -0.350  -8.121  0.698   1.00 12.78 ? 157 TYR A CB  1 
ATOM   280  C CG  . TYR A 1 33  ? -0.825  -9.057  -0.421  1.00 13.29 ? 157 TYR A CG  1 
ATOM   281  C CD1 . TYR A 1 33  ? 0.085   -9.815  -1.159  1.00 14.93 ? 157 TYR A CD1 1 
ATOM   282  C CD2 . TYR A 1 33  ? -2.173  -9.176  -0.722  1.00 12.93 ? 157 TYR A CD2 1 
ATOM   283  C CE1 . TYR A 1 33  ? -0.354  -10.672 -2.202  1.00 13.36 ? 157 TYR A CE1 1 
ATOM   284  C CE2 . TYR A 1 33  ? -2.624  -10.021 -1.746  1.00 14.95 ? 157 TYR A CE2 1 
ATOM   285  C CZ  . TYR A 1 33  ? -1.697  -10.763 -2.469  1.00 14.83 ? 157 TYR A CZ  1 
ATOM   286  O OH  . TYR A 1 33  ? -2.139  -11.600 -3.460  1.00 14.00 ? 157 TYR A OH  1 
ATOM   287  N N   . PRO A 1 34  ? 1.785   -6.298  2.118   1.00 12.77 ? 158 PRO A N   1 
ATOM   288  C CA  . PRO A 1 34  ? 2.251   -5.359  3.141   1.00 14.01 ? 158 PRO A CA  1 
ATOM   289  C C   . PRO A 1 34  ? 1.172   -4.959  4.167   1.00 14.06 ? 158 PRO A C   1 
ATOM   290  O O   . PRO A 1 34  ? 0.001   -4.991  3.829   1.00 14.93 ? 158 PRO A O   1 
ATOM   291  C CB  . PRO A 1 34  ? 2.628   -4.087  2.329   1.00 12.65 ? 158 PRO A CB  1 
ATOM   292  C CG  . PRO A 1 34  ? 2.657   -4.470  0.916   1.00 13.87 ? 158 PRO A CG  1 
ATOM   293  C CD  . PRO A 1 34  ? 1.880   -5.763  0.748   1.00 13.01 ? 158 PRO A CD  1 
ATOM   294  N N   . ASN A 1 35  ? 1.552   -4.601  5.404   1.00 15.16 ? 159 ASN A N   1 
ATOM   295  C CA  . ASN A 1 35  ? 0.574   -4.003  6.320   1.00 16.45 ? 159 ASN A CA  1 
ATOM   296  C C   . ASN A 1 35  ? 1.058   -2.693  6.896   1.00 15.52 ? 159 ASN A C   1 
ATOM   297  O O   . ASN A 1 35  ? 0.516   -2.169  7.873   1.00 15.63 ? 159 ASN A O   1 
ATOM   298  C CB  . ASN A 1 35  ? 0.110   -4.947  7.430   1.00 18.66 ? 159 ASN A CB  1 
ATOM   299  C CG  . ASN A 1 35  ? 1.132   -5.128  8.474   1.00 22.01 ? 159 ASN A CG  1 
ATOM   300  O OD1 . ASN A 1 35  ? 2.328   -5.111  8.195   1.00 23.56 ? 159 ASN A OD1 1 
ATOM   301  N ND2 . ASN A 1 35  ? 0.679   -5.260  9.725   1.00 28.16 ? 159 ASN A ND2 1 
ATOM   302  N N   . GLN A 1 36  ? 2.064   -2.155  6.236   1.00 14.64 ? 160 GLN A N   1 
ATOM   303  C CA  . GLN A 1 36  ? 2.683   -0.886  6.588   1.00 14.24 ? 160 GLN A CA  1 
ATOM   304  C C   . GLN A 1 36  ? 3.131   -0.273  5.275   1.00 13.67 ? 160 GLN A C   1 
ATOM   305  O O   . GLN A 1 36  ? 3.689   -0.989  4.439   1.00 13.78 ? 160 GLN A O   1 
ATOM   306  C CB  . GLN A 1 36  ? 3.899   -1.193  7.426   1.00 15.49 ? 160 GLN A CB  1 
ATOM   307  C CG  . GLN A 1 36  ? 4.462   -0.083  8.191   1.00 17.49 ? 160 GLN A CG  1 
ATOM   308  C CD  . GLN A 1 36  ? 5.378   -0.587  9.300   1.00 19.67 ? 160 GLN A CD  1 
ATOM   309  O OE1 . GLN A 1 36  ? 5.881   -1.739  9.263   1.00 18.54 ? 160 GLN A OE1 1 
ATOM   310  N NE2 . GLN A 1 36  ? 5.582   0.256   10.300  1.00 16.76 ? 160 GLN A NE2 1 
ATOM   311  N N   . VAL A 1 37  ? 2.930   1.032   5.081   1.00 12.87 ? 161 VAL A N   1 
ATOM   312  C CA  . VAL A 1 37  ? 3.240   1.632   3.768   1.00 11.62 ? 161 VAL A CA  1 
ATOM   313  C C   . VAL A 1 37  ? 4.371   2.672   3.845   1.00 12.10 ? 161 VAL A C   1 
ATOM   314  O O   . VAL A 1 37  ? 4.535   3.349   4.861   1.00 11.70 ? 161 VAL A O   1 
ATOM   315  C CB  . VAL A 1 37  ? 2.000   2.248   3.068   1.00 11.10 ? 161 VAL A CB  1 
ATOM   316  C CG1 . VAL A 1 37  ? 0.898   1.180   2.886   1.00 12.51 ? 161 VAL A CG1 1 
ATOM   317  C CG2 . VAL A 1 37  ? 1.442   3.455   3.837   1.00 12.83 ? 161 VAL A CG2 1 
ATOM   318  N N   . TYR A 1 38  ? 5.115   2.793   2.749   1.00 12.04 ? 162 TYR A N   1 
ATOM   319  C CA  . TYR A 1 38  ? 6.177   3.793   2.640   1.00 11.98 ? 162 TYR A CA  1 
ATOM   320  C C   . TYR A 1 38  ? 5.513   4.994   2.012   1.00 12.22 ? 162 TYR A C   1 
ATOM   321  O O   . TYR A 1 38  ? 4.753   4.836   1.060   1.00 13.04 ? 162 TYR A O   1 
ATOM   322  C CB  . TYR A 1 38  ? 7.230   3.321   1.644   1.00 11.80 ? 162 TYR A CB  1 
ATOM   323  C CG  . TYR A 1 38  ? 8.218   2.364   2.195   1.00 14.14 ? 162 TYR A CG  1 
ATOM   324  C CD1 . TYR A 1 38  ? 8.096   1.008   1.967   1.00 14.53 ? 162 TYR A CD1 1 
ATOM   325  C CD2 . TYR A 1 38  ? 9.294   2.823   2.947   1.00 16.33 ? 162 TYR A CD2 1 
ATOM   326  C CE1 . TYR A 1 38  ? 9.031   0.123   2.481   1.00 16.84 ? 162 TYR A CE1 1 
ATOM   327  C CE2 . TYR A 1 38  ? 10.226  1.942   3.468   1.00 16.89 ? 162 TYR A CE2 1 
ATOM   328  C CZ  . TYR A 1 38  ? 10.093  0.611   3.238   1.00 18.28 ? 162 TYR A CZ  1 
ATOM   329  O OH  . TYR A 1 38  ? 11.036  -0.253  3.774   1.00 22.56 ? 162 TYR A OH  1 
ATOM   330  N N   . TYR A 1 39  ? 5.810   6.195   2.512   1.00 12.52 ? 163 TYR A N   1 
ATOM   331  C CA  . TYR A 1 39  ? 5.277   7.406   1.920   1.00 12.52 ? 163 TYR A CA  1 
ATOM   332  C C   . TYR A 1 39  ? 6.322   8.497   2.044   1.00 12.14 ? 163 TYR A C   1 
ATOM   333  O O   . TYR A 1 39  ? 7.307   8.391   2.803   1.00 13.08 ? 163 TYR A O   1 
ATOM   334  C CB  . TYR A 1 39  ? 3.928   7.834   2.543   1.00 12.66 ? 163 TYR A CB  1 
ATOM   335  C CG  . TYR A 1 39  ? 4.097   8.307   3.965   1.00 12.39 ? 163 TYR A CG  1 
ATOM   336  C CD1 . TYR A 1 39  ? 4.234   9.663   4.258   1.00 12.80 ? 163 TYR A CD1 1 
ATOM   337  C CD2 . TYR A 1 39  ? 4.239   7.385   5.004   1.00 12.70 ? 163 TYR A CD2 1 
ATOM   338  C CE1 . TYR A 1 39  ? 4.447   10.099  5.557   1.00 16.17 ? 163 TYR A CE1 1 
ATOM   339  C CE2 . TYR A 1 39  ? 4.438   7.800   6.314   1.00 15.06 ? 163 TYR A CE2 1 
ATOM   340  C CZ  . TYR A 1 39  ? 4.552   9.175   6.581   1.00 15.44 ? 163 TYR A CZ  1 
ATOM   341  O OH  . TYR A 1 39  ? 4.762   9.582   7.875   1.00 17.71 ? 163 TYR A OH  1 
ATOM   342  N N   . ARG A 1 40  ? 6.091   9.550   1.287   1.00 13.54 ? 164 ARG A N   1 
ATOM   343  C CA  . ARG A 1 40  ? 7.051   10.628  1.130   1.00 13.29 ? 164 ARG A CA  1 
ATOM   344  C C   . ARG A 1 40  ? 6.471   11.898  1.755   1.00 14.22 ? 164 ARG A C   1 
ATOM   345  O O   . ARG A 1 40  ? 5.517   12.479  1.217   1.00 13.87 ? 164 ARG A O   1 
ATOM   346  C CB  . ARG A 1 40  ? 7.254   10.817  -0.370  1.00 14.44 ? 164 ARG A CB  1 
ATOM   347  C CG  . ARG A 1 40  ? 8.399   11.701  -0.696  1.00 14.14 ? 164 ARG A CG  1 
ATOM   348  C CD  . ARG A 1 40  ? 8.694   11.696  -2.197  1.00 16.15 ? 164 ARG A CD  1 
ATOM   349  N NE  . ARG A 1 40  ? 9.722   12.717  -2.425  1.00 14.94 ? 164 ARG A NE  1 
ATOM   350  C CZ  . ARG A 1 40  ? 9.483   13.936  -2.927  1.00 18.14 ? 164 ARG A CZ  1 
ATOM   351  N NH1 . ARG A 1 40  ? 8.263   14.324  -3.302  1.00 16.40 ? 164 ARG A NH1 1 
ATOM   352  N NH2 . ARG A 1 40  ? 10.484  14.768  -3.067  1.00 17.15 ? 164 ARG A NH2 1 
ATOM   353  N N   . PRO A 1 41  ? 6.984   12.294  2.937   1.00 14.70 ? 165 PRO A N   1 
ATOM   354  C CA  . PRO A 1 41  ? 6.477   13.515  3.573   1.00 15.11 ? 165 PRO A CA  1 
ATOM   355  C C   . PRO A 1 41  ? 6.460   14.729  2.641   1.00 15.26 ? 165 PRO A C   1 
ATOM   356  O O   . PRO A 1 41  ? 5.514   15.508  2.682   1.00 14.82 ? 165 PRO A O   1 
ATOM   357  C CB  . PRO A 1 41  ? 7.441   13.714  4.734   1.00 15.49 ? 165 PRO A CB  1 
ATOM   358  C CG  . PRO A 1 41  ? 7.736   12.287  5.179   1.00 15.28 ? 165 PRO A CG  1 
ATOM   359  C CD  . PRO A 1 41  ? 7.899   11.554  3.825   1.00 14.65 ? 165 PRO A CD  1 
ATOM   360  N N   . MET A 1 42  ? 7.439   14.867  1.755   1.00 15.79 ? 166 MET A N   1 
ATOM   361  C CA  . MET A 1 42  ? 7.402   15.991  0.813   1.00 15.76 ? 166 MET A CA  1 
ATOM   362  C C   . MET A 1 42  ? 6.225   15.928  -0.154  1.00 16.02 ? 166 MET A C   1 
ATOM   363  O O   . MET A 1 42  ? 5.845   16.931  -0.733  1.00 15.34 ? 166 MET A O   1 
ATOM   364  C CB  . MET A 1 42  ? 8.722   16.125  0.031   1.00 16.91 ? 166 MET A CB  1 
ATOM   365  C CG  . MET A 1 42  ? 9.825   16.857  0.773   1.00 18.17 ? 166 MET A CG  1 
ATOM   366  S SD  . MET A 1 42  ? 9.332   18.558  1.185   1.00 22.54 ? 166 MET A SD  1 
ATOM   367  C CE  . MET A 1 42  ? 9.033   19.251  -0.418  1.00 19.64 ? 166 MET A CE  1 
ATOM   368  N N   . ASP A 1 43  ? 5.672   14.738  -0.390  1.00 14.23 ? 167 ASP A N   1 
ATOM   369  C CA  . ASP A 1 43  ? 4.482   14.655  -1.230  1.00 13.66 ? 167 ASP A CA  1 
ATOM   370  C C   . ASP A 1 43  ? 3.283   15.350  -0.575  1.00 13.42 ? 167 ASP A C   1 
ATOM   371  O O   . ASP A 1 43  ? 2.280   15.593  -1.230  1.00 13.72 ? 167 ASP A O   1 
ATOM   372  C CB  . ASP A 1 43  ? 4.129   13.195  -1.525  1.00 13.43 ? 167 ASP A CB  1 
ATOM   373  C CG  . ASP A 1 43  ? 4.954   12.605  -2.675  1.00 14.37 ? 167 ASP A CG  1 
ATOM   374  O OD1 . ASP A 1 43  ? 5.680   13.349  -3.355  1.00 14.46 ? 167 ASP A OD1 1 
ATOM   375  O OD2 . ASP A 1 43  ? 4.875   11.370  -2.881  1.00 13.73 ? 167 ASP A OD2 1 
ATOM   376  N N   . GLU A 1 44  ? 3.355   15.653  0.720   1.00 13.72 ? 168 GLU A N   1 
ATOM   377  C CA  . GLU A 1 44  ? 2.280   16.427  1.341   1.00 14.89 ? 168 GLU A CA  1 
ATOM   378  C C   . GLU A 1 44  ? 2.301   17.862  0.822   1.00 15.40 ? 168 GLU A C   1 
ATOM   379  O O   . GLU A 1 44  ? 1.328   18.592  0.999   1.00 15.36 ? 168 GLU A O   1 
ATOM   380  C CB  . GLU A 1 44  ? 2.358   16.374  2.877   1.00 14.66 ? 168 GLU A CB  1 
ATOM   381  C CG  . GLU A 1 44  ? 2.416   14.901  3.349   1.00 16.26 ? 168 GLU A CG  1 
ATOM   382  C CD  . GLU A 1 44  ? 2.545   14.683  4.849   1.00 18.27 ? 168 GLU A CD  1 
ATOM   383  O OE1 . GLU A 1 44  ? 2.447   15.636  5.648   1.00 20.05 ? 168 GLU A OE1 1 
ATOM   384  O OE2 . GLU A 1 44  ? 2.702   13.499  5.213   1.00 17.55 ? 168 GLU A OE2 1 
ATOM   385  N N   . TYR A 1 45  ? 3.402   18.271  0.196   1.00 16.85 ? 169 TYR A N   1 
ATOM   386  C CA  . TYR A 1 45  ? 3.419   19.565  -0.515  1.00 18.44 ? 169 TYR A CA  1 
ATOM   387  C C   . TYR A 1 45  ? 2.974   19.428  -1.976  1.00 20.10 ? 169 TYR A C   1 
ATOM   388  O O   . TYR A 1 45  ? 2.998   20.402  -2.720  1.00 22.20 ? 169 TYR A O   1 
ATOM   389  C CB  . TYR A 1 45  ? 4.801   20.207  -0.444  1.00 17.77 ? 169 TYR A CB  1 
ATOM   390  C CG  . TYR A 1 45  ? 5.138   20.754  0.915   1.00 18.34 ? 169 TYR A CG  1 
ATOM   391  C CD1 . TYR A 1 45  ? 5.440   19.905  1.976   1.00 18.14 ? 169 TYR A CD1 1 
ATOM   392  C CD2 . TYR A 1 45  ? 5.138   22.135  1.145   1.00 18.77 ? 169 TYR A CD2 1 
ATOM   393  C CE1 . TYR A 1 45  ? 5.727   20.404  3.228   1.00 19.48 ? 169 TYR A CE1 1 
ATOM   394  C CE2 . TYR A 1 45  ? 5.427   22.641  2.379   1.00 19.08 ? 169 TYR A CE2 1 
ATOM   395  C CZ  . TYR A 1 45  ? 5.726   21.785  3.414   1.00 18.85 ? 169 TYR A CZ  1 
ATOM   396  O OH  . TYR A 1 45  ? 5.998   22.313  4.638   1.00 21.71 ? 169 TYR A OH  1 
ATOM   397  N N   . SER A 1 46  ? 2.556   18.233  -2.378  1.00 21.80 ? 170 SER A N   1 
ATOM   398  C CA  . SER A 1 46  ? 1.995   18.007  -3.718  1.00 22.84 ? 170 SER A CA  1 
ATOM   399  C C   . SER A 1 46  ? 0.549   17.544  -3.590  1.00 22.93 ? 170 SER A C   1 
ATOM   400  O O   . SER A 1 46  ? -0.027  17.613  -2.509  1.00 23.78 ? 170 SER A O   1 
ATOM   401  C CB  . SER A 1 46  ? 2.834   16.975  -4.482  1.00 23.49 ? 170 SER A CB  1 
ATOM   402  O OG  . SER A 1 46  ? 2.605   15.678  -3.968  1.00 26.15 ? 170 SER A OG  1 
ATOM   403  N N   . ASN A 1 47  ? -0.079  17.071  -4.657  1.00 22.17 ? 171 ASN A N   1 
ATOM   404  C CA  . ASN A 1 47  ? -1.485  16.710  -4.519  1.00 21.96 ? 171 ASN A CA  1 
ATOM   405  C C   . ASN A 1 47  ? -1.672  15.296  -3.973  1.00 20.98 ? 171 ASN A C   1 
ATOM   406  O O   . ASN A 1 47  ? -0.721  14.499  -3.957  1.00 19.76 ? 171 ASN A O   1 
ATOM   407  C CB  . ASN A 1 47  ? -2.286  16.944  -5.811  1.00 22.80 ? 171 ASN A CB  1 
ATOM   408  C CG  . ASN A 1 47  ? -1.985  15.931  -6.864  1.00 26.30 ? 171 ASN A CG  1 
ATOM   409  O OD1 . ASN A 1 47  ? -2.506  14.808  -6.821  1.00 29.80 ? 171 ASN A OD1 1 
ATOM   410  N ND2 . ASN A 1 47  ? -1.144  16.305  -7.832  1.00 26.44 ? 171 ASN A ND2 1 
ATOM   411  N N   . GLN A 1 48  ? -2.890  15.005  -3.516  1.00 20.60 ? 172 GLN A N   1 
ATOM   412  C CA  . GLN A 1 48  ? -3.231  13.698  -2.918  1.00 20.83 ? 172 GLN A CA  1 
ATOM   413  C C   . GLN A 1 48  ? -2.954  12.556  -3.862  1.00 19.64 ? 172 GLN A C   1 
ATOM   414  O O   . GLN A 1 48  ? -2.509  11.491  -3.448  1.00 18.31 ? 172 GLN A O   1 
ATOM   415  C CB  . GLN A 1 48  ? -4.718  13.645  -2.525  1.00 21.40 ? 172 GLN A CB  1 
ATOM   416  C CG  . GLN A 1 48  ? -5.148  12.392  -1.702  1.00 24.82 ? 172 GLN A CG  1 
ATOM   417  C CD  . GLN A 1 48  ? -5.929  11.318  -2.480  1.00 32.12 ? 172 GLN A CD  1 
ATOM   418  O OE1 . GLN A 1 48  ? -5.781  11.164  -3.711  1.00 34.30 ? 172 GLN A OE1 1 
ATOM   419  N NE2 . GLN A 1 48  ? -6.771  10.560  -1.753  1.00 29.23 ? 172 GLN A NE2 1 
ATOM   420  N N   . ASN A 1 49  ? -3.266  12.754  -5.133  1.00 19.21 ? 173 ASN A N   1 
ATOM   421  C CA  . ASN A 1 49  ? -3.095  11.670  -6.085  1.00 19.82 ? 173 ASN A CA  1 
ATOM   422  C C   . ASN A 1 49  ? -1.631  11.240  -6.203  1.00 19.12 ? 173 ASN A C   1 
ATOM   423  O O   . ASN A 1 49  ? -1.326  10.041  -6.285  1.00 18.78 ? 173 ASN A O   1 
ATOM   424  C CB  . ASN A 1 49  ? -3.684  12.024  -7.458  1.00 19.83 ? 173 ASN A CB  1 
ATOM   425  C CG  . ASN A 1 49  ? -3.806  10.807  -8.358  1.00 22.87 ? 173 ASN A CG  1 
ATOM   426  O OD1 . ASN A 1 49  ? -4.685  9.963   -8.161  1.00 27.71 ? 173 ASN A OD1 1 
ATOM   427  N ND2 . ASN A 1 49  ? -2.916  10.695  -9.333  1.00 20.18 ? 173 ASN A ND2 1 
ATOM   428  N N   . ASN A 1 50  ? -0.742  12.224  -6.198  1.00 19.01 ? 174 ASN A N   1 
ATOM   429  C CA  A ASN A 1 50  ? 0.678   11.971  -6.239  0.50 18.43 ? 174 ASN A CA  1 
ATOM   430  C CA  B ASN A 1 50  ? 0.707   12.011  -6.224  0.50 18.67 ? 174 ASN A CA  1 
ATOM   431  C C   . ASN A 1 50  ? 1.222   11.254  -4.998  1.00 17.94 ? 174 ASN A C   1 
ATOM   432  O O   . ASN A 1 50  ? 1.973   10.287  -5.119  1.00 17.30 ? 174 ASN A O   1 
ATOM   433  C CB  A ASN A 1 50  ? 1.429   13.265  -6.450  0.50 19.07 ? 174 ASN A CB  1 
ATOM   434  C CB  B ASN A 1 50  ? 1.458   13.343  -6.325  0.50 19.71 ? 174 ASN A CB  1 
ATOM   435  C CG  A ASN A 1 50  ? 2.850   13.031  -6.825  0.50 18.93 ? 174 ASN A CG  1 
ATOM   436  C CG  B ASN A 1 50  ? 1.320   13.998  -7.693  0.50 20.28 ? 174 ASN A CG  1 
ATOM   437  O OD1 A ASN A 1 50  ? 3.150   12.503  -7.908  0.50 20.01 ? 174 ASN A OD1 1 
ATOM   438  O OD1 B ASN A 1 50  ? 0.793   13.398  -8.628  0.50 23.95 ? 174 ASN A OD1 1 
ATOM   439  N ND2 A ASN A 1 50  ? 3.743   13.405  -5.943  0.50 16.80 ? 174 ASN A ND2 1 
ATOM   440  N ND2 B ASN A 1 50  ? 1.812   15.224  -7.819  0.50 23.27 ? 174 ASN A ND2 1 
ATOM   441  N N   . PHE A 1 51  ? 0.855   11.739  -3.814  1.00 16.05 ? 175 PHE A N   1 
ATOM   442  C CA  . PHE A 1 51  ? 1.236   11.098  -2.565  1.00 14.39 ? 175 PHE A CA  1 
ATOM   443  C C   . PHE A 1 51  ? 0.822   9.621   -2.615  1.00 13.12 ? 175 PHE A C   1 
ATOM   444  O O   . PHE A 1 51  ? 1.603   8.727   -2.258  1.00 13.08 ? 175 PHE A O   1 
ATOM   445  C CB  . PHE A 1 51  ? 0.520   11.827  -1.413  1.00 14.13 ? 175 PHE A CB  1 
ATOM   446  C CG  . PHE A 1 51  ? 0.751   11.244  -0.072  1.00 12.20 ? 175 PHE A CG  1 
ATOM   447  C CD1 . PHE A 1 51  ? 1.571   11.882  0.837   1.00 12.66 ? 175 PHE A CD1 1 
ATOM   448  C CD2 . PHE A 1 51  ? 0.117   10.056  0.311   1.00 12.94 ? 175 PHE A CD2 1 
ATOM   449  C CE1 . PHE A 1 51  ? 1.808   11.363  2.102   1.00 13.22 ? 175 PHE A CE1 1 
ATOM   450  C CE2 . PHE A 1 51  ? 0.333   9.529   1.596   1.00 12.19 ? 175 PHE A CE2 1 
ATOM   451  C CZ  . PHE A 1 51  ? 1.187   10.174  2.486   1.00 14.29 ? 175 PHE A CZ  1 
ATOM   452  N N   . VAL A 1 52  ? -0.410  9.366   -3.039  1.00 12.57 ? 176 VAL A N   1 
ATOM   453  C CA  . VAL A 1 52  ? -0.946  7.995   -3.004  1.00 12.76 ? 176 VAL A CA  1 
ATOM   454  C C   . VAL A 1 52  ? -0.215  7.125   -4.010  1.00 12.73 ? 176 VAL A C   1 
ATOM   455  O O   . VAL A 1 52  ? 0.204   5.976   -3.713  1.00 12.66 ? 176 VAL A O   1 
ATOM   456  C CB  . VAL A 1 52  ? -2.483  7.982   -3.258  1.00 12.33 ? 176 VAL A CB  1 
ATOM   457  C CG1 . VAL A 1 52  ? -3.031  6.591   -3.476  1.00 13.31 ? 176 VAL A CG1 1 
ATOM   458  C CG2 . VAL A 1 52  ? -3.202  8.591   -2.065  1.00 13.97 ? 176 VAL A CG2 1 
ATOM   459  N N   . HIS A 1 53  ? -0.075  7.638   -5.226  1.00 13.06 ? 177 HIS A N   1 
ATOM   460  C CA  A HIS A 1 53  ? 0.531   6.768   -6.191  0.50 12.88 ? 177 HIS A CA  1 
ATOM   461  C CA  B HIS A 1 53  ? 0.608   6.915   -6.317  0.50 13.38 ? 177 HIS A CA  1 
ATOM   462  C C   . HIS A 1 53  ? 2.029   6.562   -5.921  1.00 12.70 ? 177 HIS A C   1 
ATOM   463  O O   . HIS A 1 53  ? 2.503   5.451   -6.112  1.00 11.89 ? 177 HIS A O   1 
ATOM   464  C CB  A HIS A 1 53  ? 0.098   7.097   -7.631  0.50 13.13 ? 177 HIS A CB  1 
ATOM   465  C CB  B HIS A 1 53  ? 0.624   7.769   -7.599  0.50 14.20 ? 177 HIS A CB  1 
ATOM   466  C CG  A HIS A 1 53  ? -1.304  6.648   -7.938  0.50 13.73 ? 177 HIS A CG  1 
ATOM   467  C CG  B HIS A 1 53  ? 1.565   7.271   -8.664  0.50 16.09 ? 177 HIS A CG  1 
ATOM   468  N ND1 A HIS A 1 53  ? -2.424  7.363   -7.559  0.50 15.02 ? 177 HIS A ND1 1 
ATOM   469  N ND1 B HIS A 1 53  ? 1.136   6.577   -9.777  0.50 19.42 ? 177 HIS A ND1 1 
ATOM   470  C CD2 A HIS A 1 53  ? -1.764  5.525   -8.544  0.50 15.38 ? 177 HIS A CD2 1 
ATOM   471  C CD2 B HIS A 1 53  ? 2.910   7.377   -8.788  0.50 17.12 ? 177 HIS A CD2 1 
ATOM   472  C CE1 A HIS A 1 53  ? -3.509  6.711   -7.937  0.50 15.12 ? 177 HIS A CE1 1 
ATOM   473  C CE1 B HIS A 1 53  ? 2.173   6.274   -10.537 0.50 18.13 ? 177 HIS A CE1 1 
ATOM   474  N NE2 A HIS A 1 53  ? -3.138  5.595   -8.538  0.50 16.97 ? 177 HIS A NE2 1 
ATOM   475  N NE2 B HIS A 1 53  ? 3.263   6.750   -9.958  0.50 18.65 ? 177 HIS A NE2 1 
ATOM   476  N N   . ASP A 1 54  ? 2.736   7.549   -5.380  1.00 12.61 ? 178 ASP A N   1 
ATOM   477  C CA  . ASP A 1 54  ? 4.119   7.292   -4.948  1.00 13.73 ? 178 ASP A CA  1 
ATOM   478  C C   . ASP A 1 54  ? 4.175   6.219   -3.850  1.00 12.84 ? 178 ASP A C   1 
ATOM   479  O O   . ASP A 1 54  ? 5.052   5.340   -3.858  1.00 12.30 ? 178 ASP A O   1 
ATOM   480  C CB  . ASP A 1 54  ? 4.804   8.569   -4.426  1.00 13.90 ? 178 ASP A CB  1 
ATOM   481  C CG  . ASP A 1 54  ? 5.210   9.539   -5.531  1.00 17.16 ? 178 ASP A CG  1 
ATOM   482  O OD1 . ASP A 1 54  ? 5.189   9.188   -6.731  1.00 19.64 ? 178 ASP A OD1 1 
ATOM   483  O OD2 . ASP A 1 54  ? 5.564   10.688  -5.185  1.00 18.83 ? 178 ASP A OD2 1 
ATOM   484  N N   . CYS A 1 55  ? 3.244   6.299   -2.901  1.00 11.57 ? 179 CYS A N   1 
ATOM   485  C CA  . CYS A 1 55  ? 3.183   5.366   -1.776  1.00 11.90 ? 179 CYS A CA  1 
ATOM   486  C C   . CYS A 1 55  ? 2.888   3.969   -2.303  1.00 12.01 ? 179 CYS A C   1 
ATOM   487  O O   . CYS A 1 55  ? 3.512   2.981   -1.882  1.00 11.36 ? 179 CYS A O   1 
ATOM   488  C CB  . CYS A 1 55  ? 2.107   5.863   -0.766  1.00 12.60 ? 179 CYS A CB  1 
ATOM   489  S SG  . CYS A 1 55  ? 1.624   4.713   0.543   1.00 12.78 ? 179 CYS A SG  1 
ATOM   490  N N   . VAL A 1 56  ? 1.964   3.865   -3.269  1.00 11.49 ? 180 VAL A N   1 
ATOM   491  C CA  . VAL A 1 56  ? 1.650   2.542   -3.824  1.00 12.43 ? 180 VAL A CA  1 
ATOM   492  C C   . VAL A 1 56  ? 2.857   1.957   -4.550  1.00 12.77 ? 180 VAL A C   1 
ATOM   493  O O   . VAL A 1 56  ? 3.218   0.780   -4.335  1.00 12.62 ? 180 VAL A O   1 
ATOM   494  C CB  . VAL A 1 56  ? 0.463   2.637   -4.787  1.00 11.82 ? 180 VAL A CB  1 
ATOM   495  C CG1 . VAL A 1 56  ? 0.291   1.320   -5.584  1.00 12.98 ? 180 VAL A CG1 1 
ATOM   496  C CG2 . VAL A 1 56  ? -0.806  3.017   -4.002  1.00 9.96  ? 180 VAL A CG2 1 
ATOM   497  N N   . ASN A 1 57  ? 3.486   2.775   -5.404  1.00 13.51 ? 181 ASN A N   1 
ATOM   498  C CA  A ASN A 1 57  ? 4.609   2.297   -6.190  0.50 13.86 ? 181 ASN A CA  1 
ATOM   499  C CA  B ASN A 1 57  ? 4.651   2.363   -6.186  0.50 13.72 ? 181 ASN A CA  1 
ATOM   500  C C   . ASN A 1 57  ? 5.799   1.854   -5.322  1.00 14.17 ? 181 ASN A C   1 
ATOM   501  O O   . ASN A 1 57  ? 6.314   0.727   -5.493  1.00 13.01 ? 181 ASN A O   1 
ATOM   502  C CB  A ASN A 1 57  ? 5.037   3.325   -7.258  0.50 14.55 ? 181 ASN A CB  1 
ATOM   503  C CB  B ASN A 1 57  ? 5.153   3.545   -7.031  0.50 14.11 ? 181 ASN A CB  1 
ATOM   504  C CG  A ASN A 1 57  ? 3.933   3.635   -8.274  0.50 15.59 ? 181 ASN A CG  1 
ATOM   505  C CG  B ASN A 1 57  ? 6.383   3.200   -7.861  0.50 14.93 ? 181 ASN A CG  1 
ATOM   506  O OD1 A ASN A 1 57  ? 3.995   4.648   -8.975  0.50 19.66 ? 181 ASN A OD1 1 
ATOM   507  O OD1 B ASN A 1 57  ? 6.326   2.343   -8.750  0.50 16.29 ? 181 ASN A OD1 1 
ATOM   508  N ND2 A ASN A 1 57  ? 2.913   2.794   -8.339  0.50 17.21 ? 181 ASN A ND2 1 
ATOM   509  N ND2 B ASN A 1 57  ? 7.507   3.874   -7.582  0.50 14.55 ? 181 ASN A ND2 1 
ATOM   510  N N   . ILE A 1 58  ? 6.211   2.685   -4.374  1.00 13.00 ? 182 ILE A N   1 
ATOM   511  C CA  . ILE A 1 58  ? 7.364   2.349   -3.554  1.00 13.76 ? 182 ILE A CA  1 
ATOM   512  C C   . ILE A 1 58  ? 7.065   1.216   -2.584  1.00 13.36 ? 182 ILE A C   1 
ATOM   513  O O   . ILE A 1 58  ? 7.896   0.332   -2.367  1.00 12.29 ? 182 ILE A O   1 
ATOM   514  C CB  . ILE A 1 58  ? 7.878   3.577   -2.781  1.00 15.83 ? 182 ILE A CB  1 
ATOM   515  C CG1 . ILE A 1 58  ? 8.350   4.637   -3.780  1.00 17.77 ? 182 ILE A CG1 1 
ATOM   516  C CG2 . ILE A 1 58  ? 8.979   3.174   -1.799  1.00 15.48 ? 182 ILE A CG2 1 
ATOM   517  C CD1 . ILE A 1 58  ? 9.440   4.171   -4.757  1.00 22.30 ? 182 ILE A CD1 1 
ATOM   518  N N   . THR A 1 59  ? 5.864   1.212   -2.023  1.00 12.03 ? 183 THR A N   1 
ATOM   519  C CA  . THR A 1 59  ? 5.505   0.152   -1.101  1.00 11.38 ? 183 THR A CA  1 
ATOM   520  C C   . THR A 1 59  ? 5.544   -1.208  -1.809  1.00 11.49 ? 183 THR A C   1 
ATOM   521  O O   . THR A 1 59  ? 6.112   -2.163  -1.307  1.00 11.00 ? 183 THR A O   1 
ATOM   522  C CB  . THR A 1 59  ? 4.130   0.410   -0.464  1.00 11.08 ? 183 THR A CB  1 
ATOM   523  O OG1 . THR A 1 59  ? 4.195   1.604   0.330   1.00 9.35  ? 183 THR A OG1 1 
ATOM   524  C CG2 . THR A 1 59  ? 3.731   -0.738  0.427   1.00 10.14 ? 183 THR A CG2 1 
ATOM   525  N N   . ILE A 1 60  ? 4.952   -1.298  -2.988  1.00 10.39 ? 184 ILE A N   1 
ATOM   526  C CA  . ILE A 1 60  ? 4.878   -2.604  -3.645  1.00 11.19 ? 184 ILE A CA  1 
ATOM   527  C C   . ILE A 1 60  ? 6.248   -3.024  -4.177  1.00 11.20 ? 184 ILE A C   1 
ATOM   528  O O   . ILE A 1 60  ? 6.643   -4.183  -4.067  1.00 10.71 ? 184 ILE A O   1 
ATOM   529  C CB  . ILE A 1 60  ? 3.804   -2.596  -4.758  1.00 11.64 ? 184 ILE A CB  1 
ATOM   530  C CG1 . ILE A 1 60  ? 2.415   -2.557  -4.100  1.00 10.32 ? 184 ILE A CG1 1 
ATOM   531  C CG2 . ILE A 1 60  ? 3.976   -3.852  -5.674  1.00 12.61 ? 184 ILE A CG2 1 
ATOM   532  C CD1 . ILE A 1 60  ? 1.232   -2.489  -5.113  1.00 11.18 ? 184 ILE A CD1 1 
ATOM   533  N N   . LYS A 1 61  ? 7.016   -2.078  -4.703  1.00 11.28 ? 185 LYS A N   1 
ATOM   534  C CA  . LYS A 1 61  ? 8.382   -2.393  -5.175  1.00 12.47 ? 185 LYS A CA  1 
ATOM   535  C C   . LYS A 1 61  ? 9.309   -2.821  -4.009  1.00 12.51 ? 185 LYS A C   1 
ATOM   536  O O   . LYS A 1 61  ? 10.005  -3.845  -4.110  1.00 12.91 ? 185 LYS A O   1 
ATOM   537  C CB  . LYS A 1 61  ? 8.966   -1.216  -5.971  1.00 13.04 ? 185 LYS A CB  1 
ATOM   538  C CG  . LYS A 1 61  ? 8.301   -1.095  -7.362  1.00 14.34 ? 185 LYS A CG  1 
ATOM   539  C CD  . LYS A 1 61  ? 8.722   0.133   -8.161  1.00 17.30 ? 185 LYS A CD  1 
ATOM   540  C CE  . LYS A 1 61  ? 8.178   -0.006  -9.592  1.00 21.35 ? 185 LYS A CE  1 
ATOM   541  N NZ  . LYS A 1 61  ? 8.447   1.256   -10.351 1.00 22.68 ? 185 LYS A NZ  1 
ATOM   542  N N   . GLN A 1 62  ? 9.279   -2.102  -2.879  1.00 12.00 ? 186 GLN A N   1 
ATOM   543  C CA  . GLN A 1 62  ? 10.126  -2.511  -1.749  1.00 12.42 ? 186 GLN A CA  1 
ATOM   544  C C   . GLN A 1 62  ? 9.681   -3.870  -1.239  1.00 11.47 ? 186 GLN A C   1 
ATOM   545  O O   . GLN A 1 62  ? 10.503  -4.692  -0.871  1.00 12.16 ? 186 GLN A O   1 
ATOM   546  C CB  . GLN A 1 62  ? 10.034  -1.528  -0.599  1.00 12.98 ? 186 GLN A CB  1 
ATOM   547  C CG  . GLN A 1 62  ? 10.655  -0.207  -0.928  1.00 16.86 ? 186 GLN A CG  1 
ATOM   548  C CD  . GLN A 1 62  ? 12.140  -0.283  -0.982  1.00 23.63 ? 186 GLN A CD  1 
ATOM   549  O OE1 . GLN A 1 62  ? 12.734  -0.854  -1.915  1.00 27.44 ? 186 GLN A OE1 1 
ATOM   550  N NE2 . GLN A 1 62  ? 12.773  0.303   0.020   1.00 28.60 ? 186 GLN A NE2 1 
ATOM   551  N N   . HIS A 1 63  ? 8.373   -4.102  -1.199  1.00 11.23 ? 187 HIS A N   1 
ATOM   552  C CA  . HIS A 1 63  ? 7.894   -5.383  -0.665  1.00 11.36 ? 187 HIS A CA  1 
ATOM   553  C C   . HIS A 1 63  ? 8.277   -6.519  -1.598  1.00 12.27 ? 187 HIS A C   1 
ATOM   554  O O   . HIS A 1 63  ? 8.538   -7.654  -1.153  1.00 13.84 ? 187 HIS A O   1 
ATOM   555  C CB  . HIS A 1 63  ? 6.385   -5.315  -0.450  1.00 10.82 ? 187 HIS A CB  1 
ATOM   556  C CG  . HIS A 1 63  ? 5.831   -6.479  0.286   1.00 11.10 ? 187 HIS A CG  1 
ATOM   557  N ND1 . HIS A 1 63  ? 6.102   -6.704  1.619   1.00 12.95 ? 187 HIS A ND1 1 
ATOM   558  C CD2 . HIS A 1 63  ? 5.020   -7.480  -0.119  1.00 11.61 ? 187 HIS A CD2 1 
ATOM   559  C CE1 . HIS A 1 63  ? 5.470   -7.806  2.003   1.00 13.29 ? 187 HIS A CE1 1 
ATOM   560  N NE2 . HIS A 1 63  ? 4.808   -8.287  0.970   1.00 14.34 ? 187 HIS A NE2 1 
ATOM   561  N N   . THR A 1 64  ? 8.316   -6.222  -2.894  1.00 12.28 ? 188 THR A N   1 
ATOM   562  C CA  . THR A 1 64  ? 8.775   -7.207  -3.871  1.00 13.49 ? 188 THR A CA  1 
ATOM   563  C C   . THR A 1 64  ? 10.247  -7.529  -3.651  1.00 13.76 ? 188 THR A C   1 
ATOM   564  O O   . THR A 1 64  ? 10.649  -8.714  -3.658  1.00 14.32 ? 188 THR A O   1 
ATOM   565  C CB  . THR A 1 64  ? 8.538   -6.699  -5.298  1.00 13.01 ? 188 THR A CB  1 
ATOM   566  O OG1 . THR A 1 64  ? 7.127   -6.531  -5.475  1.00 14.45 ? 188 THR A OG1 1 
ATOM   567  C CG2 . THR A 1 64  ? 9.059   -7.703  -6.334  1.00 13.94 ? 188 THR A CG2 1 
ATOM   568  N N   . VAL A 1 65  ? 11.053  -6.490  -3.482  1.00 14.01 ? 189 VAL A N   1 
ATOM   569  C CA  . VAL A 1 65  ? 12.477  -6.687  -3.179  1.00 16.01 ? 189 VAL A CA  1 
ATOM   570  C C   . VAL A 1 65  ? 12.656  -7.550  -1.910  1.00 17.44 ? 189 VAL A C   1 
ATOM   571  O O   . VAL A 1 65  ? 13.474  -8.450  -1.887  1.00 16.85 ? 189 VAL A O   1 
ATOM   572  C CB  . VAL A 1 65  ? 13.228  -5.356  -3.087  1.00 15.27 ? 189 VAL A CB  1 
ATOM   573  C CG1 . VAL A 1 65  ? 14.686  -5.537  -2.502  1.00 17.31 ? 189 VAL A CG1 1 
ATOM   574  C CG2 . VAL A 1 65  ? 13.282  -4.704  -4.471  1.00 15.06 ? 189 VAL A CG2 1 
ATOM   575  N N   . THR A 1 66  ? 11.925  -7.234  -0.843  1.00 18.98 ? 190 THR A N   1 
ATOM   576  C CA  . THR A 1 66  ? 11.954  -8.033  0.381   1.00 21.51 ? 190 THR A CA  1 
ATOM   577  C C   . THR A 1 66  ? 11.488  -9.468  0.161   1.00 21.93 ? 190 THR A C   1 
ATOM   578  O O   . THR A 1 66  ? 12.039  -10.409 0.735   1.00 23.52 ? 190 THR A O   1 
ATOM   579  C CB  . THR A 1 66  ? 11.041  -7.390  1.457   1.00 21.87 ? 190 THR A CB  1 
ATOM   580  O OG1 . THR A 1 66  ? 11.639  -6.168  1.897   1.00 24.44 ? 190 THR A OG1 1 
ATOM   581  C CG2 . THR A 1 66  ? 10.837  -8.338  2.621   1.00 23.98 ? 190 THR A CG2 1 
ATOM   582  N N   . THR A 1 67  ? 10.495  -9.650  -0.691  1.00 22.71 ? 191 THR A N   1 
ATOM   583  C CA  . THR A 1 67  ? 9.899   -10.956 -0.896  1.00 24.25 ? 191 THR A CA  1 
ATOM   584  C C   . THR A 1 67  ? 10.809  -11.848 -1.729  1.00 24.96 ? 191 THR A C   1 
ATOM   585  O O   . THR A 1 67  ? 10.960  -13.038 -1.452  1.00 25.29 ? 191 THR A O   1 
ATOM   586  C CB  . THR A 1 67  ? 8.533   -10.829 -1.570  1.00 23.65 ? 191 THR A CB  1 
ATOM   587  O OG1 . THR A 1 67  ? 7.625   -10.245 -0.638  1.00 25.59 ? 191 THR A OG1 1 
ATOM   588  C CG2 . THR A 1 67  ? 8.001   -12.209 -2.006  1.00 24.02 ? 191 THR A CG2 1 
ATOM   589  N N   . THR A 1 68  ? 11.408  -11.248 -2.747  1.00 26.36 ? 192 THR A N   1 
ATOM   590  C CA  . THR A 1 68  ? 12.412  -11.903 -3.571  1.00 28.27 ? 192 THR A CA  1 
ATOM   591  C C   . THR A 1 68  ? 13.552  -12.475 -2.727  1.00 29.25 ? 192 THR A C   1 
ATOM   592  O O   . THR A 1 68  ? 14.031  -13.588 -2.962  1.00 29.06 ? 192 THR A O   1 
ATOM   593  C CB  . THR A 1 68  ? 12.975  -10.897 -4.583  1.00 28.36 ? 192 THR A CB  1 
ATOM   594  O OG1 . THR A 1 68  ? 12.001  -10.696 -5.615  1.00 29.65 ? 192 THR A OG1 1 
ATOM   595  C CG2 . THR A 1 68  ? 14.271  -11.424 -5.182  1.00 29.15 ? 192 THR A CG2 1 
ATOM   596  N N   . THR A 1 69  ? 13.983  -11.727 -1.726  1.00 30.26 ? 193 THR A N   1 
ATOM   597  C CA  . THR A 1 69  ? 15.040  -12.226 -0.868  1.00 31.71 ? 193 THR A CA  1 
ATOM   598  C C   . THR A 1 69  ? 14.665  -13.517 -0.114  1.00 32.58 ? 193 THR A C   1 
ATOM   599  O O   . THR A 1 69  ? 15.543  -14.254 0.312   1.00 33.25 ? 193 THR A O   1 
ATOM   600  C CB  . THR A 1 69  ? 15.548  -11.136 0.069   1.00 31.62 ? 193 THR A CB  1 
ATOM   601  O OG1 . THR A 1 69  ? 15.678  -9.919  -0.679  1.00 32.50 ? 193 THR A OG1 1 
ATOM   602  C CG2 . THR A 1 69  ? 16.901  -11.528 0.611   1.00 32.33 ? 193 THR A CG2 1 
ATOM   603  N N   . LYS A 1 70  ? 13.371  -13.796 0.027   1.00 32.90 ? 194 LYS A N   1 
ATOM   604  C CA  . LYS A 1 70  ? 12.911  -15.010 0.682   1.00 33.86 ? 194 LYS A CA  1 
ATOM   605  C C   . LYS A 1 70  ? 12.657  -16.125 -0.325  1.00 33.47 ? 194 LYS A C   1 
ATOM   606  O O   . LYS A 1 70  ? 12.008  -17.117 0.011   1.00 33.70 ? 194 LYS A O   1 
ATOM   607  C CB  . LYS A 1 70  ? 11.615  -14.756 1.454   1.00 34.44 ? 194 LYS A CB  1 
ATOM   608  C CG  . LYS A 1 70  ? 11.708  -13.708 2.557   1.00 37.47 ? 194 LYS A CG  1 
ATOM   609  C CD  . LYS A 1 70  ? 10.304  -13.351 3.011   1.00 39.77 ? 194 LYS A CD  1 
ATOM   610  C CE  . LYS A 1 70  ? 9.419   -14.593 2.948   1.00 42.31 ? 194 LYS A CE  1 
ATOM   611  N NZ  . LYS A 1 70  ? 7.976   -14.288 3.169   1.00 45.00 ? 194 LYS A NZ  1 
ATOM   612  N N   . GLY A 1 71  ? 13.144  -15.943 -1.556  1.00 32.93 ? 195 GLY A N   1 
ATOM   613  C CA  . GLY A 1 71  ? 12.982  -16.932 -2.624  1.00 32.23 ? 195 GLY A CA  1 
ATOM   614  C C   . GLY A 1 71  ? 11.593  -16.971 -3.245  1.00 31.82 ? 195 GLY A C   1 
ATOM   615  O O   . GLY A 1 71  ? 11.212  -17.948 -3.910  1.00 31.85 ? 195 GLY A O   1 
ATOM   616  N N   . GLU A 1 72  ? 10.828  -15.905 -3.051  1.00 30.75 ? 196 GLU A N   1 
ATOM   617  C CA  . GLU A 1 72  ? 9.449   -15.902 -3.511  1.00 30.15 ? 196 GLU A CA  1 
ATOM   618  C C   . GLU A 1 72  ? 9.137   -14.863 -4.592  1.00 29.27 ? 196 GLU A C   1 
ATOM   619  O O   . GLU A 1 72  ? 9.919   -13.942 -4.837  1.00 29.19 ? 196 GLU A O   1 
ATOM   620  C CB  . GLU A 1 72  ? 8.533   -15.758 -2.317  1.00 30.08 ? 196 GLU A CB  1 
ATOM   621  C CG  . GLU A 1 72  ? 8.678   -16.962 -1.414  1.00 31.49 ? 196 GLU A CG  1 
ATOM   622  C CD  . GLU A 1 72  ? 7.649   -16.999 -0.321  1.00 33.25 ? 196 GLU A CD  1 
ATOM   623  O OE1 . GLU A 1 72  ? 7.089   -15.935 0.025   1.00 33.24 ? 196 GLU A OE1 1 
ATOM   624  O OE2 . GLU A 1 72  ? 7.399   -18.106 0.196   1.00 35.79 ? 196 GLU A OE2 1 
ATOM   625  N N   . ASN A 1 73  ? 7.981   -15.013 -5.225  1.00 28.42 ? 197 ASN A N   1 
ATOM   626  C CA  . ASN A 1 73  ? 7.681   -14.283 -6.436  1.00 27.92 ? 197 ASN A CA  1 
ATOM   627  C C   . ASN A 1 73  ? 6.242   -13.849 -6.335  1.00 26.21 ? 197 ASN A C   1 
ATOM   628  O O   . ASN A 1 73  ? 5.423   -14.576 -5.780  1.00 27.38 ? 197 ASN A O   1 
ATOM   629  C CB  . ASN A 1 73  ? 7.841   -15.219 -7.636  1.00 29.05 ? 197 ASN A CB  1 
ATOM   630  C CG  . ASN A 1 73  ? 8.504   -14.553 -8.821  1.00 33.11 ? 197 ASN A CG  1 
ATOM   631  O OD1 . ASN A 1 73  ? 9.622   -14.037 -8.715  1.00 37.52 ? 197 ASN A OD1 1 
ATOM   632  N ND2 . ASN A 1 73  ? 7.823   -14.570 -9.970  1.00 36.86 ? 197 ASN A ND2 1 
ATOM   633  N N   . PHE A 1 74  ? 5.918   -12.670 -6.844  1.00 23.18 ? 198 PHE A N   1 
ATOM   634  C CA  . PHE A 1 74  ? 4.521   -12.267 -6.886  1.00 21.25 ? 198 PHE A CA  1 
ATOM   635  C C   . PHE A 1 74  ? 4.080   -12.380 -8.326  1.00 20.51 ? 198 PHE A C   1 
ATOM   636  O O   . PHE A 1 74  ? 4.793   -11.933 -9.212  1.00 20.21 ? 198 PHE A O   1 
ATOM   637  C CB  . PHE A 1 74  ? 4.333   -10.818 -6.416  1.00 20.17 ? 198 PHE A CB  1 
ATOM   638  C CG  . PHE A 1 74  ? 4.472   -10.630 -4.923  1.00 17.50 ? 198 PHE A CG  1 
ATOM   639  C CD1 . PHE A 1 74  ? 5.449   -9.790  -4.414  1.00 17.76 ? 198 PHE A CD1 1 
ATOM   640  C CD2 . PHE A 1 74  ? 3.615   -11.256 -4.056  1.00 15.59 ? 198 PHE A CD2 1 
ATOM   641  C CE1 . PHE A 1 74  ? 5.590   -9.600  -3.051  1.00 17.44 ? 198 PHE A CE1 1 
ATOM   642  C CE2 . PHE A 1 74  ? 3.741   -11.087 -2.666  1.00 17.86 ? 198 PHE A CE2 1 
ATOM   643  C CZ  . PHE A 1 74  ? 4.728   -10.260 -2.169  1.00 16.12 ? 198 PHE A CZ  1 
ATOM   644  N N   . THR A 1 75  ? 2.916   -12.966 -8.535  1.00 19.86 ? 199 THR A N   1 
ATOM   645  C CA  . THR A 1 75  ? 2.301   -13.045 -9.862  1.00 19.81 ? 199 THR A CA  1 
ATOM   646  C C   . THR A 1 75  ? 1.580   -11.746 -10.248 1.00 19.36 ? 199 THR A C   1 
ATOM   647  O O   . THR A 1 75  ? 1.392   -10.846 -9.427  1.00 18.36 ? 199 THR A O   1 
ATOM   648  C CB  . THR A 1 75  ? 1.260   -14.165 -9.915  1.00 19.48 ? 199 THR A CB  1 
ATOM   649  O OG1 . THR A 1 75  ? 0.141   -13.845 -9.067  1.00 18.40 ? 199 THR A OG1 1 
ATOM   650  C CG2 . THR A 1 75  ? 1.869   -15.516 -9.474  1.00 21.22 ? 199 THR A CG2 1 
ATOM   651  N N   . GLU A 1 76  ? 1.137   -11.655 -11.501 1.00 18.77 ? 200 GLU A N   1 
ATOM   652  C CA  . GLU A 1 76  ? 0.332   -10.499 -11.908 1.00 18.87 ? 200 GLU A CA  1 
ATOM   653  C C   . GLU A 1 76  ? -0.892  -10.375 -11.023 1.00 17.78 ? 200 GLU A C   1 
ATOM   654  O O   . GLU A 1 76  ? -1.323  -9.259  -10.697 1.00 17.25 ? 200 GLU A O   1 
ATOM   655  C CB  . GLU A 1 76  ? -0.111  -10.642 -13.369 1.00 19.40 ? 200 GLU A CB  1 
ATOM   656  C CG  . GLU A 1 76  ? 1.050   -10.987 -14.260 1.00 24.10 ? 200 GLU A CG  1 
ATOM   657  C CD  . GLU A 1 76  ? 0.641   -11.151 -15.717 1.00 27.46 ? 200 GLU A CD  1 
ATOM   658  O OE1 . GLU A 1 76  ? -0.479  -10.706 -16.085 1.00 30.45 ? 200 GLU A OE1 1 
ATOM   659  O OE2 . GLU A 1 76  ? 1.445   -11.728 -16.477 1.00 28.75 ? 200 GLU A OE2 1 
ATOM   660  N N   . THR A 1 77  ? -1.468  -11.512 -10.634 1.00 17.37 ? 201 THR A N   1 
ATOM   661  C CA  . THR A 1 77  ? -2.653  -11.474 -9.785  1.00 18.04 ? 201 THR A CA  1 
ATOM   662  C C   . THR A 1 77  ? -2.301  -10.875 -8.433  1.00 16.59 ? 201 THR A C   1 
ATOM   663  O O   . THR A 1 77  ? -3.031  -10.033 -7.922  1.00 16.24 ? 201 THR A O   1 
ATOM   664  C CB  . THR A 1 77  ? -3.303  -12.860 -9.596  1.00 18.94 ? 201 THR A CB  1 
ATOM   665  O OG1 . THR A 1 77  ? -3.764  -13.322 -10.872 1.00 21.18 ? 201 THR A OG1 1 
ATOM   666  C CG2 . THR A 1 77  ? -4.497  -12.750 -8.669  1.00 20.67 ? 201 THR A CG2 1 
ATOM   667  N N   . ASP A 1 78  ? -1.178  -11.279 -7.877  1.00 15.24 ? 202 ASP A N   1 
ATOM   668  C CA  . ASP A 1 78  ? -0.748  -10.734 -6.576  1.00 13.98 ? 202 ASP A CA  1 
ATOM   669  C C   . ASP A 1 78  ? -0.534  -9.234  -6.660  1.00 13.52 ? 202 ASP A C   1 
ATOM   670  O O   . ASP A 1 78  ? -0.878  -8.506  -5.735  1.00 12.66 ? 202 ASP A O   1 
ATOM   671  C CB  . ASP A 1 78  ? 0.552   -11.353 -6.108  1.00 14.16 ? 202 ASP A CB  1 
ATOM   672  C CG  . ASP A 1 78  ? 0.421   -12.799 -5.731  1.00 15.07 ? 202 ASP A CG  1 
ATOM   673  O OD1 . ASP A 1 78  ? -0.591  -13.173 -5.110  1.00 15.23 ? 202 ASP A OD1 1 
ATOM   674  O OD2 . ASP A 1 78  ? 1.369   -13.556 -6.054  1.00 16.05 ? 202 ASP A OD2 1 
ATOM   675  N N   . VAL A 1 79  ? 0.065   -8.766  -7.752  1.00 13.12 ? 203 VAL A N   1 
ATOM   676  C CA  . VAL A 1 79  ? 0.348   -7.308  -7.877  1.00 13.88 ? 203 VAL A CA  1 
ATOM   677  C C   . VAL A 1 79  ? -0.937  -6.505  -7.992  1.00 13.66 ? 203 VAL A C   1 
ATOM   678  O O   . VAL A 1 79  ? -1.087  -5.469  -7.334  1.00 12.59 ? 203 VAL A O   1 
ATOM   679  C CB  . VAL A 1 79  ? 1.328   -7.001  -9.024  1.00 14.18 ? 203 VAL A CB  1 
ATOM   680  C CG1 . VAL A 1 79  ? 1.396   -5.510  -9.330  1.00 14.81 ? 203 VAL A CG1 1 
ATOM   681  C CG2 . VAL A 1 79  ? 2.715   -7.523  -8.659  1.00 12.64 ? 203 VAL A CG2 1 
ATOM   682  N N   . LYS A 1 80  ? -1.885  -7.012  -8.784  1.00 13.97 ? 204 LYS A N   1 
ATOM   683  C CA  . LYS A 1 80  ? -3.199  -6.390  -8.871  1.00 15.10 ? 204 LYS A CA  1 
ATOM   684  C C   . LYS A 1 80  ? -3.871  -6.352  -7.504  1.00 14.60 ? 204 LYS A C   1 
ATOM   685  O O   . LYS A 1 80  ? -4.482  -5.345  -7.133  1.00 13.71 ? 204 LYS A O   1 
ATOM   686  C CB  . LYS A 1 80  ? -4.108  -7.150  -9.831  1.00 16.11 ? 204 LYS A CB  1 
ATOM   687  C CG  . LYS A 1 80  ? -3.724  -6.966  -11.288 1.00 21.10 ? 204 LYS A CG  1 
ATOM   688  C CD  . LYS A 1 80  ? -4.884  -7.422  -12.207 1.00 29.03 ? 204 LYS A CD  1 
ATOM   689  C CE  . LYS A 1 80  ? -4.355  -7.882  -13.569 1.00 33.15 ? 204 LYS A CE  1 
ATOM   690  N NZ  . LYS A 1 80  ? -3.952  -9.329  -13.546 1.00 33.48 ? 204 LYS A NZ  1 
ATOM   691  N N   . MET A 1 81  ? -3.796  -7.459  -6.772  1.00 14.56 ? 205 MET A N   1 
ATOM   692  C CA  . MET A 1 81  ? -4.361  -7.473  -5.401  1.00 15.01 ? 205 MET A CA  1 
ATOM   693  C C   . MET A 1 81  ? -3.697  -6.446  -4.493  1.00 14.04 ? 205 MET A C   1 
ATOM   694  O O   . MET A 1 81  ? -4.369  -5.717  -3.747  1.00 13.25 ? 205 MET A O   1 
ATOM   695  C CB  . MET A 1 81  ? -4.184  -8.841  -4.748  1.00 15.60 ? 205 MET A CB  1 
ATOM   696  C CG  . MET A 1 81  ? -4.505  -10.046 -5.587  1.00 20.89 ? 205 MET A CG  1 
ATOM   697  S SD  . MET A 1 81  ? -6.133  -10.609 -5.088  1.00 22.96 ? 205 MET A SD  1 
ATOM   698  C CE  . MET A 1 81  ? -7.070  -10.022 -6.488  1.00 29.59 ? 205 MET A CE  1 
ATOM   699  N N   . MET A 1 82  ? -2.370  -6.389  -4.546  1.00 13.63 ? 206 MET A N   1 
ATOM   700  C CA  . MET A 1 82  ? -1.603  -5.455  -3.705  1.00 13.49 ? 206 MET A CA  1 
ATOM   701  C C   . MET A 1 82  ? -1.910  -4.024  -4.110  1.00 13.78 ? 206 MET A C   1 
ATOM   702  O O   . MET A 1 82  ? -2.039  -3.156  -3.254  1.00 13.97 ? 206 MET A O   1 
ATOM   703  C CB  . MET A 1 82  ? -0.104  -5.703  -3.811  1.00 13.58 ? 206 MET A CB  1 
ATOM   704  C CG  . MET A 1 82  ? 0.352   -6.902  -2.959  1.00 14.39 ? 206 MET A CG  1 
ATOM   705  S SD  . MET A 1 82  ? 2.124   -6.995  -2.770  1.00 14.14 ? 206 MET A SD  1 
ATOM   706  C CE  . MET A 1 82  ? 2.585   -7.634  -4.401  1.00 14.25 ? 206 MET A CE  1 
ATOM   707  N N   . GLU A 1 83  ? -2.069  -3.781  -5.403  1.00 13.75 ? 207 GLU A N   1 
ATOM   708  C CA  . GLU A 1 83  ? -2.406  -2.411  -5.834  1.00 14.48 ? 207 GLU A CA  1 
ATOM   709  C C   . GLU A 1 83  ? -3.690  -1.932  -5.154  1.00 14.22 ? 207 GLU A C   1 
ATOM   710  O O   . GLU A 1 83  ? -3.789  -0.782  -4.707  1.00 13.55 ? 207 GLU A O   1 
ATOM   711  C CB  . GLU A 1 83  ? -2.567  -2.340  -7.334  1.00 15.31 ? 207 GLU A CB  1 
ATOM   712  C CG  . GLU A 1 83  ? -1.250  -2.528  -8.095  1.00 21.25 ? 207 GLU A CG  1 
ATOM   713  C CD  . GLU A 1 83  ? -1.452  -2.394  -9.580  1.00 27.33 ? 207 GLU A CD  1 
ATOM   714  O OE1 . GLU A 1 83  ? -1.734  -1.261  -10.035 1.00 29.54 ? 207 GLU A OE1 1 
ATOM   715  O OE2 . GLU A 1 83  ? -1.337  -3.416  -10.281 1.00 28.99 ? 207 GLU A OE2 1 
ATOM   716  N N   . ARG A 1 84  ? -4.676  -2.823  -5.068  1.00 13.70 ? 208 ARG A N   1 
ATOM   717  C CA  . ARG A 1 84  ? -5.951  -2.460  -4.438  1.00 14.11 ? 208 ARG A CA  1 
ATOM   718  C C   . ARG A 1 84  ? -5.810  -2.153  -2.968  1.00 13.39 ? 208 ARG A C   1 
ATOM   719  O O   . ARG A 1 84  ? -6.217  -1.066  -2.528  1.00 13.02 ? 208 ARG A O   1 
ATOM   720  C CB  . ARG A 1 84  ? -7.001  -3.558  -4.619  1.00 14.95 ? 208 ARG A CB  1 
ATOM   721  C CG  . ARG A 1 84  ? -7.639  -3.574  -5.968  1.00 19.33 ? 208 ARG A CG  1 
ATOM   722  C CD  . ARG A 1 84  ? -8.592  -2.386  -6.172  1.00 25.70 ? 208 ARG A CD  1 
ATOM   723  N NE  . ARG A 1 84  ? -9.458  -2.138  -5.017  1.00 29.44 ? 208 ARG A NE  1 
ATOM   724  C CZ  . ARG A 1 84  ? -10.644 -2.718  -4.830  1.00 32.37 ? 208 ARG A CZ  1 
ATOM   725  N NH1 . ARG A 1 84  ? -11.094 -3.596  -5.719  1.00 32.34 ? 208 ARG A NH1 1 
ATOM   726  N NH2 . ARG A 1 84  ? -11.378 -2.428  -3.755  1.00 31.98 ? 208 ARG A NH2 1 
ATOM   727  N N   . VAL A 1 85  ? -5.245  -3.095  -2.201  1.00 12.12 ? 209 VAL A N   1 
ATOM   728  C CA  . VAL A 1 85  ? -5.122  -2.918  -0.743  1.00 12.44 ? 209 VAL A CA  1 
ATOM   729  C C   . VAL A 1 85  ? -4.108  -1.842  -0.395  1.00 11.36 ? 209 VAL A C   1 
ATOM   730  O O   . VAL A 1 85  ? -4.384  -1.032  0.476   1.00 10.77 ? 209 VAL A O   1 
ATOM   731  C CB  . VAL A 1 85  ? -4.847  -4.254  0.057   1.00 12.21 ? 209 VAL A CB  1 
ATOM   732  C CG1 . VAL A 1 85  ? -3.505  -4.871  -0.311  1.00 12.17 ? 209 VAL A CG1 1 
ATOM   733  C CG2 . VAL A 1 85  ? -4.856  -4.000  1.572   1.00 12.15 ? 209 VAL A CG2 1 
ATOM   734  N N   . VAL A 1 86  ? -2.969  -1.803  -1.086  1.00 11.42 ? 210 VAL A N   1 
ATOM   735  C CA  . VAL A 1 86  ? -1.960  -0.769  -0.791  1.00 10.78 ? 210 VAL A CA  1 
ATOM   736  C C   . VAL A 1 86  ? -2.510  0.602   -1.131  1.00 11.26 ? 210 VAL A C   1 
ATOM   737  O O   . VAL A 1 86  ? -2.284  1.552   -0.395  1.00 10.70 ? 210 VAL A O   1 
ATOM   738  C CB  . VAL A 1 86  ? -0.601  -1.055  -1.478  1.00 10.91 ? 210 VAL A CB  1 
ATOM   739  C CG1 . VAL A 1 86  ? 0.401   0.070   -1.209  1.00 11.43 ? 210 VAL A CG1 1 
ATOM   740  C CG2 . VAL A 1 86  ? -0.036  -2.362  -0.932  1.00 11.68 ? 210 VAL A CG2 1 
ATOM   741  N N   . GLU A 1 87  ? -3.300  0.711   -2.195  1.00 11.06 ? 211 GLU A N   1 
ATOM   742  C CA  . GLU A 1 87  ? -3.906  2.020   -2.471  1.00 11.77 ? 211 GLU A CA  1 
ATOM   743  C C   . GLU A 1 87  ? -4.788  2.468   -1.298  1.00 12.71 ? 211 GLU A C   1 
ATOM   744  O O   . GLU A 1 87  ? -4.732  3.627   -0.866  1.00 11.73 ? 211 GLU A O   1 
ATOM   745  C CB  . GLU A 1 87  ? -4.696  2.033   -3.783  1.00 12.76 ? 211 GLU A CB  1 
ATOM   746  C CG  . GLU A 1 87  ? -5.425  3.381   -3.915  1.00 16.66 ? 211 GLU A CG  1 
ATOM   747  C CD  . GLU A 1 87  ? -5.736  3.776   -5.319  1.00 23.59 ? 211 GLU A CD  1 
ATOM   748  O OE1 . GLU A 1 87  ? -5.408  2.999   -6.239  1.00 24.50 ? 211 GLU A OE1 1 
ATOM   749  O OE2 . GLU A 1 87  ? -6.302  4.885   -5.499  1.00 23.95 ? 211 GLU A OE2 1 
ATOM   750  N N   . GLN A 1 88  ? -5.615  1.575   -0.756  1.00 12.04 ? 212 GLN A N   1 
ATOM   751  C CA  A GLN A 1 88  ? -6.438  1.970   0.384   0.50 11.89 ? 212 GLN A CA  1 
ATOM   752  C CA  B GLN A 1 88  ? -6.439  1.942   0.392   0.50 11.87 ? 212 GLN A CA  1 
ATOM   753  C C   . GLN A 1 88  ? -5.590  2.286   1.618   1.00 11.90 ? 212 GLN A C   1 
ATOM   754  O O   . GLN A 1 88  ? -5.842  3.273   2.302   1.00 10.46 ? 212 GLN A O   1 
ATOM   755  C CB  A GLN A 1 88  ? -7.526  0.929   0.680   0.50 11.76 ? 212 GLN A CB  1 
ATOM   756  C CB  B GLN A 1 88  ? -7.456  0.842   0.724   0.50 11.84 ? 212 GLN A CB  1 
ATOM   757  C CG  A GLN A 1 88  ? -8.585  0.826   -0.407  0.50 12.05 ? 212 GLN A CG  1 
ATOM   758  C CG  B GLN A 1 88  ? -8.438  1.260   1.802   0.50 11.63 ? 212 GLN A CG  1 
ATOM   759  C CD  A GLN A 1 88  ? -9.141  2.176   -0.840  0.50 11.07 ? 212 GLN A CD  1 
ATOM   760  C CD  B GLN A 1 88  ? -9.408  0.168   2.185   0.50 15.65 ? 212 GLN A CD  1 
ATOM   761  O OE1 A GLN A 1 88  ? -9.661  2.937   -0.027  0.50 10.95 ? 212 GLN A OE1 1 
ATOM   762  O OE1 B GLN A 1 88  ? -9.940  -0.527  1.326   0.50 17.91 ? 212 GLN A OE1 1 
ATOM   763  N NE2 A GLN A 1 88  ? -9.031  2.475   -2.133  0.50 9.08  ? 212 GLN A NE2 1 
ATOM   764  N NE2 B GLN A 1 88  ? -9.650  0.020   3.485   0.50 13.82 ? 212 GLN A NE2 1 
ATOM   765  N N   . MET A 1 89  ? -4.563  1.489   1.896   1.00 11.30 ? 213 MET A N   1 
ATOM   766  C CA  . MET A 1 89  ? -3.680  1.816   3.022   1.00 11.93 ? 213 MET A CA  1 
ATOM   767  C C   . MET A 1 89  ? -2.951  3.156   2.829   1.00 11.92 ? 213 MET A C   1 
ATOM   768  O O   . MET A 1 89  ? -2.787  3.915   3.769   1.00 11.34 ? 213 MET A O   1 
ATOM   769  C CB  . MET A 1 89  ? -2.697  0.673   3.267   1.00 11.87 ? 213 MET A CB  1 
ATOM   770  C CG  . MET A 1 89  ? -3.389  -0.542  3.849   1.00 14.85 ? 213 MET A CG  1 
ATOM   771  S SD  . MET A 1 89  ? -2.195  -1.844  4.248   1.00 18.96 ? 213 MET A SD  1 
ATOM   772  C CE  . MET A 1 89  ? -1.580  -2.109  2.683   1.00 10.99 ? 213 MET A CE  1 
ATOM   773  N N   . CYS A 1 90  ? -2.561  3.476   1.600   1.00 11.69 ? 214 CYS A N   1 
ATOM   774  C CA  . CYS A 1 90  ? -1.933  4.776   1.336   1.00 11.99 ? 214 CYS A CA  1 
ATOM   775  C C   . CYS A 1 90  ? -2.889  5.959   1.532   1.00 12.04 ? 214 CYS A C   1 
ATOM   776  O O   . CYS A 1 90  ? -2.471  7.044   1.949   1.00 12.74 ? 214 CYS A O   1 
ATOM   777  C CB  . CYS A 1 90  ? -1.338  4.800   -0.087  1.00 10.76 ? 214 CYS A CB  1 
ATOM   778  S SG  . CYS A 1 90  ? 0.081   3.663   -0.261  1.00 12.33 ? 214 CYS A SG  1 
ATOM   779  N N   . ILE A 1 91  ? -4.153  5.766   1.189   1.00 11.99 ? 215 ILE A N   1 
ATOM   780  C CA  . ILE A 1 91  ? -5.142  6.826   1.384   1.00 12.90 ? 215 ILE A CA  1 
ATOM   781  C C   . ILE A 1 91  ? -5.361  7.014   2.892   1.00 13.49 ? 215 ILE A C   1 
ATOM   782  O O   . ILE A 1 91  ? -5.445  8.139   3.399   1.00 12.20 ? 215 ILE A O   1 
ATOM   783  C CB  . ILE A 1 91  ? -6.453  6.462   0.678   1.00 13.41 ? 215 ILE A CB  1 
ATOM   784  C CG1 . ILE A 1 91  ? -6.266  6.545   -0.832  1.00 12.77 ? 215 ILE A CG1 1 
ATOM   785  C CG2 . ILE A 1 91  ? -7.597  7.364   1.134   1.00 14.04 ? 215 ILE A CG2 1 
ATOM   786  C CD1 . ILE A 1 91  ? -7.459  5.954   -1.601  1.00 14.06 ? 215 ILE A CD1 1 
ATOM   787  N N   . THR A 1 92  ? -5.402  5.896   3.608   1.00 12.56 ? 216 THR A N   1 
ATOM   788  C CA  . THR A 1 92  ? -5.561  5.946   5.051   1.00 13.25 ? 216 THR A CA  1 
ATOM   789  C C   . THR A 1 92  ? -4.397  6.708   5.651   1.00 13.16 ? 216 THR A C   1 
ATOM   790  O O   . THR A 1 92  ? -4.578  7.545   6.527   1.00 12.40 ? 216 THR A O   1 
ATOM   791  C CB  . THR A 1 92  ? -5.572  4.548   5.647   1.00 13.38 ? 216 THR A CB  1 
ATOM   792  O OG1 . THR A 1 92  ? -6.770  3.877   5.244   1.00 15.41 ? 216 THR A OG1 1 
ATOM   793  C CG2 . THR A 1 92  ? -5.510  4.621   7.170   1.00 14.27 ? 216 THR A CG2 1 
ATOM   794  N N   . GLN A 1 93  ? -3.187  6.395   5.171   1.00 12.65 ? 217 GLN A N   1 
ATOM   795  C CA  . GLN A 1 93  ? -1.989  7.083   5.634   1.00 13.32 ? 217 GLN A CA  1 
ATOM   796  C C   . GLN A 1 93  ? -2.089  8.592   5.367   1.00 13.93 ? 217 GLN A C   1 
ATOM   797  O O   . GLN A 1 93  ? -1.790  9.414   6.256   1.00 14.61 ? 217 GLN A O   1 
ATOM   798  C CB  . GLN A 1 93  ? -0.732  6.495   4.974   1.00 12.77 ? 217 GLN A CB  1 
ATOM   799  C CG  . GLN A 1 93  ? 0.573   7.042   5.564   1.00 13.93 ? 217 GLN A CG  1 
ATOM   800  C CD  . GLN A 1 93  ? 0.757   6.620   6.982   1.00 14.85 ? 217 GLN A CD  1 
ATOM   801  O OE1 . GLN A 1 93  ? 0.583   5.432   7.328   1.00 13.72 ? 217 GLN A OE1 1 
ATOM   802  N NE2 . GLN A 1 93  ? 1.133   7.578   7.841   1.00 15.35 ? 217 GLN A NE2 1 
ATOM   803  N N   . TYR A 1 94  ? -2.510  8.953   4.158   1.00 13.93 ? 218 TYR A N   1 
ATOM   804  C CA  . TYR A 1 94  ? -2.676  10.363  3.817   1.00 14.17 ? 218 TYR A CA  1 
ATOM   805  C C   . TYR A 1 94  ? -3.672  11.028  4.763   1.00 14.85 ? 218 TYR A C   1 
ATOM   806  O O   . TYR A 1 94  ? -3.422  12.121  5.292   1.00 16.06 ? 218 TYR A O   1 
ATOM   807  C CB  . TYR A 1 94  ? -3.141  10.523  2.365   1.00 13.68 ? 218 TYR A CB  1 
ATOM   808  C CG  . TYR A 1 94  ? -3.162  11.979  1.913   1.00 12.79 ? 218 TYR A CG  1 
ATOM   809  C CD1 . TYR A 1 94  ? -1.998  12.612  1.497   1.00 13.31 ? 218 TYR A CD1 1 
ATOM   810  C CD2 . TYR A 1 94  ? -4.340  12.721  1.942   1.00 14.82 ? 218 TYR A CD2 1 
ATOM   811  C CE1 . TYR A 1 94  ? -1.997  13.942  1.099   1.00 15.07 ? 218 TYR A CE1 1 
ATOM   812  C CE2 . TYR A 1 94  ? -4.356  14.068  1.535   1.00 14.85 ? 218 TYR A CE2 1 
ATOM   813  C CZ  . TYR A 1 94  ? -3.177  14.661  1.114   1.00 15.55 ? 218 TYR A CZ  1 
ATOM   814  O OH  . TYR A 1 94  ? -3.171  15.994  0.738   1.00 15.64 ? 218 TYR A OH  1 
ATOM   815  N N   . GLU A 1 95  ? -4.797  10.358  4.982   1.00 14.67 ? 219 GLU A N   1 
ATOM   816  C CA  . GLU A 1 95  ? -5.851  10.929  5.792   1.00 15.79 ? 219 GLU A CA  1 
ATOM   817  C C   . GLU A 1 95  ? -5.397  11.079  7.229   1.00 16.09 ? 219 GLU A C   1 
ATOM   818  O O   . GLU A 1 95  ? -5.756  12.059  7.898   1.00 16.58 ? 219 GLU A O   1 
ATOM   819  C CB  . GLU A 1 95  ? -7.119  10.083  5.685   1.00 15.96 ? 219 GLU A CB  1 
ATOM   820  C CG  . GLU A 1 95  ? -7.827  10.313  4.371   1.00 18.14 ? 219 GLU A CG  1 
ATOM   821  C CD  . GLU A 1 95  ? -9.050  9.458   4.236   1.00 27.89 ? 219 GLU A CD  1 
ATOM   822  O OE1 . GLU A 1 95  ? -9.191  8.522   5.069   1.00 31.45 ? 219 GLU A OE1 1 
ATOM   823  O OE2 . GLU A 1 95  ? -9.849  9.693   3.292   1.00 29.69 ? 219 GLU A OE2 1 
ATOM   824  N N   . ARG A 1 96  ? -4.579  10.145  7.703   1.00 16.76 ? 220 ARG A N   1 
ATOM   825  C CA  . ARG A 1 96  ? -3.981  10.292  9.027   1.00 17.71 ? 220 ARG A CA  1 
ATOM   826  C C   . ARG A 1 96  ? -2.970  11.449  9.107   1.00 17.79 ? 220 ARG A C   1 
ATOM   827  O O   . ARG A 1 96  ? -2.988  12.226  10.090  1.00 18.47 ? 220 ARG A O   1 
ATOM   828  C CB  . ARG A 1 96  ? -3.381  8.972   9.498   1.00 17.07 ? 220 ARG A CB  1 
ATOM   829  C CG  . ARG A 1 96  ? -4.473  7.943   9.818   1.00 17.93 ? 220 ARG A CG  1 
ATOM   830  C CD  . ARG A 1 96  ? -3.871  6.659   10.322  1.00 19.40 ? 220 ARG A CD  1 
ATOM   831  N NE  . ARG A 1 96  ? -4.900  5.658   10.590  1.00 19.13 ? 220 ARG A NE  1 
ATOM   832  C CZ  . ARG A 1 96  ? -4.642  4.365   10.678  1.00 21.28 ? 220 ARG A CZ  1 
ATOM   833  N NH1 . ARG A 1 96  ? -3.393  3.932   10.545  1.00 20.89 ? 220 ARG A NH1 1 
ATOM   834  N NH2 . ARG A 1 96  ? -5.627  3.508   10.922  1.00 21.61 ? 220 ARG A NH2 1 
ATOM   835  N N   . GLU A 1 97  ? -2.118  11.578  8.094   1.00 17.69 ? 221 GLU A N   1 
ATOM   836  C CA  . GLU A 1 97  ? -1.240  12.754  7.956   1.00 18.09 ? 221 GLU A CA  1 
ATOM   837  C C   . GLU A 1 97  ? -2.039  14.080  7.950   1.00 18.26 ? 221 GLU A C   1 
ATOM   838  O O   . GLU A 1 97  ? -1.669  15.049  8.627   1.00 17.65 ? 221 GLU A O   1 
ATOM   839  C CB  . GLU A 1 97  ? -0.419  12.686  6.665   1.00 18.69 ? 221 GLU A CB  1 
ATOM   840  C CG  . GLU A 1 97  ? 0.620   11.562  6.584   1.00 19.13 ? 221 GLU A CG  1 
ATOM   841  C CD  . GLU A 1 97  ? 1.648   11.651  7.681   1.00 23.84 ? 221 GLU A CD  1 
ATOM   842  O OE1 . GLU A 1 97  ? 2.449   12.616  7.677   1.00 23.59 ? 221 GLU A OE1 1 
ATOM   843  O OE2 . GLU A 1 97  ? 1.656   10.738  8.535   1.00 24.58 ? 221 GLU A OE2 1 
ATOM   844  N N   . SER A 1 98  ? -3.119  14.116  7.177   1.00 18.50 ? 222 SER A N   1 
ATOM   845  C CA  . SER A 1 98  ? -3.940  15.317  7.091   1.00 19.83 ? 222 SER A CA  1 
ATOM   846  C C   . SER A 1 98  ? -4.567  15.629  8.447   1.00 21.37 ? 222 SER A C   1 
ATOM   847  O O   . SER A 1 98  ? -4.504  16.771  8.923   1.00 21.71 ? 222 SER A O   1 
ATOM   848  C CB  . SER A 1 98  ? -5.019  15.158  6.020   1.00 19.69 ? 222 SER A CB  1 
ATOM   849  O OG  . SER A 1 98  ? -5.782  16.358  5.908   1.00 19.95 ? 222 SER A OG  1 
ATOM   850  N N   . GLN A 1 99  ? -5.146  14.617  9.081   1.00 22.20 ? 223 GLN A N   1 
ATOM   851  C CA  . GLN A 1 99  ? -5.770  14.816  10.394  1.00 24.36 ? 223 GLN A CA  1 
ATOM   852  C C   . GLN A 1 99  ? -4.795  15.388  11.399  1.00 24.42 ? 223 GLN A C   1 
ATOM   853  O O   . GLN A 1 99  ? -5.151  16.325  12.123  1.00 26.09 ? 223 GLN A O   1 
ATOM   854  C CB  . GLN A 1 99  ? -6.423  13.528  10.894  1.00 24.71 ? 223 GLN A CB  1 
ATOM   855  C CG  . GLN A 1 99  ? -7.771  13.288  10.201  1.00 28.44 ? 223 GLN A CG  1 
ATOM   856  C CD  . GLN A 1 99  ? -8.278  11.843  10.274  1.00 33.79 ? 223 GLN A CD  1 
ATOM   857  O OE1 . GLN A 1 99  ? -9.308  11.512  9.677   1.00 36.39 ? 223 GLN A OE1 1 
ATOM   858  N NE2 . GLN A 1 99  ? -7.551  10.979  10.996  1.00 36.34 ? 223 GLN A NE2 1 
ATOM   859  N N   . ALA A 1 100 ? -3.576  14.869  11.419  1.00 24.12 ? 224 ALA A N   1 
ATOM   860  C CA  . ALA A 1 100 ? -2.521  15.350  12.315  1.00 24.93 ? 224 ALA A CA  1 
ATOM   861  C C   . ALA A 1 100 ? -2.137  16.790  11.986  1.00 24.85 ? 224 ALA A C   1 
ATOM   862  O O   . ALA A 1 100 ? -1.934  17.615  12.882  1.00 25.55 ? 224 ALA A O   1 
ATOM   863  C CB  . ALA A 1 100 ? -1.284  14.451  12.223  1.00 24.79 ? 224 ALA A CB  1 
ATOM   864  N N   . TYR A 1 101 ? -2.050  17.090  10.696  1.00 23.79 ? 225 TYR A N   1 
ATOM   865  C CA  . TYR A 1 101 ? -1.574  18.398  10.232  1.00 23.28 ? 225 TYR A CA  1 
ATOM   866  C C   . TYR A 1 101 ? -2.553  19.503  10.624  1.00 23.22 ? 225 TYR A C   1 
ATOM   867  O O   . TYR A 1 101 ? -2.154  20.632  10.936  1.00 22.97 ? 225 TYR A O   1 
ATOM   868  C CB  . TYR A 1 101 ? -1.363  18.396  8.699   1.00 22.98 ? 225 TYR A CB  1 
ATOM   869  C CG  . TYR A 1 101 ? -0.925  19.750  8.184   1.00 22.06 ? 225 TYR A CG  1 
ATOM   870  C CD1 . TYR A 1 101 ? 0.343   20.249  8.476   1.00 22.05 ? 225 TYR A CD1 1 
ATOM   871  C CD2 . TYR A 1 101 ? -1.793  20.550  7.445   1.00 19.14 ? 225 TYR A CD2 1 
ATOM   872  C CE1 . TYR A 1 101 ? 0.746   21.519  8.037   1.00 21.69 ? 225 TYR A CE1 1 
ATOM   873  C CE2 . TYR A 1 101 ? -1.397  21.805  6.991   1.00 20.47 ? 225 TYR A CE2 1 
ATOM   874  C CZ  . TYR A 1 101 ? -0.132  22.281  7.294   1.00 21.03 ? 225 TYR A CZ  1 
ATOM   875  O OH  . TYR A 1 101 ? 0.254   23.530  6.857   1.00 23.21 ? 225 TYR A OH  1 
ATOM   876  N N   . TYR A 1 102 ? -3.834  19.182  10.600  1.00 23.30 ? 226 TYR A N   1 
ATOM   877  C CA  . TYR A 1 102 ? -4.857  20.185  10.858  1.00 24.77 ? 226 TYR A CA  1 
ATOM   878  C C   . TYR A 1 102 ? -5.331  20.163  12.307  1.00 27.25 ? 226 TYR A C   1 
ATOM   879  O O   . TYR A 1 102 ? -6.114  21.010  12.719  1.00 27.82 ? 226 TYR A O   1 
ATOM   880  C CB  . TYR A 1 102 ? -6.047  20.009  9.913   1.00 23.32 ? 226 TYR A CB  1 
ATOM   881  C CG  . TYR A 1 102 ? -5.745  20.377  8.465   1.00 20.31 ? 226 TYR A CG  1 
ATOM   882  C CD1 . TYR A 1 102 ? -5.820  19.425  7.452   1.00 16.44 ? 226 TYR A CD1 1 
ATOM   883  C CD2 . TYR A 1 102 ? -5.345  21.675  8.127   1.00 18.78 ? 226 TYR A CD2 1 
ATOM   884  C CE1 . TYR A 1 102 ? -5.554  19.753  6.134   1.00 12.63 ? 226 TYR A CE1 1 
ATOM   885  C CE2 . TYR A 1 102 ? -5.054  22.018  6.811   1.00 16.73 ? 226 TYR A CE2 1 
ATOM   886  C CZ  . TYR A 1 102 ? -5.172  21.063  5.818   1.00 13.43 ? 226 TYR A CZ  1 
ATOM   887  O OH  . TYR A 1 102 ? -4.887  21.403  4.510   1.00 14.86 ? 226 TYR A OH  1 
ATOM   888  N N   . GLN A 1 103 ? -4.856  19.197  13.080  1.00 29.93 ? 227 GLN A N   1 
ATOM   889  C CA  . GLN A 1 103 ? -5.401  19.006  14.431  1.00 32.79 ? 227 GLN A CA  1 
ATOM   890  C C   . GLN A 1 103 ? -4.615  19.796  15.444  1.00 33.50 ? 227 GLN A C   1 
ATOM   891  O O   . GLN A 1 103 ? -3.396  19.986  15.314  1.00 34.30 ? 227 GLN A O   1 
ATOM   892  C CB  . GLN A 1 103 ? -5.418  17.526  14.827  1.00 33.34 ? 227 GLN A CB  1 
ATOM   893  C CG  . GLN A 1 103 ? -4.153  17.023  15.561  1.00 36.27 ? 227 GLN A CG  1 
ATOM   894  C CD  . GLN A 1 103 ? -4.247  15.533  15.921  1.00 40.80 ? 227 GLN A CD  1 
ATOM   895  O OE1 . GLN A 1 103 ? -5.213  14.854  15.540  1.00 43.31 ? 227 GLN A OE1 1 
ATOM   896  N NE2 . GLN A 1 103 ? -3.242  15.016  16.646  1.00 41.05 ? 227 GLN A NE2 1 
ATOM   897  O OXT . GLN A 1 103 ? -5.207  20.263  16.424  1.00 34.69 ? 227 GLN A OXT 1 
HETATM 898  O O   . HOH B 2 .   ? -6.815  1.392   5.092   1.00 26.62 ? 300 HOH A O   1 
HETATM 899  O O   . HOH B 2 .   ? 5.342   -4.340  9.009   1.00 46.65 ? 301 HOH A O   1 
HETATM 900  O O   . HOH B 2 .   ? -3.601  -18.687 9.370   1.00 34.99 ? 302 HOH A O   1 
HETATM 901  O O   . HOH B 2 .   ? -4.066  -14.557 4.164   1.00 18.12 ? 303 HOH A O   1 
HETATM 902  O O   . HOH B 2 .   ? 1.610   2.519   7.123   1.00 14.07 ? 304 HOH A O   1 
HETATM 903  O O   . HOH B 2 .   ? -8.353  0.206   -3.509  1.00 18.15 ? 305 HOH A O   1 
HETATM 904  O O   . HOH B 2 .   ? 6.579   18.136  -3.137  1.00 35.79 ? 306 HOH A O   1 
HETATM 905  O O   . HOH B 2 .   ? 9.949   13.356  1.876   1.00 15.14 ? 307 HOH A O   1 
HETATM 906  O O   . HOH B 2 .   ? -6.015  -3.700  -8.671  1.00 19.96 ? 308 HOH A O   1 
HETATM 907  O O   . HOH B 2 .   ? -11.590 -11.535 0.781   1.00 16.58 ? 309 HOH A O   1 
HETATM 908  O O   . HOH B 2 .   ? 4.067   9.471   -0.872  1.00 13.48 ? 310 HOH A O   1 
HETATM 909  O O   . HOH B 2 .   ? -2.362  23.285  10.143  1.00 24.17 ? 311 HOH A O   1 
HETATM 910  O O   . HOH B 2 .   ? -1.919  1.159   -8.983  1.00 31.02 ? 312 HOH A O   1 
HETATM 911  O O   . HOH B 2 .   ? -0.986  16.988  -0.141  1.00 22.93 ? 313 HOH A O   1 
HETATM 912  O O   . HOH B 2 .   ? -7.354  -18.922 -3.978  1.00 29.28 ? 314 HOH A O   1 
HETATM 913  O O   . HOH B 2 .   ? 7.113   -2.352  1.332   1.00 13.70 ? 315 HOH A O   1 
HETATM 914  O O   . HOH B 2 .   ? -1.450  -14.078 -12.299 1.00 26.08 ? 316 HOH A O   1 
HETATM 915  O O   . HOH B 2 .   ? 5.123   -14.262 -0.970  1.00 23.32 ? 317 HOH A O   1 
HETATM 916  O O   . HOH B 2 .   ? -6.577  -6.800  3.909   1.00 14.48 ? 318 HOH A O   1 
HETATM 917  O O   . HOH B 2 .   ? 1.478   -11.840 7.391   1.00 38.71 ? 319 HOH A O   1 
HETATM 918  O O   . HOH B 2 .   ? 10.950  15.305  5.000   1.00 37.60 ? 320 HOH A O   1 
HETATM 919  O O   . HOH B 2 .   ? 0.159   -7.260  -12.293 1.00 23.91 ? 321 HOH A O   1 
HETATM 920  O O   . HOH B 2 .   ? 13.982  7.306   0.659   1.00 26.03 ? 322 HOH A O   1 
HETATM 921  O O   . HOH B 2 .   ? -9.851  -18.352 -5.454  1.00 30.99 ? 323 HOH A O   1 
HETATM 922  O O   . HOH B 2 .   ? -4.031  -14.780 6.833   1.00 20.99 ? 324 HOH A O   1 
HETATM 923  O O   . HOH B 2 .   ? -1.377  -5.157  1.916   1.00 32.16 ? 325 HOH A O   1 
HETATM 924  O O   . HOH B 2 .   ? 6.264   -13.124 -10.819 1.00 33.22 ? 326 HOH A O   1 
HETATM 925  O O   . HOH B 2 .   ? -16.516 -8.395  -2.825  1.00 29.49 ? 327 HOH A O   1 
HETATM 926  O O   . HOH B 2 .   ? 14.189  5.896   5.666   1.00 48.46 ? 328 HOH A O   1 
HETATM 927  O O   . HOH B 2 .   ? 5.779   12.069  8.457   1.00 29.42 ? 329 HOH A O   1 
HETATM 928  O O   . HOH B 2 .   ? 11.886  1.065   -4.390  1.00 52.33 ? 330 HOH A O   1 
HETATM 929  O O   . HOH B 2 .   ? 5.218   -12.071 0.790   1.00 26.71 ? 331 HOH A O   1 
HETATM 930  O O   . HOH B 2 .   ? -1.460  -15.852 -8.578  1.00 29.00 ? 332 HOH A O   1 
HETATM 931  O O   . HOH B 2 .   ? 1.739   15.827  8.222   1.00 39.55 ? 333 HOH A O   1 
HETATM 932  O O   . HOH B 2 .   ? -9.202  10.694  0.784   1.00 36.17 ? 334 HOH A O   1 
HETATM 933  O O   . HOH B 2 .   ? -11.332 -19.418 1.502   1.00 40.81 ? 335 HOH A O   1 
HETATM 934  O O   . HOH B 2 .   ? -2.011  -16.357 8.333   1.00 30.31 ? 336 HOH A O   1 
HETATM 935  O O   . HOH B 2 .   ? -1.589  -4.487  -12.433 1.00 41.03 ? 337 HOH A O   1 
HETATM 936  O O   . HOH B 2 .   ? -10.448 -0.852  -2.012  1.00 30.06 ? 338 HOH A O   1 
HETATM 937  O O   . HOH B 2 .   ? -3.524  -11.706 7.376   1.00 37.78 ? 339 HOH A O   1 
HETATM 938  O O   . HOH B 2 .   ? 8.886   -11.075 -4.260  1.00 44.27 ? 340 HOH A O   1 
HETATM 939  O O   . HOH B 2 .   ? 3.887   -9.768  4.180   1.00 28.64 ? 341 HOH A O   1 
HETATM 940  O O   . HOH B 2 .   ? 6.398   13.458  -6.106  1.00 33.02 ? 342 HOH A O   1 
HETATM 941  O O   . HOH B 2 .   ? 5.205   15.062  7.442   1.00 42.36 ? 343 HOH A O   1 
HETATM 942  O O   . HOH B 2 .   ? 7.460   -2.745  5.673   1.00 51.97 ? 344 HOH A O   1 
HETATM 943  O O   . HOH B 2 .   ? 0.224   2.963   -8.654  1.00 33.24 ? 345 HOH A O   1 
HETATM 944  O O   . HOH B 2 .   ? 5.933   -2.300  3.817   1.00 20.03 ? 346 HOH A O   1 
HETATM 945  O O   . HOH B 2 .   ? 8.022   -6.232  3.679   1.00 45.17 ? 347 HOH A O   1 
HETATM 946  O O   . HOH B 2 .   ? -7.934  16.340  7.373   1.00 26.55 ? 348 HOH A O   1 
HETATM 947  O O   . HOH B 2 .   ? -15.740 -15.528 -1.996  1.00 53.48 ? 349 HOH A O   1 
HETATM 948  O O   . HOH B 2 .   ? -5.392  -19.008 -8.741  1.00 54.34 ? 350 HOH A O   1 
HETATM 949  O O   . HOH B 2 .   ? 0.150   21.744  11.571  1.00 42.39 ? 351 HOH A O   1 
HETATM 950  O O   . HOH B 2 .   ? 3.590   11.874  10.638  1.00 41.61 ? 352 HOH A O   1 
HETATM 951  O O   . HOH B 2 .   ? -7.448  5.752   10.815  1.00 34.18 ? 353 HOH A O   1 
HETATM 952  O O   . HOH B 2 .   ? 4.472   -4.711  5.452   1.00 24.40 ? 354 HOH A O   1 
HETATM 953  O O   . HOH B 2 .   ? 13.031  -17.655 2.939   1.00 35.73 ? 355 HOH A O   1 
HETATM 954  O O   . HOH B 2 .   ? -10.817 5.585   0.205   1.00 29.74 ? 356 HOH A O   1 
HETATM 955  O O   . HOH B 2 .   ? -9.230  17.062  9.656   1.00 43.15 ? 357 HOH A O   1 
HETATM 956  O O   . HOH B 2 .   ? 15.363  7.912   -1.476  1.00 47.70 ? 358 HOH A O   1 
HETATM 957  O O   . HOH B 2 .   ? 7.588   6.219   -6.269  1.00 33.43 ? 359 HOH A O   1 
HETATM 958  O O   . HOH B 2 .   ? 13.089  -3.562  0.292   1.00 25.22 ? 360 HOH A O   1 
HETATM 959  O O   . HOH B 2 .   ? -7.561  0.867   -6.054  1.00 28.38 ? 361 HOH A O   1 
HETATM 960  O O   . HOH B 2 .   ? 2.375   -13.492 -13.491 1.00 38.56 ? 362 HOH A O   1 
HETATM 961  O O   . HOH B 2 .   ? 12.878  -19.138 -5.743  1.00 42.09 ? 363 HOH A O   1 
HETATM 962  O O   . HOH B 2 .   ? -6.134  7.540   -5.142  1.00 45.53 ? 364 HOH A O   1 
HETATM 963  O O   . HOH B 2 .   ? 7.794   -10.921 -7.636  1.00 35.19 ? 365 HOH A O   1 
HETATM 964  O O   . HOH B 2 .   ? -9.095  -4.655  10.050  1.00 37.55 ? 366 HOH A O   1 
HETATM 965  O O   . HOH B 2 .   ? -13.772 -8.690  -11.721 1.00 47.99 ? 367 HOH A O   1 
HETATM 966  O O   . HOH B 2 .   ? 4.977   -18.076 0.435   1.00 23.14 ? 368 HOH A O   1 
HETATM 967  O O   . HOH B 2 .   ? 7.685   0.118   -13.346 1.00 32.89 ? 369 HOH A O   1 
HETATM 968  O O   . HOH B 2 .   ? 4.952   -9.397  -10.291 1.00 25.05 ? 370 HOH A O   1 
HETATM 969  O O   . HOH B 2 .   ? 6.247   20.773  6.785   1.00 28.47 ? 371 HOH A O   1 
HETATM 970  O O   . HOH B 2 .   ? 5.998   17.397  4.780   1.00 27.78 ? 372 HOH A O   1 
HETATM 971  O O   . HOH B 2 .   ? 0.087   10.120  10.493  1.00 38.03 ? 373 HOH A O   1 
HETATM 972  O O   . HOH B 2 .   ? 6.624   -20.045 -1.617  1.00 24.13 ? 374 HOH A O   1 
HETATM 973  O O   . HOH B 2 .   ? -6.003  3.724   -8.932  1.00 52.45 ? 375 HOH A O   1 
HETATM 974  O O   . HOH B 2 .   ? -1.737  1.943   12.896  1.00 34.78 ? 376 HOH A O   1 
HETATM 975  O O   . HOH B 2 .   ? -0.187  20.309  -1.024  1.00 33.12 ? 377 HOH A O   1 
HETATM 976  O O   . HOH B 2 .   ? 5.756   24.647  5.220   1.00 35.50 ? 378 HOH A O   1 
HETATM 977  O O   . HOH B 2 .   ? -17.528 -12.571 -2.447  1.00 53.77 ? 379 HOH A O   1 
HETATM 978  O O   . HOH B 2 .   ? 3.189   -15.062 5.692   1.00 36.06 ? 380 HOH A O   1 
HETATM 979  O O   . HOH B 2 .   ? -8.295  -5.250  -8.754  1.00 35.26 ? 381 HOH A O   1 
HETATM 980  O O   . HOH B 2 .   ? -18.159 -5.693  3.943   1.00 21.38 ? 382 HOH A O   1 
HETATM 981  O O   . HOH B 2 .   ? -13.644 -2.495  -0.985  1.00 27.86 ? 383 HOH A O   1 
HETATM 982  O O   . HOH B 2 .   ? 12.343  -15.183 -6.606  1.00 42.63 ? 384 HOH A O   1 
HETATM 983  O O   . HOH B 2 .   ? 12.781  -8.119  -6.522  1.00 17.75 ? 385 HOH A O   1 
HETATM 984  O O   . HOH B 2 .   ? -0.518  12.190  -10.302 1.00 38.53 ? 386 HOH A O   1 
HETATM 985  O O   . HOH B 2 .   ? 2.940   0.731   13.909  1.00 24.28 ? 387 HOH A O   1 
HETATM 986  O O   . HOH B 2 .   ? 14.478  -15.267 -4.888  1.00 26.09 ? 388 HOH A O   1 
HETATM 987  O O   . HOH B 2 .   ? -8.396  13.653  7.123   1.00 42.21 ? 389 HOH A O   1 
HETATM 988  O O   . HOH B 2 .   ? 2.113   10.077  -9.618  1.00 47.95 ? 390 HOH A O   1 
HETATM 989  O O   . HOH B 2 .   ? -3.408  1.237   -6.910  1.00 37.14 ? 391 HOH A O   1 
HETATM 990  O O   . HOH B 2 .   ? 9.548   -18.214 -6.174  1.00 39.83 ? 392 HOH A O   1 
HETATM 991  O O   . HOH B 2 .   ? -4.985  0.442   11.038  1.00 33.03 ? 393 HOH A O   1 
HETATM 992  O O   . HOH B 2 .   ? 3.773   -17.303 2.611   1.00 23.70 ? 394 HOH A O   1 
HETATM 993  O O   . HOH B 2 .   ? -10.439 -4.375  -8.058  1.00 35.10 ? 395 HOH A O   1 
HETATM 994  O O   . HOH B 2 .   ? -12.301 -9.482  -0.775  1.00 24.12 ? 396 HOH A O   1 
HETATM 995  O O   . HOH B 2 .   ? -7.883  -14.724 5.771   1.00 31.34 ? 397 HOH A O   1 
HETATM 996  O O   . HOH B 2 .   ? 13.976  8.917   4.254   1.00 35.59 ? 398 HOH A O   1 
HETATM 997  O O   . HOH B 2 .   ? -6.248  0.207   6.907   1.00 42.16 ? 399 HOH A O   1 
HETATM 998  O O   . HOH B 2 .   ? -12.032 -6.628  -8.691  1.00 28.71 ? 400 HOH A O   1 
HETATM 999  O O   . HOH B 2 .   ? 4.528   -12.348 4.847   1.00 47.18 ? 401 HOH A O   1 
HETATM 1000 O O   . HOH B 2 .   ? 9.536   -3.691  2.121   1.00 21.79 ? 402 HOH A O   1 
HETATM 1001 O O   . HOH B 2 .   ? 4.949   11.439  -8.594  1.00 30.54 ? 403 HOH A O   1 
HETATM 1002 O O   . HOH B 2 .   ? -2.866  -13.050 -14.661 1.00 39.93 ? 404 HOH A O   1 
# 
